data_5JMV
#
_entry.id   5JMV
#
_cell.length_a   121.913
_cell.length_b   121.913
_cell.length_c   310.613
_cell.angle_alpha   90.0
_cell.angle_beta   90.0
_cell.angle_gamma   90.0
#
_symmetry.space_group_name_H-M   'P 43 21 2'
#
loop_
_entity.id
_entity.type
_entity.pdbx_description
1 polymer 'Probable bifunctional tRNA threonylcarbamoyladenosine biosynthesis protein'
2 polymer 'Uncharacterized protein'
3 non-polymer 'ADENOSINE MONOPHOSPHATE'
4 non-polymer 'MAGNESIUM ION'
#
loop_
_entity_poly.entity_id
_entity_poly.type
_entity_poly.pdbx_seq_one_letter_code
_entity_poly.pdbx_strand_id
1 'polypeptide(L)'
;GAMDPMICLGLEGTAEKTGVGIVTSDGEVLFNKTIMYKPPKQGINPREAADHHAETFPKLIKEAFEVVDKNEIDLIAFSQ
GPGLGPSLRVTATVARTLSLTLKKPIIGVNHCIAHIEIGKLTTEAEDPLTLYVSGGNTQVIAYVSKKYRVFGETLDIAVG
NCLDQFARYVNLPHPGGPYIEELARKGKKLVDLPYTVKGMDIAFSGLLTAAMRAYDAGERLEDICYSLQEYAFSMLTEIT
ERALAHTNKGEVMLVGGVAANNRLREMLKAMCEGQNVDFYVPPKEFCGDNGAMIAWLGLLMHKNGRWMSLDETKIIPNYR
TDMVEVNWIKEIKGKKRKIPVEVNWIKK
;
A,B,C
2 'polypeptide(L)'
;GAMDPMKAKRVQAKIEIEFPSEDVAKVVYEAVLYEHLSVPYRRSEIDFKLEGKKIILDIKATDSSALRGTVNSYLRWIKA
AIDVIEV
;
D,E,F,G,H
#
loop_
_chem_comp.id
_chem_comp.type
_chem_comp.name
_chem_comp.formula
AMP non-polymer 'ADENOSINE MONOPHOSPHATE' 'C10 H14 N5 O7 P'
MG non-polymer 'MAGNESIUM ION' 'Mg 2'
#
# COMPACT_ATOMS: atom_id res chain seq x y z
N MET A 3 -1.31 -28.73 16.40
CA MET A 3 -0.86 -30.11 16.32
C MET A 3 -1.82 -30.95 15.47
N ASP A 4 -3.06 -30.47 15.35
CA ASP A 4 -4.07 -31.13 14.53
C ASP A 4 -3.81 -30.82 13.06
N PRO A 5 -4.22 -31.72 12.16
CA PRO A 5 -3.99 -31.46 10.74
C PRO A 5 -5.00 -30.45 10.18
N MET A 6 -4.57 -29.68 9.19
CA MET A 6 -5.42 -28.66 8.59
C MET A 6 -6.36 -29.29 7.57
N ILE A 7 -7.62 -28.90 7.61
CA ILE A 7 -8.64 -29.49 6.74
C ILE A 7 -9.11 -28.52 5.67
N CYS A 8 -9.08 -28.97 4.42
CA CYS A 8 -9.46 -28.13 3.29
C CYS A 8 -10.72 -28.63 2.59
N LEU A 9 -11.53 -27.69 2.11
CA LEU A 9 -12.73 -28.03 1.34
C LEU A 9 -12.51 -27.71 -0.14
N GLY A 10 -12.59 -28.74 -0.98
CA GLY A 10 -12.33 -28.57 -2.40
C GLY A 10 -13.59 -28.50 -3.25
N LEU A 11 -13.58 -27.63 -4.25
CA LEU A 11 -14.71 -27.45 -5.14
C LEU A 11 -14.34 -27.66 -6.60
N GLU A 12 -14.89 -28.69 -7.23
CA GLU A 12 -14.62 -28.98 -8.64
C GLU A 12 -15.84 -28.66 -9.52
N GLY A 13 -15.69 -27.68 -10.41
CA GLY A 13 -16.78 -27.27 -11.28
C GLY A 13 -16.37 -26.71 -12.64
N THR A 14 -15.38 -27.30 -13.28
CA THR A 14 -14.96 -26.84 -14.60
C THR A 14 -15.73 -27.45 -15.78
N ALA A 15 -16.03 -28.73 -15.68
CA ALA A 15 -16.71 -29.43 -16.78
C ALA A 15 -18.16 -29.76 -16.44
N GLU A 16 -18.57 -30.96 -16.82
CA GLU A 16 -19.96 -31.39 -16.65
C GLU A 16 -20.15 -31.90 -15.23
N LYS A 17 -19.05 -32.28 -14.60
CA LYS A 17 -19.08 -32.92 -13.30
C LYS A 17 -18.93 -31.91 -12.16
N THR A 18 -19.90 -31.90 -11.26
CA THR A 18 -19.82 -31.09 -10.05
C THR A 18 -19.26 -31.93 -8.92
N GLY A 19 -18.25 -31.42 -8.23
CA GLY A 19 -17.60 -32.20 -7.19
C GLY A 19 -17.21 -31.43 -5.95
N VAL A 20 -17.38 -32.08 -4.80
CA VAL A 20 -17.00 -31.50 -3.51
C VAL A 20 -16.14 -32.48 -2.73
N GLY A 21 -14.99 -32.02 -2.26
CA GLY A 21 -14.08 -32.89 -1.53
C GLY A 21 -13.55 -32.28 -0.25
N ILE A 22 -13.23 -33.13 0.72
CA ILE A 22 -12.67 -32.71 1.99
C ILE A 22 -11.48 -33.57 2.37
N VAL A 23 -10.28 -33.00 2.37
CA VAL A 23 -9.08 -33.73 2.77
C VAL A 23 -8.32 -33.01 3.86
N THR A 24 -7.48 -33.75 4.59
CA THR A 24 -6.66 -33.19 5.65
C THR A 24 -5.24 -32.90 5.15
N SER A 25 -4.40 -32.36 6.03
CA SER A 25 -3.00 -32.12 5.70
C SER A 25 -2.30 -33.41 5.33
N ASP A 26 -2.73 -34.50 5.96
CA ASP A 26 -2.22 -35.83 5.64
C ASP A 26 -2.97 -36.39 4.44
N GLY A 27 -2.67 -37.62 4.07
CA GLY A 27 -3.26 -38.21 2.88
C GLY A 27 -4.72 -38.62 3.00
N GLU A 28 -5.30 -38.43 4.19
CA GLU A 28 -6.65 -38.89 4.44
C GLU A 28 -7.71 -38.04 3.75
N VAL A 29 -8.63 -38.70 3.04
CA VAL A 29 -9.73 -38.03 2.37
C VAL A 29 -11.00 -38.25 3.19
N LEU A 30 -11.49 -37.19 3.82
CA LEU A 30 -12.62 -37.28 4.73
C LEU A 30 -13.94 -37.36 3.98
N PHE A 31 -14.03 -36.68 2.84
CA PHE A 31 -15.26 -36.65 2.06
C PHE A 31 -14.95 -36.41 0.59
N ASN A 32 -15.69 -37.09 -0.28
CA ASN A 32 -15.54 -36.94 -1.72
C ASN A 32 -16.76 -37.46 -2.46
N LYS A 33 -17.46 -36.57 -3.16
CA LYS A 33 -18.62 -36.95 -3.94
C LYS A 33 -18.78 -36.08 -5.18
N THR A 34 -19.05 -36.71 -6.32
CA THR A 34 -19.20 -35.99 -7.58
C THR A 34 -20.48 -36.38 -8.29
N ILE A 35 -21.18 -35.39 -8.85
CA ILE A 35 -22.42 -35.64 -9.57
C ILE A 35 -22.28 -35.22 -11.03
N MET A 36 -22.75 -36.07 -11.95
CA MET A 36 -22.64 -35.81 -13.38
C MET A 36 -23.90 -35.11 -13.90
N TYR A 37 -23.87 -34.75 -15.18
CA TYR A 37 -24.97 -34.03 -15.81
C TYR A 37 -25.36 -34.70 -17.12
N LYS A 38 -26.56 -35.27 -17.17
CA LYS A 38 -27.02 -36.04 -18.32
C LYS A 38 -27.83 -35.21 -19.30
N PRO A 39 -27.28 -34.97 -20.51
CA PRO A 39 -27.95 -34.19 -21.55
C PRO A 39 -29.10 -34.97 -22.21
N ASN A 45 -24.02 -28.17 -23.61
CA ASN A 45 -24.36 -26.75 -23.52
C ASN A 45 -23.75 -26.13 -22.27
N PRO A 46 -22.86 -25.14 -22.44
CA PRO A 46 -22.17 -24.44 -21.35
C PRO A 46 -23.11 -23.67 -20.41
N ARG A 47 -24.17 -23.08 -20.94
CA ARG A 47 -25.11 -22.34 -20.10
C ARG A 47 -25.90 -23.27 -19.19
N GLU A 48 -26.28 -24.43 -19.71
CA GLU A 48 -27.05 -25.40 -18.94
C GLU A 48 -26.18 -26.11 -17.93
N ALA A 49 -24.93 -26.36 -18.30
CA ALA A 49 -23.97 -27.00 -17.41
C ALA A 49 -23.70 -26.12 -16.19
N ALA A 50 -23.59 -24.82 -16.42
CA ALA A 50 -23.37 -23.86 -15.34
C ALA A 50 -24.54 -23.84 -14.37
N ASP A 51 -25.75 -23.94 -14.92
CA ASP A 51 -26.96 -24.00 -14.10
C ASP A 51 -26.97 -25.26 -13.24
N HIS A 52 -26.42 -26.34 -13.79
CA HIS A 52 -26.32 -27.61 -13.07
C HIS A 52 -25.42 -27.48 -11.86
N HIS A 53 -24.30 -26.79 -12.03
CA HIS A 53 -23.37 -26.56 -10.93
C HIS A 53 -24.02 -25.73 -9.83
N ALA A 54 -24.79 -24.71 -10.23
CA ALA A 54 -25.45 -23.82 -9.29
C ALA A 54 -26.50 -24.55 -8.45
N GLU A 55 -27.03 -25.64 -8.99
CA GLU A 55 -28.04 -26.44 -8.29
C GLU A 55 -27.40 -27.54 -7.45
N THR A 56 -26.34 -28.14 -7.99
CA THR A 56 -25.71 -29.30 -7.36
C THR A 56 -24.80 -28.91 -6.19
N PHE A 57 -24.02 -27.86 -6.38
CA PHE A 57 -23.05 -27.40 -5.37
C PHE A 57 -23.67 -27.19 -3.98
N PRO A 58 -24.82 -26.50 -3.88
CA PRO A 58 -25.36 -26.34 -2.53
C PRO A 58 -25.75 -27.68 -1.91
N LYS A 59 -26.27 -28.60 -2.71
CA LYS A 59 -26.70 -29.90 -2.24
C LYS A 59 -25.54 -30.78 -1.76
N LEU A 60 -24.44 -30.76 -2.50
CA LEU A 60 -23.26 -31.56 -2.15
C LEU A 60 -22.61 -31.08 -0.86
N ILE A 61 -22.63 -29.76 -0.67
CA ILE A 61 -22.05 -29.14 0.52
C ILE A 61 -22.80 -29.54 1.81
N LYS A 62 -24.12 -29.69 1.72
CA LYS A 62 -24.90 -30.15 2.86
C LYS A 62 -24.40 -31.51 3.32
N GLU A 63 -24.19 -32.40 2.37
CA GLU A 63 -23.71 -33.75 2.66
C GLU A 63 -22.29 -33.70 3.20
N ALA A 64 -21.49 -32.75 2.70
CA ALA A 64 -20.12 -32.60 3.15
C ALA A 64 -20.05 -32.03 4.57
N PHE A 65 -20.98 -31.15 4.91
CA PHE A 65 -21.01 -30.53 6.23
C PHE A 65 -21.61 -31.45 7.29
N GLU A 66 -22.20 -32.57 6.85
CA GLU A 66 -22.73 -33.56 7.76
C GLU A 66 -21.64 -34.53 8.20
N VAL A 67 -20.66 -34.73 7.32
CA VAL A 67 -19.52 -35.59 7.64
C VAL A 67 -18.52 -34.82 8.50
N VAL A 68 -18.22 -33.60 8.09
CA VAL A 68 -17.32 -32.72 8.84
C VAL A 68 -18.02 -31.41 9.16
N ASP A 69 -18.02 -31.03 10.43
CA ASP A 69 -18.66 -29.78 10.84
C ASP A 69 -17.97 -28.59 10.17
N LYS A 70 -18.75 -27.60 9.78
CA LYS A 70 -18.25 -26.47 9.01
C LYS A 70 -17.18 -25.64 9.72
N ASN A 71 -17.18 -25.66 11.05
CA ASN A 71 -16.23 -24.87 11.83
C ASN A 71 -14.79 -25.38 11.76
N GLU A 72 -14.62 -26.67 11.52
CA GLU A 72 -13.28 -27.26 11.48
C GLU A 72 -12.67 -27.25 10.08
N ILE A 73 -13.34 -26.56 9.16
CA ILE A 73 -12.79 -26.37 7.82
C ILE A 73 -11.88 -25.15 7.86
N ASP A 74 -10.61 -25.35 7.54
CA ASP A 74 -9.61 -24.30 7.66
C ASP A 74 -9.29 -23.63 6.32
N LEU A 75 -9.50 -24.36 5.23
CA LEU A 75 -9.14 -23.84 3.91
C LEU A 75 -10.19 -24.20 2.87
N ILE A 76 -10.40 -23.29 1.91
CA ILE A 76 -11.34 -23.52 0.84
C ILE A 76 -10.66 -23.38 -0.52
N ALA A 77 -10.54 -24.50 -1.23
CA ALA A 77 -9.90 -24.52 -2.54
C ALA A 77 -10.93 -24.78 -3.63
N PHE A 78 -10.69 -24.21 -4.81
CA PHE A 78 -11.61 -24.39 -5.93
C PHE A 78 -10.84 -24.47 -7.24
N SER A 79 -11.39 -25.19 -8.20
CA SER A 79 -10.80 -25.26 -9.53
C SER A 79 -10.95 -23.91 -10.23
N GLN A 80 -9.84 -23.19 -10.34
CA GLN A 80 -9.86 -21.86 -10.93
C GLN A 80 -9.79 -21.92 -12.45
N GLY A 81 -9.41 -23.09 -12.97
CA GLY A 81 -9.27 -23.29 -14.40
C GLY A 81 -8.14 -24.25 -14.72
N PRO A 82 -7.96 -24.56 -16.01
CA PRO A 82 -8.76 -24.06 -17.14
C PRO A 82 -10.11 -24.76 -17.26
N GLY A 83 -11.03 -24.17 -18.02
CA GLY A 83 -12.33 -24.76 -18.22
C GLY A 83 -13.32 -23.81 -18.89
N LEU A 84 -14.60 -24.17 -18.84
CA LEU A 84 -15.66 -23.37 -19.41
C LEU A 84 -15.92 -22.10 -18.60
N GLY A 85 -16.18 -21.00 -19.29
CA GLY A 85 -16.43 -19.72 -18.66
C GLY A 85 -17.49 -19.73 -17.57
N PRO A 86 -18.77 -19.88 -17.95
CA PRO A 86 -19.88 -19.83 -17.02
C PRO A 86 -19.82 -20.89 -15.91
N SER A 87 -19.20 -22.03 -16.21
CA SER A 87 -19.06 -23.09 -15.22
C SER A 87 -18.06 -22.69 -14.13
N LEU A 88 -16.94 -22.11 -14.55
CA LEU A 88 -15.89 -21.68 -13.62
C LEU A 88 -16.35 -20.56 -12.70
N ARG A 89 -17.28 -19.75 -13.18
CA ARG A 89 -17.77 -18.61 -12.40
C ARG A 89 -18.63 -19.05 -11.23
N VAL A 90 -19.45 -20.08 -11.45
CA VAL A 90 -20.28 -20.63 -10.39
C VAL A 90 -19.39 -21.21 -9.29
N THR A 91 -18.40 -21.99 -9.70
CA THR A 91 -17.44 -22.59 -8.78
C THR A 91 -16.72 -21.52 -7.98
N ALA A 92 -16.22 -20.50 -8.67
CA ALA A 92 -15.49 -19.41 -8.05
C ALA A 92 -16.36 -18.66 -7.04
N THR A 93 -17.56 -18.30 -7.47
CA THR A 93 -18.50 -17.56 -6.62
C THR A 93 -18.86 -18.33 -5.36
N VAL A 94 -19.14 -19.63 -5.51
CA VAL A 94 -19.43 -20.49 -4.38
C VAL A 94 -18.24 -20.60 -3.45
N ALA A 95 -17.04 -20.68 -4.03
CA ALA A 95 -15.80 -20.81 -3.26
C ALA A 95 -15.58 -19.65 -2.30
N ARG A 96 -15.72 -18.42 -2.81
CA ARG A 96 -15.46 -17.25 -1.97
C ARG A 96 -16.68 -16.88 -1.14
N THR A 97 -17.85 -17.39 -1.51
CA THR A 97 -19.04 -17.23 -0.69
C THR A 97 -18.82 -17.95 0.63
N LEU A 98 -18.30 -19.17 0.55
CA LEU A 98 -17.92 -19.95 1.73
C LEU A 98 -16.78 -19.27 2.49
N SER A 99 -15.82 -18.75 1.74
CA SER A 99 -14.63 -18.12 2.31
C SER A 99 -14.99 -16.90 3.15
N LEU A 100 -15.99 -16.16 2.70
CA LEU A 100 -16.46 -14.97 3.42
C LEU A 100 -17.32 -15.34 4.62
N THR A 101 -18.07 -16.43 4.49
CA THR A 101 -18.96 -16.89 5.56
C THR A 101 -18.19 -17.51 6.71
N LEU A 102 -17.40 -18.54 6.40
CA LEU A 102 -16.64 -19.25 7.42
C LEU A 102 -15.43 -18.45 7.92
N LYS A 103 -15.16 -17.33 7.25
CA LYS A 103 -14.02 -16.48 7.57
C LYS A 103 -12.73 -17.29 7.54
N LYS A 104 -12.55 -18.02 6.44
CA LYS A 104 -11.38 -18.86 6.23
C LYS A 104 -10.74 -18.50 4.89
N PRO A 105 -9.43 -18.78 4.74
CA PRO A 105 -8.72 -18.45 3.50
C PRO A 105 -9.22 -19.19 2.27
N ILE A 106 -8.91 -18.67 1.10
CA ILE A 106 -9.32 -19.27 -0.17
C ILE A 106 -8.11 -19.48 -1.09
N ILE A 107 -8.14 -20.54 -1.88
CA ILE A 107 -7.03 -20.85 -2.79
C ILE A 107 -7.51 -21.22 -4.20
N GLY A 108 -6.92 -20.56 -5.20
CA GLY A 108 -7.21 -20.87 -6.59
C GLY A 108 -6.35 -22.03 -7.06
N VAL A 109 -6.98 -23.06 -7.60
CA VAL A 109 -6.28 -24.29 -7.95
C VAL A 109 -6.36 -24.61 -9.44
N ASN A 110 -5.22 -24.96 -10.02
CA ASN A 110 -5.18 -25.40 -11.42
C ASN A 110 -5.73 -26.83 -11.54
N HIS A 111 -6.66 -27.01 -12.46
CA HIS A 111 -7.34 -28.29 -12.65
C HIS A 111 -6.41 -29.43 -13.04
N CYS A 112 -5.57 -29.19 -14.05
CA CYS A 112 -4.72 -30.24 -14.61
C CYS A 112 -3.69 -30.78 -13.62
N ILE A 113 -3.15 -29.89 -12.79
CA ILE A 113 -2.16 -30.29 -11.80
C ILE A 113 -2.81 -31.06 -10.65
N ALA A 114 -4.05 -30.71 -10.35
CA ALA A 114 -4.82 -31.40 -9.31
C ALA A 114 -4.99 -32.87 -9.66
N HIS A 115 -5.11 -33.16 -10.95
CA HIS A 115 -5.20 -34.52 -11.44
C HIS A 115 -3.90 -35.28 -11.19
N ILE A 116 -2.78 -34.58 -11.36
CA ILE A 116 -1.46 -35.18 -11.18
C ILE A 116 -1.15 -35.41 -9.71
N GLU A 117 -1.43 -34.41 -8.89
CA GLU A 117 -1.08 -34.45 -7.47
C GLU A 117 -1.92 -35.45 -6.67
N ILE A 118 -3.17 -35.64 -7.09
CA ILE A 118 -4.02 -36.64 -6.45
C ILE A 118 -3.55 -38.05 -6.81
N GLY A 119 -2.80 -38.16 -7.90
CA GLY A 119 -2.24 -39.44 -8.30
C GLY A 119 -1.00 -39.77 -7.49
N LYS A 120 -0.17 -38.77 -7.26
CA LYS A 120 1.04 -38.94 -6.47
C LYS A 120 0.72 -39.25 -5.01
N LEU A 121 -0.46 -38.82 -4.57
CA LEU A 121 -0.95 -39.15 -3.24
C LEU A 121 -1.53 -40.57 -3.14
N THR A 122 -2.18 -41.03 -4.21
CA THR A 122 -2.83 -42.32 -4.20
C THR A 122 -2.11 -43.40 -5.03
N THR A 123 -0.95 -43.03 -5.56
CA THR A 123 -0.09 -43.98 -6.27
C THR A 123 1.35 -43.80 -5.82
N GLU A 124 2.21 -44.72 -6.27
CA GLU A 124 3.61 -44.73 -5.85
C GLU A 124 4.44 -43.72 -6.64
N ALA A 125 3.75 -42.93 -7.47
CA ALA A 125 4.40 -41.91 -8.28
C ALA A 125 5.08 -40.85 -7.42
N GLU A 126 6.35 -40.59 -7.71
CA GLU A 126 7.12 -39.58 -7.01
C GLU A 126 7.40 -38.41 -7.96
N ASP A 127 8.05 -38.73 -9.08
CA ASP A 127 8.27 -37.75 -10.13
C ASP A 127 7.94 -38.38 -11.47
N PRO A 128 6.63 -38.53 -11.77
CA PRO A 128 6.20 -39.23 -12.98
C PRO A 128 6.03 -38.31 -14.18
N LEU A 129 5.98 -38.91 -15.36
CA LEU A 129 5.50 -38.21 -16.55
C LEU A 129 4.02 -38.53 -16.73
N THR A 130 3.17 -37.51 -16.54
CA THR A 130 1.74 -37.73 -16.50
C THR A 130 1.09 -37.56 -17.86
N LEU A 131 0.24 -38.52 -18.23
CA LEU A 131 -0.54 -38.42 -19.45
C LEU A 131 -1.98 -38.08 -19.09
N TYR A 132 -2.34 -36.82 -19.28
CA TYR A 132 -3.68 -36.35 -18.95
C TYR A 132 -4.62 -36.63 -20.11
N VAL A 133 -5.58 -37.53 -19.89
CA VAL A 133 -6.52 -37.92 -20.92
C VAL A 133 -7.96 -37.72 -20.45
N SER A 134 -8.53 -36.56 -20.77
CA SER A 134 -9.86 -36.21 -20.29
C SER A 134 -10.85 -36.03 -21.44
N GLY A 135 -12.09 -35.72 -21.10
CA GLY A 135 -13.12 -35.45 -22.08
C GLY A 135 -12.86 -34.15 -22.82
N GLY A 136 -12.07 -33.27 -22.20
CA GLY A 136 -11.73 -32.00 -22.79
C GLY A 136 -10.24 -31.75 -22.83
N ASN A 137 -9.46 -32.71 -22.34
CA ASN A 137 -8.02 -32.53 -22.29
C ASN A 137 -7.22 -33.73 -22.82
N THR A 138 -6.10 -33.44 -23.47
CA THR A 138 -5.15 -34.46 -23.87
C THR A 138 -3.74 -33.86 -23.86
N GLN A 139 -3.02 -34.09 -22.77
CA GLN A 139 -1.71 -33.48 -22.57
C GLN A 139 -0.71 -34.44 -21.93
N VAL A 140 0.57 -34.18 -22.15
CA VAL A 140 1.62 -34.90 -21.45
C VAL A 140 2.36 -33.93 -20.53
N ILE A 141 2.13 -34.07 -19.23
CA ILE A 141 2.69 -33.11 -18.28
C ILE A 141 3.73 -33.76 -17.36
N ALA A 142 4.89 -33.12 -17.28
CA ALA A 142 5.95 -33.55 -16.37
C ALA A 142 6.52 -32.36 -15.62
N TYR A 143 7.07 -32.60 -14.44
CA TYR A 143 7.69 -31.53 -13.67
C TYR A 143 9.16 -31.38 -14.02
N VAL A 144 9.46 -30.36 -14.83
CA VAL A 144 10.81 -30.15 -15.33
C VAL A 144 11.17 -28.67 -15.25
N SER A 145 12.36 -28.38 -14.72
CA SER A 145 12.86 -27.02 -14.57
C SER A 145 11.94 -26.16 -13.69
N LYS A 146 11.64 -26.67 -12.50
CA LYS A 146 10.94 -25.94 -11.45
C LYS A 146 9.51 -25.53 -11.82
N LYS A 147 8.97 -26.15 -12.88
CA LYS A 147 7.58 -25.92 -13.27
C LYS A 147 6.96 -27.14 -13.94
N TYR A 148 5.65 -27.28 -13.80
CA TYR A 148 4.92 -28.36 -14.46
C TYR A 148 4.70 -27.97 -15.91
N ARG A 149 5.28 -28.73 -16.84
CA ARG A 149 5.27 -28.33 -18.24
C ARG A 149 4.58 -29.35 -19.14
N VAL A 150 3.93 -28.84 -20.18
CA VAL A 150 3.31 -29.68 -21.19
C VAL A 150 4.30 -29.90 -22.34
N PHE A 151 4.85 -31.11 -22.43
CA PHE A 151 5.85 -31.42 -23.43
C PHE A 151 5.18 -31.84 -24.74
N GLY A 152 4.08 -32.55 -24.62
CA GLY A 152 3.31 -32.93 -25.78
C GLY A 152 1.83 -32.87 -25.46
N GLU A 153 1.05 -32.34 -26.39
CA GLU A 153 -0.39 -32.22 -26.19
C GLU A 153 -1.12 -32.31 -27.52
N THR A 154 -2.45 -32.29 -27.45
CA THR A 154 -3.26 -32.44 -28.64
C THR A 154 -3.45 -31.12 -29.38
N LEU A 155 -3.38 -31.21 -30.71
CA LEU A 155 -3.93 -30.17 -31.56
C LEU A 155 -5.42 -30.49 -31.64
N ASP A 156 -6.21 -29.58 -32.20
CA ASP A 156 -7.67 -29.70 -32.26
C ASP A 156 -8.29 -30.17 -30.94
N ILE A 157 -9.08 -31.25 -30.98
CA ILE A 157 -9.82 -31.71 -29.82
C ILE A 157 -9.08 -32.79 -29.03
N ALA A 158 -9.65 -33.15 -27.88
CA ALA A 158 -9.11 -34.21 -27.05
C ALA A 158 -9.70 -35.55 -27.50
N VAL A 159 -9.00 -36.64 -27.19
CA VAL A 159 -9.48 -37.96 -27.54
C VAL A 159 -10.77 -38.31 -26.81
N GLY A 160 -10.87 -37.86 -25.56
CA GLY A 160 -12.10 -38.04 -24.80
C GLY A 160 -13.26 -37.38 -25.50
N ASN A 161 -13.02 -36.19 -26.05
CA ASN A 161 -14.02 -35.48 -26.83
C ASN A 161 -14.28 -36.19 -28.15
N CYS A 162 -13.24 -36.79 -28.71
CA CYS A 162 -13.32 -37.52 -29.97
C CYS A 162 -14.24 -38.74 -29.85
N LEU A 163 -14.17 -39.40 -28.71
CA LEU A 163 -14.99 -40.59 -28.47
C LEU A 163 -16.45 -40.21 -28.23
N ASP A 164 -16.67 -39.10 -27.55
CA ASP A 164 -18.02 -38.61 -27.31
C ASP A 164 -18.69 -38.18 -28.61
N GLN A 165 -17.95 -37.43 -29.43
CA GLN A 165 -18.47 -36.90 -30.68
C GLN A 165 -18.78 -38.00 -31.69
N PHE A 166 -18.03 -39.09 -31.63
CA PHE A 166 -18.27 -40.23 -32.51
C PHE A 166 -19.47 -41.03 -32.03
N ALA A 167 -19.62 -41.11 -30.71
CA ALA A 167 -20.72 -41.87 -30.10
C ALA A 167 -22.09 -41.28 -30.44
N ARG A 168 -22.23 -39.96 -30.25
CA ARG A 168 -23.49 -39.30 -30.53
C ARG A 168 -23.73 -39.18 -32.03
N TYR A 169 -22.74 -39.58 -32.82
CA TYR A 169 -22.88 -39.62 -34.27
C TYR A 169 -23.52 -40.95 -34.71
N VAL A 170 -23.11 -42.03 -34.06
CA VAL A 170 -23.63 -43.36 -34.36
C VAL A 170 -24.79 -43.72 -33.44
N ASN A 171 -25.43 -42.71 -32.85
CA ASN A 171 -26.59 -42.88 -31.98
C ASN A 171 -26.27 -43.71 -30.74
N LEU A 172 -25.26 -43.28 -30.00
CA LEU A 172 -24.88 -43.92 -28.74
C LEU A 172 -25.05 -42.93 -27.58
N PRO A 173 -25.22 -43.45 -26.35
CA PRO A 173 -25.36 -42.59 -25.16
C PRO A 173 -24.21 -41.57 -25.02
N HIS A 174 -24.48 -40.47 -24.33
CA HIS A 174 -23.55 -39.34 -24.28
C HIS A 174 -22.17 -39.68 -23.69
N PRO A 175 -22.10 -40.37 -22.54
CA PRO A 175 -20.75 -40.79 -22.16
C PRO A 175 -20.27 -41.95 -23.03
N GLY A 176 -19.97 -41.66 -24.28
CA GLY A 176 -19.72 -42.68 -25.28
C GLY A 176 -18.44 -43.47 -25.09
N GLY A 177 -17.49 -42.87 -24.37
CA GLY A 177 -16.19 -43.49 -24.13
C GLY A 177 -16.23 -44.96 -23.75
N PRO A 178 -16.87 -45.29 -22.62
CA PRO A 178 -17.00 -46.69 -22.17
C PRO A 178 -17.74 -47.56 -23.19
N TYR A 179 -18.79 -47.02 -23.78
CA TYR A 179 -19.61 -47.77 -24.73
C TYR A 179 -18.86 -48.14 -25.99
N ILE A 180 -17.92 -47.30 -26.40
CA ILE A 180 -17.09 -47.58 -27.56
C ILE A 180 -16.14 -48.74 -27.25
N GLU A 181 -15.63 -48.77 -26.03
CA GLU A 181 -14.71 -49.82 -25.59
C GLU A 181 -15.36 -51.20 -25.59
N GLU A 182 -16.61 -51.26 -25.16
CA GLU A 182 -17.35 -52.52 -25.13
C GLU A 182 -17.54 -53.08 -26.53
N LEU A 183 -18.00 -52.21 -27.44
CA LEU A 183 -18.22 -52.58 -28.83
C LEU A 183 -16.93 -52.95 -29.54
N ALA A 184 -15.82 -52.37 -29.08
CA ALA A 184 -14.51 -52.58 -29.68
C ALA A 184 -14.03 -54.04 -29.62
N ARG A 185 -14.43 -54.75 -28.56
CA ARG A 185 -13.99 -56.13 -28.37
C ARG A 185 -14.57 -57.07 -29.43
N LYS A 186 -15.82 -56.85 -29.80
CA LYS A 186 -16.50 -57.71 -30.77
C LYS A 186 -16.02 -57.50 -32.20
N GLY A 187 -15.33 -56.39 -32.45
CA GLY A 187 -14.96 -56.00 -33.81
C GLY A 187 -14.04 -56.97 -34.50
N LYS A 188 -12.76 -56.97 -34.12
CA LYS A 188 -11.78 -57.91 -34.64
C LYS A 188 -11.56 -57.73 -36.15
N LYS A 189 -11.49 -56.49 -36.59
CA LYS A 189 -11.04 -56.14 -37.94
C LYS A 189 -10.61 -54.69 -38.00
N LEU A 190 -9.36 -54.45 -38.38
CA LEU A 190 -8.83 -53.09 -38.42
C LEU A 190 -9.32 -52.34 -39.65
N VAL A 191 -9.77 -51.10 -39.45
CA VAL A 191 -10.21 -50.24 -40.54
C VAL A 191 -9.10 -49.25 -40.91
N ASP A 192 -8.99 -48.94 -42.20
CA ASP A 192 -7.97 -47.99 -42.65
C ASP A 192 -8.28 -46.60 -42.13
N LEU A 193 -7.47 -46.14 -41.19
CA LEU A 193 -7.65 -44.81 -40.59
C LEU A 193 -6.32 -44.06 -40.58
N PRO A 194 -6.37 -42.72 -40.58
CA PRO A 194 -5.14 -41.92 -40.59
C PRO A 194 -4.40 -41.90 -39.25
N TYR A 195 -3.11 -42.19 -39.30
CA TYR A 195 -2.25 -42.17 -38.12
C TYR A 195 -1.52 -40.84 -38.04
N THR A 196 -2.03 -39.92 -37.22
CA THR A 196 -1.54 -38.55 -37.19
C THR A 196 -0.76 -38.22 -35.92
N VAL A 197 0.56 -38.22 -36.03
CA VAL A 197 1.44 -37.81 -34.92
C VAL A 197 2.53 -36.88 -35.41
N LYS A 198 2.64 -35.71 -34.76
CA LYS A 198 3.69 -34.75 -35.10
C LYS A 198 4.55 -34.46 -33.89
N GLY A 199 5.76 -35.02 -33.88
CA GLY A 199 6.67 -34.85 -32.76
C GLY A 199 6.11 -35.52 -31.51
N MET A 200 5.68 -34.70 -30.56
CA MET A 200 5.04 -35.21 -29.35
C MET A 200 3.58 -34.78 -29.30
N ASP A 201 3.10 -34.21 -30.41
CA ASP A 201 1.73 -33.73 -30.49
C ASP A 201 0.89 -34.66 -31.35
N ILE A 202 -0.40 -34.74 -31.03
CA ILE A 202 -1.34 -35.54 -31.80
C ILE A 202 -2.53 -34.73 -32.31
N ALA A 203 -3.22 -35.30 -33.30
CA ALA A 203 -4.43 -34.70 -33.84
C ALA A 203 -5.48 -35.79 -34.07
N PHE A 204 -6.69 -35.56 -33.56
CA PHE A 204 -7.76 -36.55 -33.65
C PHE A 204 -8.85 -36.11 -34.61
N SER A 205 -8.75 -34.88 -35.11
CA SER A 205 -9.75 -34.35 -36.03
C SER A 205 -9.76 -35.12 -37.34
N GLY A 206 -8.57 -35.40 -37.85
CA GLY A 206 -8.44 -36.18 -39.07
C GLY A 206 -8.88 -37.62 -38.89
N LEU A 207 -8.54 -38.18 -37.73
CA LEU A 207 -8.90 -39.55 -37.41
C LEU A 207 -10.41 -39.72 -37.26
N LEU A 208 -11.05 -38.73 -36.63
CA LEU A 208 -12.48 -38.79 -36.36
C LEU A 208 -13.31 -38.74 -37.64
N THR A 209 -13.10 -37.71 -38.45
CA THR A 209 -13.84 -37.52 -39.68
C THR A 209 -13.75 -38.73 -40.60
N ALA A 210 -12.58 -39.35 -40.64
CA ALA A 210 -12.38 -40.53 -41.47
C ALA A 210 -13.06 -41.75 -40.84
N ALA A 211 -13.17 -41.74 -39.52
CA ALA A 211 -13.80 -42.84 -38.79
C ALA A 211 -15.30 -42.87 -39.03
N MET A 212 -15.93 -41.70 -39.06
CA MET A 212 -17.36 -41.63 -39.30
C MET A 212 -17.70 -41.74 -40.79
N ARG A 213 -16.74 -41.38 -41.63
CA ARG A 213 -16.88 -41.59 -43.07
C ARG A 213 -16.89 -43.08 -43.38
N ALA A 214 -16.07 -43.83 -42.63
CA ALA A 214 -16.03 -45.28 -42.77
C ALA A 214 -17.33 -45.89 -42.27
N TYR A 215 -17.99 -45.17 -41.36
CA TYR A 215 -19.30 -45.58 -40.86
C TYR A 215 -20.35 -45.37 -41.94
N ASP A 216 -20.25 -44.24 -42.64
CA ASP A 216 -21.14 -43.94 -43.76
C ASP A 216 -20.87 -44.89 -44.91
N ALA A 217 -19.63 -45.36 -45.01
CA ALA A 217 -19.24 -46.28 -46.07
C ALA A 217 -19.93 -47.63 -45.89
N GLY A 218 -20.26 -47.96 -44.65
CA GLY A 218 -21.00 -49.17 -44.37
C GLY A 218 -20.21 -50.24 -43.64
N GLU A 219 -18.96 -49.93 -43.30
CA GLU A 219 -18.13 -50.87 -42.56
C GLU A 219 -18.69 -51.03 -41.16
N ARG A 220 -18.61 -52.25 -40.63
CA ARG A 220 -19.27 -52.60 -39.38
C ARG A 220 -18.77 -51.76 -38.20
N LEU A 221 -19.72 -51.29 -37.39
CA LEU A 221 -19.43 -50.41 -36.26
C LEU A 221 -18.49 -51.04 -35.24
N GLU A 222 -18.63 -52.34 -35.04
CA GLU A 222 -17.75 -53.06 -34.12
C GLU A 222 -16.30 -52.96 -34.57
N ASP A 223 -16.08 -53.06 -35.87
CA ASP A 223 -14.74 -52.97 -36.45
C ASP A 223 -14.17 -51.57 -36.31
N ILE A 224 -15.02 -50.56 -36.48
CA ILE A 224 -14.60 -49.17 -36.37
C ILE A 224 -14.22 -48.81 -34.94
N CYS A 225 -15.03 -49.24 -33.97
CA CYS A 225 -14.74 -48.99 -32.55
C CYS A 225 -13.41 -49.61 -32.16
N TYR A 226 -13.18 -50.84 -32.63
CA TYR A 226 -11.91 -51.51 -32.42
C TYR A 226 -10.77 -50.72 -33.07
N SER A 227 -10.98 -50.29 -34.30
CA SER A 227 -9.97 -49.59 -35.06
C SER A 227 -9.70 -48.20 -34.52
N LEU A 228 -10.76 -47.49 -34.14
CA LEU A 228 -10.64 -46.14 -33.61
C LEU A 228 -9.83 -46.12 -32.31
N GLN A 229 -10.04 -47.14 -31.47
CA GLN A 229 -9.30 -47.25 -30.22
C GLN A 229 -7.83 -47.56 -30.47
N GLU A 230 -7.57 -48.57 -31.30
CA GLU A 230 -6.21 -49.00 -31.60
C GLU A 230 -5.35 -47.85 -32.14
N TYR A 231 -5.89 -47.11 -33.10
CA TYR A 231 -5.15 -46.00 -33.70
C TYR A 231 -4.91 -44.88 -32.69
N ALA A 232 -5.98 -44.44 -32.02
CA ALA A 232 -5.89 -43.32 -31.09
C ALA A 232 -4.96 -43.60 -29.92
N PHE A 233 -5.08 -44.79 -29.33
CA PHE A 233 -4.30 -45.15 -28.17
C PHE A 233 -2.83 -45.41 -28.52
N SER A 234 -2.59 -45.87 -29.74
CA SER A 234 -1.22 -46.07 -30.21
C SER A 234 -0.51 -44.74 -30.39
N MET A 235 -1.23 -43.78 -30.96
CA MET A 235 -0.70 -42.43 -31.12
C MET A 235 -0.42 -41.81 -29.75
N LEU A 236 -1.31 -42.09 -28.80
CA LEU A 236 -1.13 -41.64 -27.43
C LEU A 236 0.08 -42.32 -26.78
N THR A 237 0.23 -43.61 -27.02
CA THR A 237 1.34 -44.38 -26.47
C THR A 237 2.67 -43.89 -27.02
N GLU A 238 2.68 -43.50 -28.29
CA GLU A 238 3.91 -43.06 -28.95
C GLU A 238 4.41 -41.73 -28.37
N ILE A 239 3.53 -40.75 -28.29
CA ILE A 239 3.93 -39.43 -27.80
C ILE A 239 4.28 -39.49 -26.31
N THR A 240 3.73 -40.47 -25.62
CA THR A 240 4.06 -40.68 -24.22
C THR A 240 5.48 -41.24 -24.14
N GLU A 241 5.78 -42.16 -25.04
CA GLU A 241 7.10 -42.79 -25.10
C GLU A 241 8.18 -41.78 -25.46
N ARG A 242 7.87 -40.89 -26.40
CA ARG A 242 8.82 -39.87 -26.83
C ARG A 242 9.07 -38.86 -25.72
N ALA A 243 8.00 -38.43 -25.08
CA ALA A 243 8.09 -37.49 -23.97
C ALA A 243 8.81 -38.10 -22.78
N LEU A 244 8.57 -39.38 -22.54
CA LEU A 244 9.22 -40.10 -21.45
C LEU A 244 10.74 -40.09 -21.62
N ALA A 245 11.19 -40.23 -22.86
CA ALA A 245 12.61 -40.23 -23.16
C ALA A 245 13.16 -38.81 -23.19
N HIS A 246 12.29 -37.85 -23.51
CA HIS A 246 12.69 -36.45 -23.59
C HIS A 246 12.86 -35.81 -22.22
N THR A 247 12.20 -36.39 -21.21
CA THR A 247 12.20 -35.82 -19.87
C THR A 247 13.03 -36.64 -18.88
N ASN A 248 13.37 -37.86 -19.30
CA ASN A 248 14.16 -38.78 -18.47
C ASN A 248 13.53 -39.05 -17.11
N LYS A 249 12.21 -39.26 -17.11
CA LYS A 249 11.50 -39.62 -15.89
C LYS A 249 11.53 -41.13 -15.71
N GLY A 250 11.20 -41.60 -14.52
CA GLY A 250 11.22 -43.02 -14.23
C GLY A 250 9.84 -43.60 -14.01
N GLU A 251 8.82 -42.75 -14.09
CA GLU A 251 7.45 -43.18 -13.87
C GLU A 251 6.49 -42.59 -14.91
N VAL A 252 5.37 -43.26 -15.14
CA VAL A 252 4.35 -42.78 -16.05
C VAL A 252 2.96 -42.88 -15.41
N MET A 253 2.23 -41.76 -15.42
CA MET A 253 0.91 -41.71 -14.80
C MET A 253 -0.20 -41.50 -15.84
N LEU A 254 -1.34 -42.15 -15.59
CA LEU A 254 -2.50 -41.99 -16.46
C LEU A 254 -3.69 -41.44 -15.68
N VAL A 255 -4.00 -40.17 -15.91
CA VAL A 255 -5.14 -39.54 -15.24
C VAL A 255 -6.18 -39.11 -16.26
N GLY A 256 -7.37 -38.75 -15.78
CA GLY A 256 -8.46 -38.37 -16.65
C GLY A 256 -9.53 -39.44 -16.71
N GLY A 257 -10.67 -39.11 -17.31
CA GLY A 257 -11.79 -40.04 -17.38
C GLY A 257 -11.54 -41.24 -18.29
N VAL A 258 -10.72 -41.05 -19.30
CA VAL A 258 -10.44 -42.10 -20.28
C VAL A 258 -9.47 -43.14 -19.71
N ALA A 259 -8.98 -42.89 -18.49
CA ALA A 259 -8.13 -43.84 -17.79
C ALA A 259 -8.92 -45.09 -17.42
N ALA A 260 -10.24 -45.00 -17.53
CA ALA A 260 -11.13 -46.14 -17.26
C ALA A 260 -11.07 -47.16 -18.39
N ASN A 261 -10.44 -46.78 -19.50
CA ASN A 261 -10.30 -47.66 -20.66
C ASN A 261 -9.29 -48.78 -20.37
N ASN A 262 -9.74 -50.02 -20.47
CA ASN A 262 -8.88 -51.17 -20.18
C ASN A 262 -7.81 -51.36 -21.24
N ARG A 263 -8.15 -51.06 -22.49
CA ARG A 263 -7.22 -51.20 -23.61
C ARG A 263 -6.08 -50.18 -23.54
N LEU A 264 -6.42 -48.95 -23.19
CA LEU A 264 -5.42 -47.90 -23.06
C LEU A 264 -4.42 -48.23 -21.96
N ARG A 265 -4.93 -48.69 -20.82
CA ARG A 265 -4.07 -49.14 -19.73
C ARG A 265 -3.12 -50.24 -20.20
N GLU A 266 -3.66 -51.20 -20.93
CA GLU A 266 -2.90 -52.33 -21.45
C GLU A 266 -1.75 -51.88 -22.33
N MET A 267 -2.05 -50.96 -23.25
CA MET A 267 -1.08 -50.48 -24.22
C MET A 267 0.05 -49.68 -23.57
N LEU A 268 -0.32 -48.84 -22.60
CA LEU A 268 0.66 -47.97 -21.95
C LEU A 268 1.53 -48.73 -20.96
N LYS A 269 0.91 -49.64 -20.22
CA LYS A 269 1.62 -50.45 -19.24
C LYS A 269 2.63 -51.36 -19.93
N ALA A 270 2.28 -51.84 -21.12
CA ALA A 270 3.18 -52.67 -21.92
C ALA A 270 4.38 -51.86 -22.38
N MET A 271 4.13 -50.62 -22.81
CA MET A 271 5.19 -49.72 -23.24
C MET A 271 6.14 -49.40 -22.09
N CYS A 272 5.57 -49.24 -20.89
CA CYS A 272 6.35 -48.92 -19.70
C CYS A 272 7.25 -50.10 -19.28
N GLU A 273 6.71 -51.30 -19.37
CA GLU A 273 7.48 -52.50 -19.04
C GLU A 273 8.65 -52.69 -20.00
N GLY A 274 8.52 -52.14 -21.20
CA GLY A 274 9.57 -52.24 -22.19
C GLY A 274 10.74 -51.31 -21.98
N GLN A 275 10.48 -50.13 -21.44
CA GLN A 275 11.54 -49.14 -21.21
C GLN A 275 11.98 -49.09 -19.76
N ASN A 276 11.67 -50.16 -19.02
CA ASN A 276 12.07 -50.30 -17.62
C ASN A 276 11.61 -49.16 -16.72
N VAL A 277 10.34 -48.77 -16.88
CA VAL A 277 9.76 -47.74 -16.02
C VAL A 277 8.43 -48.21 -15.44
N ASP A 278 8.02 -47.58 -14.35
CA ASP A 278 6.78 -47.95 -13.66
C ASP A 278 5.57 -47.27 -14.29
N PHE A 279 4.40 -47.86 -14.11
CA PHE A 279 3.17 -47.31 -14.65
C PHE A 279 2.08 -47.29 -13.57
N TYR A 280 1.54 -46.10 -13.31
CA TYR A 280 0.58 -45.92 -12.24
C TYR A 280 -0.74 -45.33 -12.71
N VAL A 281 -1.83 -45.86 -12.16
CA VAL A 281 -3.17 -45.32 -12.40
C VAL A 281 -3.89 -45.17 -11.08
N PRO A 282 -4.40 -43.96 -10.79
CA PRO A 282 -5.11 -43.68 -9.54
C PRO A 282 -6.37 -44.53 -9.39
N PRO A 283 -6.90 -44.62 -8.15
CA PRO A 283 -8.18 -45.27 -7.91
C PRO A 283 -9.29 -44.67 -8.77
N LYS A 284 -10.31 -45.47 -9.07
CA LYS A 284 -11.39 -45.06 -9.97
C LYS A 284 -12.04 -43.73 -9.56
N GLU A 285 -12.11 -43.48 -8.26
CA GLU A 285 -12.74 -42.26 -7.75
C GLU A 285 -11.94 -41.00 -8.05
N PHE A 286 -10.64 -41.16 -8.23
CA PHE A 286 -9.74 -40.01 -8.36
C PHE A 286 -9.22 -39.76 -9.78
N CYS A 287 -9.57 -40.63 -10.71
CA CYS A 287 -9.14 -40.48 -12.10
C CYS A 287 -9.90 -39.34 -12.78
N GLY A 288 -11.23 -39.40 -12.71
CA GLY A 288 -12.06 -38.36 -13.30
C GLY A 288 -12.12 -37.12 -12.45
N ASP A 289 -12.89 -36.13 -12.89
CA ASP A 289 -13.04 -34.88 -12.14
C ASP A 289 -13.61 -35.12 -10.76
N ASN A 290 -12.97 -34.57 -9.74
CA ASN A 290 -13.45 -34.70 -8.37
C ASN A 290 -13.01 -33.54 -7.47
N GLY A 291 -13.76 -33.33 -6.40
CA GLY A 291 -13.49 -32.25 -5.47
C GLY A 291 -12.35 -32.54 -4.53
N ALA A 292 -11.98 -33.82 -4.42
CA ALA A 292 -10.94 -34.23 -3.50
C ALA A 292 -9.57 -33.75 -3.96
N MET A 293 -9.32 -33.82 -5.27
CA MET A 293 -8.03 -33.45 -5.82
C MET A 293 -7.79 -31.94 -5.74
N ILE A 294 -8.87 -31.17 -5.79
CA ILE A 294 -8.77 -29.72 -5.72
C ILE A 294 -8.45 -29.32 -4.28
N ALA A 295 -9.06 -30.03 -3.32
CA ALA A 295 -8.81 -29.80 -1.91
C ALA A 295 -7.36 -30.08 -1.56
N TRP A 296 -6.83 -31.15 -2.12
CA TRP A 296 -5.47 -31.58 -1.82
C TRP A 296 -4.42 -30.61 -2.37
N LEU A 297 -4.62 -30.17 -3.61
CA LEU A 297 -3.66 -29.26 -4.24
C LEU A 297 -3.74 -27.89 -3.60
N GLY A 298 -4.95 -27.45 -3.26
CA GLY A 298 -5.13 -26.21 -2.54
C GLY A 298 -4.44 -26.28 -1.20
N LEU A 299 -4.54 -27.44 -0.57
CA LEU A 299 -3.86 -27.69 0.71
C LEU A 299 -2.36 -27.75 0.49
N LEU A 300 -1.94 -28.35 -0.61
CA LEU A 300 -0.53 -28.49 -0.94
C LEU A 300 0.16 -27.14 -1.08
N MET A 301 -0.49 -26.23 -1.79
CA MET A 301 0.07 -24.91 -2.05
C MET A 301 0.05 -24.01 -0.80
N HIS A 302 -1.06 -24.02 -0.09
CA HIS A 302 -1.25 -23.13 1.06
C HIS A 302 -0.37 -23.51 2.26
N LYS A 303 -0.23 -24.82 2.50
CA LYS A 303 0.61 -25.29 3.60
C LYS A 303 2.07 -24.95 3.36
N ASN A 304 2.46 -24.85 2.10
CA ASN A 304 3.82 -24.48 1.73
C ASN A 304 3.98 -22.97 1.57
N GLY A 305 2.92 -22.22 1.90
CA GLY A 305 3.02 -20.78 2.03
C GLY A 305 2.52 -19.93 0.86
N ARG A 306 1.37 -20.29 0.30
CA ARG A 306 0.75 -19.46 -0.72
C ARG A 306 -0.60 -18.94 -0.24
N TRP A 307 -0.69 -17.62 -0.11
CA TRP A 307 -1.94 -16.96 0.24
C TRP A 307 -2.40 -16.09 -0.92
N MET A 308 -3.68 -16.13 -1.23
CA MET A 308 -4.22 -15.22 -2.24
C MET A 308 -5.50 -14.54 -1.76
N SER A 309 -5.62 -13.25 -2.07
CA SER A 309 -6.81 -12.49 -1.73
C SER A 309 -7.89 -12.72 -2.79
N LEU A 310 -9.06 -12.14 -2.57
CA LEU A 310 -10.22 -12.39 -3.42
C LEU A 310 -10.00 -11.88 -4.85
N ASP A 311 -9.24 -10.80 -5.01
CA ASP A 311 -8.99 -10.24 -6.33
C ASP A 311 -8.05 -11.11 -7.15
N GLU A 312 -7.50 -12.15 -6.52
CA GLU A 312 -6.66 -13.12 -7.21
C GLU A 312 -7.44 -14.39 -7.52
N THR A 313 -8.75 -14.35 -7.29
CA THR A 313 -9.59 -15.53 -7.46
C THR A 313 -10.53 -15.43 -8.63
N LYS A 314 -10.26 -14.52 -9.56
CA LYS A 314 -11.03 -14.45 -10.79
C LYS A 314 -10.76 -15.68 -11.63
N ILE A 315 -11.72 -16.08 -12.44
CA ILE A 315 -11.59 -17.31 -13.22
C ILE A 315 -10.50 -17.19 -14.28
N ILE A 316 -9.86 -18.32 -14.58
CA ILE A 316 -8.84 -18.37 -15.62
C ILE A 316 -9.17 -19.50 -16.60
N PRO A 317 -10.04 -19.19 -17.58
CA PRO A 317 -10.55 -20.17 -18.55
C PRO A 317 -9.45 -20.90 -19.32
N ASN A 318 -8.33 -20.24 -19.55
CA ASN A 318 -7.21 -20.85 -20.26
C ASN A 318 -5.97 -20.89 -19.39
N TYR A 319 -6.08 -21.53 -18.23
CA TYR A 319 -4.98 -21.61 -17.28
C TYR A 319 -3.90 -22.56 -17.78
N ARG A 320 -2.73 -22.00 -18.09
CA ARG A 320 -1.62 -22.81 -18.58
C ARG A 320 -0.89 -23.48 -17.42
N THR A 321 -0.34 -24.66 -17.69
CA THR A 321 0.29 -25.47 -16.65
C THR A 321 1.55 -24.81 -16.09
N ASP A 322 2.27 -24.10 -16.94
CA ASP A 322 3.51 -23.46 -16.54
C ASP A 322 3.31 -22.06 -15.97
N MET A 323 2.06 -21.67 -15.80
CA MET A 323 1.75 -20.36 -15.22
C MET A 323 1.69 -20.44 -13.70
N VAL A 324 1.75 -21.66 -13.18
CA VAL A 324 1.78 -21.87 -11.73
C VAL A 324 3.20 -21.79 -11.19
N GLU A 325 3.31 -21.66 -9.87
CA GLU A 325 4.61 -21.70 -9.21
C GLU A 325 4.62 -22.81 -8.17
N VAL A 326 5.34 -23.90 -8.49
CA VAL A 326 5.35 -25.07 -7.65
C VAL A 326 6.23 -24.84 -6.41
N ASN A 327 5.58 -24.64 -5.27
CA ASN A 327 6.30 -24.38 -4.03
C ASN A 327 6.29 -25.57 -3.08
N TRP A 328 5.75 -26.69 -3.51
CA TRP A 328 5.64 -27.84 -2.62
C TRP A 328 6.56 -28.99 -3.01
N ILE A 329 7.20 -28.86 -4.17
CA ILE A 329 8.18 -29.84 -4.62
C ILE A 329 9.57 -29.53 -4.07
N LYS A 330 10.19 -30.51 -3.42
CA LYS A 330 11.55 -30.36 -2.91
C LYS A 330 12.56 -30.28 -4.04
N MET B 3 -24.81 -11.54 10.10
CA MET B 3 -24.49 -12.68 10.94
C MET B 3 -23.49 -12.31 12.04
N ASP B 4 -22.61 -13.24 12.38
CA ASP B 4 -21.58 -13.01 13.39
C ASP B 4 -20.42 -12.18 12.86
N PRO B 5 -19.81 -11.36 13.73
CA PRO B 5 -18.66 -10.52 13.40
C PRO B 5 -17.32 -11.27 13.47
N MET B 6 -16.34 -10.80 12.72
CA MET B 6 -15.01 -11.41 12.70
C MET B 6 -14.20 -10.90 13.89
N ILE B 7 -13.54 -11.81 14.60
CA ILE B 7 -12.78 -11.44 15.80
C ILE B 7 -11.28 -11.55 15.59
N CYS B 8 -10.57 -10.47 15.92
CA CYS B 8 -9.12 -10.42 15.71
C CYS B 8 -8.35 -10.32 17.01
N LEU B 9 -7.19 -10.96 17.05
CA LEU B 9 -6.28 -10.87 18.19
C LEU B 9 -5.10 -9.99 17.84
N GLY B 10 -4.95 -8.88 18.57
CA GLY B 10 -3.89 -7.93 18.30
C GLY B 10 -2.72 -8.06 19.25
N LEU B 11 -1.51 -7.92 18.71
CA LEU B 11 -0.31 -8.02 19.52
C LEU B 11 0.55 -6.76 19.40
N GLU B 12 0.70 -6.05 20.51
CA GLU B 12 1.51 -4.84 20.56
C GLU B 12 2.81 -5.12 21.31
N GLY B 13 3.93 -4.98 20.61
CA GLY B 13 5.22 -5.25 21.20
C GLY B 13 6.32 -4.36 20.64
N THR B 14 5.96 -3.11 20.38
CA THR B 14 6.93 -2.10 19.95
C THR B 14 7.50 -1.42 21.18
N ALA B 15 8.81 -1.25 21.22
CA ALA B 15 9.51 -0.63 22.36
C ALA B 15 9.32 -1.41 23.66
N GLU B 16 9.09 -0.68 24.75
CA GLU B 16 9.06 -1.26 26.10
C GLU B 16 7.73 -1.89 26.51
N LYS B 17 6.63 -1.46 25.89
CA LYS B 17 5.31 -1.91 26.33
C LYS B 17 4.80 -3.15 25.61
N THR B 18 4.47 -4.18 26.39
CA THR B 18 3.86 -5.39 25.86
C THR B 18 2.34 -5.30 25.96
N GLY B 19 1.65 -5.57 24.86
CA GLY B 19 0.20 -5.44 24.83
C GLY B 19 -0.52 -6.50 24.03
N VAL B 20 -1.66 -6.95 24.55
CA VAL B 20 -2.50 -7.92 23.86
C VAL B 20 -3.94 -7.44 23.82
N GLY B 21 -4.54 -7.42 22.62
CA GLY B 21 -5.90 -6.93 22.46
C GLY B 21 -6.79 -7.82 21.62
N ILE B 22 -8.08 -7.78 21.89
CA ILE B 22 -9.07 -8.54 21.13
C ILE B 22 -10.28 -7.67 20.79
N VAL B 23 -10.46 -7.38 19.51
CA VAL B 23 -11.62 -6.61 19.07
C VAL B 23 -12.40 -7.33 17.97
N THR B 24 -13.67 -6.97 17.80
CA THR B 24 -14.53 -7.57 16.79
C THR B 24 -14.58 -6.69 15.55
N SER B 25 -15.34 -7.14 14.54
CA SER B 25 -15.53 -6.36 13.32
C SER B 25 -16.18 -5.02 13.64
N ASP B 26 -17.04 -5.01 14.64
CA ASP B 26 -17.64 -3.78 15.13
C ASP B 26 -16.70 -3.11 16.12
N GLY B 27 -17.15 -2.01 16.71
CA GLY B 27 -16.31 -1.22 17.60
C GLY B 27 -16.07 -1.85 18.97
N GLU B 28 -16.65 -3.02 19.21
CA GLU B 28 -16.59 -3.65 20.52
C GLU B 28 -15.20 -4.22 20.83
N VAL B 29 -14.67 -3.88 22.00
CA VAL B 29 -13.37 -4.36 22.45
C VAL B 29 -13.54 -5.44 23.51
N LEU B 30 -13.22 -6.68 23.15
CA LEU B 30 -13.42 -7.83 24.04
C LEU B 30 -12.32 -7.97 25.09
N PHE B 31 -11.09 -7.62 24.72
CA PHE B 31 -9.96 -7.77 25.63
C PHE B 31 -8.87 -6.76 25.34
N ASN B 32 -8.25 -6.22 26.39
CA ASN B 32 -7.15 -5.26 26.24
C ASN B 32 -6.35 -5.14 27.53
N LYS B 33 -5.07 -5.51 27.48
CA LYS B 33 -4.19 -5.41 28.63
C LYS B 33 -2.75 -5.13 28.23
N THR B 34 -2.10 -4.22 28.97
CA THR B 34 -0.73 -3.82 28.69
C THR B 34 0.15 -3.94 29.92
N ILE B 35 1.38 -4.43 29.72
CA ILE B 35 2.33 -4.63 30.82
C ILE B 35 3.58 -3.77 30.64
N MET B 36 4.04 -3.17 31.72
CA MET B 36 5.20 -2.28 31.69
C MET B 36 6.49 -3.07 31.93
N ILE B 44 16.99 2.24 29.50
CA ILE B 44 16.49 0.92 29.14
C ILE B 44 17.43 0.25 28.13
N ASN B 45 17.32 -1.07 28.04
CA ASN B 45 18.11 -1.85 27.09
C ASN B 45 17.19 -2.53 26.09
N PRO B 46 17.42 -2.31 24.79
CA PRO B 46 16.62 -2.95 23.75
C PRO B 46 16.73 -4.47 23.82
N ARG B 47 17.90 -4.97 24.19
CA ARG B 47 18.13 -6.40 24.30
C ARG B 47 17.34 -7.00 25.46
N GLU B 48 17.26 -6.29 26.58
CA GLU B 48 16.55 -6.77 27.75
C GLU B 48 15.04 -6.62 27.57
N ALA B 49 14.64 -5.58 26.84
CA ALA B 49 13.22 -5.33 26.57
C ALA B 49 12.63 -6.47 25.75
N ALA B 50 13.41 -6.98 24.80
CA ALA B 50 12.97 -8.09 23.97
C ALA B 50 12.72 -9.33 24.83
N ASP B 51 13.58 -9.55 25.82
CA ASP B 51 13.42 -10.65 26.75
C ASP B 51 12.14 -10.48 27.58
N HIS B 52 11.80 -9.24 27.88
CA HIS B 52 10.59 -8.94 28.63
C HIS B 52 9.34 -9.32 27.83
N HIS B 53 9.36 -9.00 26.54
CA HIS B 53 8.25 -9.37 25.65
C HIS B 53 8.09 -10.88 25.55
N ALA B 54 9.22 -11.58 25.47
CA ALA B 54 9.22 -13.04 25.33
C ALA B 54 8.63 -13.73 26.56
N GLU B 55 8.71 -13.07 27.71
CA GLU B 55 8.16 -13.62 28.94
C GLU B 55 6.71 -13.18 29.16
N THR B 56 6.40 -11.94 28.80
CA THR B 56 5.10 -11.36 29.08
C THR B 56 4.03 -11.81 28.09
N PHE B 57 4.39 -11.85 26.81
CA PHE B 57 3.45 -12.23 25.74
C PHE B 57 2.71 -13.56 25.98
N PRO B 58 3.44 -14.63 26.38
CA PRO B 58 2.71 -15.87 26.61
C PRO B 58 1.69 -15.77 27.75
N LYS B 59 2.01 -15.01 28.79
CA LYS B 59 1.11 -14.87 29.92
C LYS B 59 -0.16 -14.10 29.54
N LEU B 60 0.01 -13.02 28.78
CA LEU B 60 -1.14 -12.20 28.37
C LEU B 60 -2.03 -12.92 27.37
N ILE B 61 -1.42 -13.66 26.45
CA ILE B 61 -2.17 -14.41 25.44
C ILE B 61 -2.97 -15.52 26.11
N LYS B 62 -2.35 -16.17 27.09
CA LYS B 62 -3.03 -17.17 27.91
C LYS B 62 -4.22 -16.52 28.64
N GLU B 63 -3.97 -15.35 29.19
CA GLU B 63 -4.98 -14.59 29.92
C GLU B 63 -6.11 -14.14 28.99
N ALA B 64 -5.75 -13.82 27.75
CA ALA B 64 -6.71 -13.38 26.74
C ALA B 64 -7.62 -14.52 26.30
N PHE B 65 -7.07 -15.74 26.29
CA PHE B 65 -7.80 -16.91 25.84
C PHE B 65 -8.81 -17.37 26.89
N GLU B 66 -8.76 -16.77 28.07
CA GLU B 66 -9.71 -17.06 29.12
C GLU B 66 -10.99 -16.24 28.95
N VAL B 67 -10.84 -15.05 28.38
CA VAL B 67 -11.96 -14.17 28.07
C VAL B 67 -12.65 -14.58 26.78
N VAL B 68 -11.84 -14.84 25.75
CA VAL B 68 -12.34 -15.26 24.44
C VAL B 68 -11.70 -16.59 24.06
N ASP B 69 -12.52 -17.57 23.69
CA ASP B 69 -12.00 -18.88 23.33
C ASP B 69 -11.09 -18.77 22.12
N LYS B 70 -9.99 -19.51 22.15
CA LYS B 70 -8.97 -19.41 21.10
C LYS B 70 -9.52 -19.84 19.75
N ASN B 71 -10.54 -20.68 19.77
CA ASN B 71 -11.15 -21.18 18.54
C ASN B 71 -11.93 -20.09 17.82
N GLU B 72 -12.36 -19.08 18.57
CA GLU B 72 -13.18 -18.00 18.02
C GLU B 72 -12.34 -16.84 17.48
N ILE B 73 -11.03 -17.02 17.44
CA ILE B 73 -10.14 -16.02 16.86
C ILE B 73 -9.97 -16.27 15.37
N ASP B 74 -10.34 -15.29 14.55
CA ASP B 74 -10.30 -15.43 13.10
C ASP B 74 -9.09 -14.75 12.46
N LEU B 75 -8.56 -13.73 13.13
CA LEU B 75 -7.45 -12.96 12.57
C LEU B 75 -6.41 -12.61 13.64
N ILE B 76 -5.15 -12.60 13.23
CA ILE B 76 -4.06 -12.25 14.14
C ILE B 76 -3.23 -11.09 13.60
N ALA B 77 -3.32 -9.95 14.29
CA ALA B 77 -2.59 -8.75 13.88
C ALA B 77 -1.47 -8.44 14.87
N PHE B 78 -0.38 -7.87 14.36
CA PHE B 78 0.75 -7.51 15.20
C PHE B 78 1.42 -6.21 14.74
N SER B 79 2.01 -5.49 15.68
CA SER B 79 2.75 -4.29 15.34
C SER B 79 4.02 -4.67 14.58
N GLN B 80 4.02 -4.38 13.28
CA GLN B 80 5.13 -4.76 12.41
C GLN B 80 6.24 -3.70 12.48
N GLY B 81 5.89 -2.53 12.99
CA GLY B 81 6.83 -1.43 13.07
C GLY B 81 6.14 -0.09 12.87
N PRO B 82 6.88 1.01 13.00
CA PRO B 82 8.31 1.06 13.34
C PRO B 82 8.57 0.84 14.83
N GLY B 83 9.81 0.54 15.18
CA GLY B 83 10.18 0.33 16.57
C GLY B 83 11.56 -0.27 16.74
N LEU B 84 11.85 -0.75 17.95
CA LEU B 84 13.14 -1.37 18.24
C LEU B 84 13.27 -2.74 17.59
N GLY B 85 14.45 -3.03 17.07
CA GLY B 85 14.73 -4.27 16.38
C GLY B 85 14.34 -5.55 17.11
N PRO B 86 15.10 -5.90 18.17
CA PRO B 86 14.88 -7.15 18.91
C PRO B 86 13.49 -7.29 19.50
N SER B 87 12.86 -6.16 19.83
CA SER B 87 11.51 -6.18 20.37
C SER B 87 10.49 -6.56 19.31
N LEU B 88 10.65 -6.01 18.11
CA LEU B 88 9.73 -6.27 17.00
C LEU B 88 9.79 -7.72 16.54
N ARG B 89 10.94 -8.35 16.71
CA ARG B 89 11.14 -9.72 16.26
C ARG B 89 10.38 -10.70 17.14
N VAL B 90 10.36 -10.45 18.44
CA VAL B 90 9.63 -11.29 19.38
C VAL B 90 8.13 -11.22 19.09
N THR B 91 7.63 -10.01 18.89
CA THR B 91 6.22 -9.79 18.57
C THR B 91 5.82 -10.52 17.31
N ALA B 92 6.61 -10.36 16.25
CA ALA B 92 6.34 -10.98 14.96
C ALA B 92 6.34 -12.51 15.06
N THR B 93 7.39 -13.06 15.67
CA THR B 93 7.54 -14.50 15.82
C THR B 93 6.37 -15.09 16.60
N VAL B 94 5.99 -14.43 17.69
CA VAL B 94 4.85 -14.85 18.49
C VAL B 94 3.56 -14.76 17.67
N ALA B 95 3.46 -13.70 16.87
CA ALA B 95 2.28 -13.46 16.03
C ALA B 95 2.02 -14.58 15.03
N ARG B 96 3.06 -14.99 14.30
CA ARG B 96 2.88 -16.02 13.28
C ARG B 96 2.92 -17.42 13.87
N THR B 97 3.45 -17.55 15.08
CA THR B 97 3.39 -18.81 15.81
C THR B 97 1.93 -19.13 16.07
N LEU B 98 1.17 -18.13 16.50
CA LEU B 98 -0.27 -18.25 16.68
C LEU B 98 -0.96 -18.50 15.34
N SER B 99 -0.49 -17.81 14.30
CA SER B 99 -1.07 -17.92 12.97
C SER B 99 -0.97 -19.33 12.43
N LEU B 100 0.16 -19.98 12.71
CA LEU B 100 0.39 -21.34 12.27
C LEU B 100 -0.36 -22.34 13.17
N THR B 101 -0.47 -21.99 14.45
CA THR B 101 -1.14 -22.85 15.43
C THR B 101 -2.66 -22.81 15.27
N LEU B 102 -3.22 -21.61 15.36
CA LEU B 102 -4.67 -21.43 15.26
C LEU B 102 -5.16 -21.61 13.82
N LYS B 103 -4.22 -21.72 12.89
CA LYS B 103 -4.50 -21.88 11.47
C LYS B 103 -5.39 -20.75 10.97
N LYS B 104 -5.00 -19.52 11.31
CA LYS B 104 -5.74 -18.34 10.92
C LYS B 104 -4.81 -17.33 10.24
N PRO B 105 -5.37 -16.44 9.41
CA PRO B 105 -4.54 -15.46 8.70
C PRO B 105 -3.80 -14.49 9.62
N ILE B 106 -2.74 -13.87 9.12
CA ILE B 106 -1.95 -12.91 9.88
C ILE B 106 -1.82 -11.60 9.11
N ILE B 107 -1.79 -10.49 9.84
CA ILE B 107 -1.70 -9.17 9.21
C ILE B 107 -0.65 -8.28 9.89
N GLY B 108 0.23 -7.71 9.07
CA GLY B 108 1.23 -6.78 9.56
C GLY B 108 0.66 -5.38 9.67
N VAL B 109 0.80 -4.78 10.85
CA VAL B 109 0.15 -3.49 11.14
C VAL B 109 1.17 -2.40 11.47
N ASN B 110 1.00 -1.23 10.86
CA ASN B 110 1.84 -0.09 11.19
C ASN B 110 1.46 0.50 12.55
N HIS B 111 2.46 0.69 13.40
CA HIS B 111 2.25 1.15 14.77
C HIS B 111 1.63 2.54 14.82
N CYS B 112 2.21 3.49 14.08
CA CYS B 112 1.80 4.88 14.15
C CYS B 112 0.36 5.11 13.67
N ILE B 113 -0.04 4.37 12.64
CA ILE B 113 -1.39 4.49 12.11
C ILE B 113 -2.42 3.84 13.03
N ALA B 114 -2.00 2.79 13.72
CA ALA B 114 -2.86 2.11 14.68
C ALA B 114 -3.29 3.08 15.79
N HIS B 115 -2.39 3.99 16.14
CA HIS B 115 -2.69 5.02 17.12
C HIS B 115 -3.78 5.96 16.62
N ILE B 116 -3.74 6.26 15.32
CA ILE B 116 -4.70 7.17 14.71
C ILE B 116 -6.07 6.52 14.54
N GLU B 117 -6.09 5.28 14.06
CA GLU B 117 -7.34 4.58 13.76
C GLU B 117 -8.11 4.19 15.01
N ILE B 118 -7.39 3.90 16.09
CA ILE B 118 -8.04 3.65 17.38
C ILE B 118 -8.57 4.97 17.92
N GLY B 119 -8.02 6.07 17.40
CA GLY B 119 -8.45 7.40 17.77
C GLY B 119 -9.73 7.82 17.07
N LYS B 120 -9.85 7.48 15.79
CA LYS B 120 -11.05 7.80 15.04
C LYS B 120 -12.22 6.99 15.62
N LEU B 121 -11.89 5.82 16.15
CA LEU B 121 -12.84 5.04 16.94
C LEU B 121 -12.85 5.62 18.35
N THR B 122 -13.92 5.40 19.10
CA THR B 122 -14.10 5.91 20.45
C THR B 122 -14.10 7.44 20.54
N THR B 123 -13.97 8.12 19.40
CA THR B 123 -14.12 9.57 19.34
C THR B 123 -14.92 9.95 18.11
N GLU B 124 -15.33 11.22 18.04
CA GLU B 124 -16.13 11.70 16.92
C GLU B 124 -15.24 12.09 15.74
N ALA B 125 -13.94 11.85 15.87
CA ALA B 125 -12.98 12.15 14.81
C ALA B 125 -13.26 11.32 13.56
N GLU B 126 -13.37 11.99 12.41
CA GLU B 126 -13.61 11.31 11.15
C GLU B 126 -12.40 11.38 10.24
N ASP B 127 -11.94 12.59 9.93
CA ASP B 127 -10.71 12.76 9.16
C ASP B 127 -9.85 13.85 9.82
N PRO B 128 -9.20 13.50 10.93
CA PRO B 128 -8.45 14.49 11.73
C PRO B 128 -6.99 14.64 11.31
N LEU B 129 -6.36 15.72 11.76
CA LEU B 129 -4.92 15.84 11.73
C LEU B 129 -4.37 15.40 13.07
N THR B 130 -3.66 14.27 13.07
CA THR B 130 -3.24 13.63 14.31
C THR B 130 -1.86 14.06 14.77
N LEU B 131 -1.74 14.39 16.05
CA LEU B 131 -0.45 14.69 16.66
C LEU B 131 0.03 13.51 17.50
N TYR B 132 0.98 12.75 16.95
CA TYR B 132 1.52 11.59 17.62
C TYR B 132 2.66 11.98 18.54
N VAL B 133 2.45 11.80 19.85
CA VAL B 133 3.46 12.16 20.84
C VAL B 133 3.77 10.96 21.73
N SER B 134 4.81 10.21 21.37
CA SER B 134 5.15 8.98 22.07
C SER B 134 6.51 9.06 22.76
N GLY B 135 6.89 7.97 23.43
CA GLY B 135 8.18 7.88 24.07
C GLY B 135 9.33 7.78 23.08
N GLY B 136 9.01 7.32 21.87
CA GLY B 136 10.01 7.18 20.83
C GLY B 136 9.58 7.86 19.54
N ASN B 137 8.41 8.48 19.55
CA ASN B 137 7.88 9.11 18.36
C ASN B 137 7.33 10.52 18.61
N THR B 138 7.52 11.39 17.63
CA THR B 138 6.91 12.71 17.64
C THR B 138 6.63 13.14 16.21
N GLN B 139 5.39 12.98 15.76
CA GLN B 139 5.04 13.23 14.37
C GLN B 139 3.68 13.92 14.25
N VAL B 140 3.48 14.61 13.13
CA VAL B 140 2.17 15.13 12.78
C VAL B 140 1.67 14.42 11.53
N ILE B 141 0.70 13.54 11.70
CA ILE B 141 0.25 12.70 10.61
C ILE B 141 -1.19 13.00 10.21
N ALA B 142 -1.41 13.19 8.91
CA ALA B 142 -2.74 13.39 8.37
C ALA B 142 -2.94 12.54 7.13
N TYR B 143 -4.19 12.20 6.85
CA TYR B 143 -4.50 11.41 5.65
C TYR B 143 -4.72 12.35 4.47
N VAL B 144 -3.73 12.45 3.61
CA VAL B 144 -3.76 13.39 2.48
C VAL B 144 -3.26 12.75 1.19
N SER B 145 -4.03 12.95 0.11
CA SER B 145 -3.69 12.43 -1.20
C SER B 145 -3.56 10.91 -1.20
N LYS B 146 -4.61 10.25 -0.72
CA LYS B 146 -4.75 8.79 -0.78
C LYS B 146 -3.69 8.03 0.02
N LYS B 147 -2.99 8.73 0.90
CA LYS B 147 -2.03 8.10 1.81
C LYS B 147 -1.89 8.85 3.13
N TYR B 148 -1.54 8.11 4.18
CA TYR B 148 -1.25 8.71 5.47
C TYR B 148 0.16 9.29 5.44
N ARG B 149 0.28 10.60 5.57
CA ARG B 149 1.56 11.27 5.38
C ARG B 149 2.04 12.03 6.62
N VAL B 150 3.37 12.05 6.78
CA VAL B 150 3.99 12.82 7.85
C VAL B 150 4.34 14.22 7.34
N PHE B 151 3.59 15.22 7.79
CA PHE B 151 3.79 16.58 7.33
C PHE B 151 4.85 17.28 8.18
N GLY B 152 4.85 16.97 9.47
CA GLY B 152 5.84 17.50 10.38
C GLY B 152 6.22 16.46 11.41
N GLU B 153 7.51 16.38 11.70
CA GLU B 153 8.00 15.42 12.68
C GLU B 153 9.22 15.97 13.39
N THR B 154 9.71 15.24 14.38
CA THR B 154 10.85 15.68 15.16
C THR B 154 12.17 15.34 14.49
N LEU B 155 13.10 16.28 14.56
CA LEU B 155 14.50 15.97 14.36
C LEU B 155 14.99 15.41 15.67
N ASP B 156 16.21 14.86 15.69
CA ASP B 156 16.79 14.20 16.86
C ASP B 156 15.80 13.26 17.59
N ILE B 157 15.60 13.47 18.88
CA ILE B 157 14.78 12.57 19.69
C ILE B 157 13.34 13.05 19.79
N ALA B 158 12.50 12.23 20.39
CA ALA B 158 11.10 12.59 20.61
C ALA B 158 10.96 13.33 21.94
N VAL B 159 9.91 14.13 22.06
CA VAL B 159 9.67 14.89 23.29
C VAL B 159 9.38 13.95 24.47
N GLY B 160 8.68 12.86 24.20
CA GLY B 160 8.42 11.85 25.22
C GLY B 160 9.73 11.32 25.78
N ASN B 161 10.68 11.09 24.89
CA ASN B 161 12.02 10.65 25.27
C ASN B 161 12.78 11.76 25.98
N CYS B 162 12.53 13.00 25.57
CA CYS B 162 13.21 14.17 26.15
C CYS B 162 12.87 14.34 27.62
N LEU B 163 11.62 14.06 27.98
CA LEU B 163 11.18 14.18 29.36
C LEU B 163 11.77 13.04 30.20
N ASP B 164 11.88 11.87 29.59
CA ASP B 164 12.47 10.71 30.25
C ASP B 164 13.96 10.93 30.52
N GLN B 165 14.67 11.42 29.51
CA GLN B 165 16.11 11.64 29.62
C GLN B 165 16.41 12.72 30.65
N PHE B 166 15.51 13.67 30.79
CA PHE B 166 15.64 14.72 31.79
C PHE B 166 15.28 14.23 33.19
N ALA B 167 14.28 13.35 33.25
CA ALA B 167 13.82 12.80 34.52
C ALA B 167 14.88 11.95 35.20
N ARG B 168 15.47 11.03 34.43
CA ARG B 168 16.50 10.14 34.96
C ARG B 168 17.81 10.89 35.16
N TYR B 169 17.84 12.15 34.73
CA TYR B 169 18.99 13.02 34.95
C TYR B 169 18.91 13.67 36.33
N VAL B 170 17.69 14.07 36.72
CA VAL B 170 17.46 14.69 38.02
C VAL B 170 17.07 13.65 39.06
N ASN B 171 17.43 12.40 38.77
CA ASN B 171 17.20 11.26 39.66
C ASN B 171 15.71 11.02 39.94
N LEU B 172 14.94 10.86 38.87
CA LEU B 172 13.52 10.53 38.95
C LEU B 172 13.28 9.17 38.31
N PRO B 173 12.19 8.49 38.69
CA PRO B 173 11.84 7.17 38.12
C PRO B 173 11.78 7.16 36.60
N HIS B 174 11.98 5.99 36.01
CA HIS B 174 12.14 5.84 34.56
C HIS B 174 10.92 6.36 33.77
N PRO B 175 9.69 5.99 34.17
CA PRO B 175 8.59 6.66 33.47
C PRO B 175 8.41 8.10 33.94
N GLY B 176 9.34 8.96 33.54
CA GLY B 176 9.44 10.31 34.07
C GLY B 176 8.33 11.27 33.73
N GLY B 177 7.62 11.01 32.63
CA GLY B 177 6.54 11.87 32.17
C GLY B 177 5.58 12.43 33.20
N PRO B 178 4.84 11.56 33.89
CA PRO B 178 3.88 11.97 34.92
C PRO B 178 4.51 12.76 36.07
N TYR B 179 5.69 12.34 36.53
CA TYR B 179 6.34 12.97 37.66
C TYR B 179 6.78 14.41 37.37
N ILE B 180 7.14 14.67 36.12
CA ILE B 180 7.50 16.02 35.69
C ILE B 180 6.26 16.93 35.70
N GLU B 181 5.13 16.38 35.26
CA GLU B 181 3.88 17.12 35.20
C GLU B 181 3.41 17.57 36.58
N GLU B 182 3.57 16.70 37.57
CA GLU B 182 3.19 17.02 38.94
C GLU B 182 4.05 18.15 39.50
N LEU B 183 5.36 18.02 39.34
CA LEU B 183 6.31 19.03 39.81
C LEU B 183 6.15 20.36 39.07
N ALA B 184 5.70 20.28 37.82
CA ALA B 184 5.52 21.47 36.99
C ALA B 184 4.48 22.42 37.56
N ARG B 185 3.51 21.86 38.28
CA ARG B 185 2.43 22.64 38.86
C ARG B 185 2.91 23.57 39.97
N LYS B 186 3.80 23.06 40.83
CA LYS B 186 4.28 23.81 41.98
C LYS B 186 5.29 24.90 41.64
N GLY B 187 5.93 24.78 40.48
CA GLY B 187 6.99 25.70 40.09
C GLY B 187 6.49 27.12 39.88
N LYS B 188 5.78 27.31 38.78
CA LYS B 188 5.13 28.58 38.42
C LYS B 188 6.08 29.75 38.15
N LYS B 189 7.19 29.48 37.46
CA LYS B 189 8.01 30.54 36.87
C LYS B 189 8.94 29.92 35.82
N LEU B 190 8.82 30.37 34.59
CA LEU B 190 9.60 29.81 33.48
C LEU B 190 11.04 30.30 33.44
N VAL B 191 11.95 29.36 33.16
CA VAL B 191 13.37 29.66 33.02
C VAL B 191 13.68 29.82 31.53
N ASP B 192 14.63 30.69 31.21
CA ASP B 192 14.99 30.96 29.82
C ASP B 192 15.58 29.72 29.14
N LEU B 193 14.83 29.19 28.18
CA LEU B 193 15.22 28.00 27.43
C LEU B 193 15.10 28.27 25.93
N PRO B 194 15.86 27.52 25.12
CA PRO B 194 15.83 27.74 23.67
C PRO B 194 14.55 27.23 23.02
N TYR B 195 13.93 28.09 22.21
CA TYR B 195 12.73 27.72 21.48
C TYR B 195 13.11 27.32 20.06
N THR B 196 13.21 26.02 19.82
CA THR B 196 13.76 25.52 18.57
C THR B 196 12.70 24.88 17.68
N VAL B 197 12.27 25.63 16.66
CA VAL B 197 11.36 25.12 15.65
C VAL B 197 11.83 25.55 14.27
N LYS B 198 11.98 24.59 13.36
CA LYS B 198 12.40 24.89 12.00
C LYS B 198 11.37 24.42 10.98
N GLY B 199 10.63 25.37 10.42
CA GLY B 199 9.59 25.06 9.45
C GLY B 199 8.43 24.31 10.07
N MET B 200 8.33 23.03 9.74
CA MET B 200 7.29 22.18 10.30
C MET B 200 7.87 21.11 11.20
N ASP B 201 9.18 21.22 11.44
CA ASP B 201 9.91 20.27 12.27
C ASP B 201 10.32 20.87 13.61
N ILE B 202 10.47 20.03 14.62
CA ILE B 202 10.94 20.47 15.92
C ILE B 202 12.21 19.72 16.31
N ALA B 203 12.95 20.27 17.26
CA ALA B 203 14.13 19.63 17.81
C ALA B 203 14.14 19.77 19.33
N PHE B 204 14.30 18.66 20.03
CA PHE B 204 14.25 18.67 21.49
C PHE B 204 15.62 18.41 22.10
N SER B 205 16.60 18.07 21.26
CA SER B 205 17.95 17.81 21.73
C SER B 205 18.57 19.09 22.28
N GLY B 206 18.37 20.19 21.56
CA GLY B 206 18.86 21.48 21.98
C GLY B 206 18.15 21.98 23.22
N LEU B 207 16.85 21.72 23.29
CA LEU B 207 16.04 22.11 24.43
C LEU B 207 16.45 21.35 25.69
N LEU B 208 16.79 20.08 25.50
CA LEU B 208 17.13 19.20 26.60
C LEU B 208 18.42 19.62 27.30
N THR B 209 19.49 19.79 26.53
CA THR B 209 20.80 20.16 27.09
C THR B 209 20.73 21.42 27.93
N ALA B 210 19.93 22.39 27.50
CA ALA B 210 19.77 23.64 28.23
C ALA B 210 18.91 23.46 29.48
N ALA B 211 17.99 22.50 29.43
CA ALA B 211 17.11 22.23 30.55
C ALA B 211 17.89 21.64 31.72
N MET B 212 18.85 20.77 31.41
CA MET B 212 19.69 20.17 32.43
C MET B 212 20.81 21.12 32.85
N ARG B 213 21.14 22.08 31.98
CA ARG B 213 22.09 23.12 32.35
C ARG B 213 21.52 24.01 33.45
N ALA B 214 20.21 24.25 33.36
CA ALA B 214 19.51 25.05 34.36
C ALA B 214 19.39 24.31 35.69
N TYR B 215 19.42 22.99 35.62
CA TYR B 215 19.39 22.16 36.84
C TYR B 215 20.70 22.27 37.60
N ASP B 216 21.81 22.24 36.87
CA ASP B 216 23.13 22.39 37.46
C ASP B 216 23.34 23.81 37.99
N ALA B 217 22.68 24.76 37.35
CA ALA B 217 22.76 26.17 37.76
C ALA B 217 22.13 26.40 39.13
N GLY B 218 21.17 25.56 39.50
CA GLY B 218 20.56 25.61 40.82
C GLY B 218 19.10 26.04 40.87
N GLU B 219 18.50 26.28 39.71
CA GLU B 219 17.08 26.62 39.65
C GLU B 219 16.23 25.41 40.02
N ARG B 220 15.11 25.67 40.68
CA ARG B 220 14.25 24.62 41.23
C ARG B 220 13.76 23.69 40.13
N LEU B 221 13.83 22.38 40.39
CA LEU B 221 13.44 21.39 39.39
C LEU B 221 11.97 21.57 39.02
N GLU B 222 11.17 21.95 40.03
CA GLU B 222 9.76 22.23 39.82
C GLU B 222 9.60 23.38 38.84
N ASP B 223 10.45 24.38 38.99
CA ASP B 223 10.45 25.54 38.11
C ASP B 223 10.94 25.15 36.72
N ILE B 224 11.91 24.25 36.68
CA ILE B 224 12.44 23.75 35.42
C ILE B 224 11.39 22.92 34.68
N CYS B 225 10.70 22.06 35.42
CA CYS B 225 9.65 21.23 34.86
C CYS B 225 8.55 22.08 34.23
N TYR B 226 8.17 23.15 34.93
CA TYR B 226 7.20 24.10 34.39
C TYR B 226 7.71 24.71 33.09
N SER B 227 8.97 25.14 33.10
CA SER B 227 9.56 25.81 31.94
C SER B 227 9.78 24.86 30.77
N LEU B 228 10.22 23.64 31.07
CA LEU B 228 10.44 22.64 30.04
C LEU B 228 9.14 22.29 29.33
N GLN B 229 8.05 22.24 30.09
CA GLN B 229 6.73 21.97 29.54
C GLN B 229 6.27 23.12 28.66
N GLU B 230 6.40 24.34 29.17
CA GLU B 230 5.98 25.54 28.43
C GLU B 230 6.59 25.60 27.05
N TYR B 231 7.91 25.43 26.99
CA TYR B 231 8.63 25.50 25.72
C TYR B 231 8.32 24.32 24.80
N ALA B 232 8.41 23.11 25.34
CA ALA B 232 8.22 21.90 24.53
C ALA B 232 6.81 21.81 23.96
N PHE B 233 5.80 22.08 24.79
CA PHE B 233 4.42 21.95 24.37
C PHE B 233 3.99 23.06 23.42
N SER B 234 4.61 24.23 23.56
CA SER B 234 4.35 25.34 22.66
C SER B 234 4.88 25.05 21.26
N MET B 235 6.08 24.48 21.21
CA MET B 235 6.68 24.08 19.94
C MET B 235 5.84 23.01 19.25
N LEU B 236 5.30 22.08 20.04
CA LEU B 236 4.43 21.04 19.51
C LEU B 236 3.13 21.62 18.99
N THR B 237 2.58 22.57 19.75
CA THR B 237 1.34 23.23 19.39
C THR B 237 1.48 24.03 18.09
N GLU B 238 2.65 24.61 17.89
CA GLU B 238 2.90 25.46 16.72
C GLU B 238 2.87 24.68 15.40
N ILE B 239 3.64 23.60 15.32
CA ILE B 239 3.73 22.82 14.09
C ILE B 239 2.40 22.11 13.81
N THR B 240 1.62 21.89 14.85
CA THR B 240 0.30 21.29 14.70
C THR B 240 -0.64 22.27 14.01
N GLU B 241 -0.56 23.54 14.43
CA GLU B 241 -1.38 24.59 13.85
C GLU B 241 -1.01 24.85 12.39
N ARG B 242 0.29 24.82 12.10
CA ARG B 242 0.79 25.04 10.75
C ARG B 242 0.39 23.89 9.84
N ALA B 243 0.53 22.67 10.35
CA ALA B 243 0.14 21.47 9.60
C ALA B 243 -1.35 21.48 9.32
N LEU B 244 -2.12 22.00 10.28
CA LEU B 244 -3.56 22.11 10.15
C LEU B 244 -3.93 22.95 8.93
N ALA B 245 -3.13 23.98 8.67
CA ALA B 245 -3.36 24.85 7.52
C ALA B 245 -2.88 24.21 6.22
N HIS B 246 -1.87 23.34 6.33
CA HIS B 246 -1.31 22.68 5.15
C HIS B 246 -2.21 21.57 4.63
N THR B 247 -3.03 21.02 5.51
CA THR B 247 -3.88 19.87 5.16
C THR B 247 -5.35 20.25 5.05
N ASN B 248 -5.69 21.43 5.56
CA ASN B 248 -7.07 21.92 5.55
C ASN B 248 -8.04 20.94 6.21
N LYS B 249 -7.62 20.38 7.35
CA LYS B 249 -8.48 19.49 8.12
C LYS B 249 -9.36 20.26 9.10
N GLY B 250 -10.38 19.59 9.61
CA GLY B 250 -11.32 20.22 10.53
C GLY B 250 -11.24 19.65 11.94
N GLU B 251 -10.34 18.70 12.14
CA GLU B 251 -10.19 18.06 13.44
C GLU B 251 -8.72 17.91 13.84
N VAL B 252 -8.47 17.84 15.14
CA VAL B 252 -7.11 17.64 15.65
C VAL B 252 -7.10 16.55 16.72
N MET B 253 -6.24 15.56 16.54
CA MET B 253 -6.15 14.45 17.48
C MET B 253 -4.83 14.40 18.24
N LEU B 254 -4.89 14.02 19.51
CA LEU B 254 -3.70 13.87 20.32
C LEU B 254 -3.55 12.43 20.81
N VAL B 255 -2.62 11.70 20.22
CA VAL B 255 -2.38 10.31 20.61
C VAL B 255 -0.97 10.14 21.17
N GLY B 256 -0.71 8.97 21.75
CA GLY B 256 0.58 8.71 22.38
C GLY B 256 0.47 8.72 23.89
N GLY B 257 1.54 8.29 24.56
CA GLY B 257 1.54 8.21 26.01
C GLY B 257 1.49 9.59 26.65
N VAL B 258 2.04 10.58 25.96
CA VAL B 258 2.12 11.94 26.48
C VAL B 258 0.76 12.65 26.32
N ALA B 259 -0.19 11.98 25.69
CA ALA B 259 -1.54 12.52 25.56
C ALA B 259 -2.22 12.56 26.93
N ALA B 260 -1.64 11.87 27.90
CA ALA B 260 -2.16 11.86 29.27
C ALA B 260 -1.84 13.17 29.98
N ASN B 261 -0.96 13.96 29.39
CA ASN B 261 -0.57 15.25 29.96
C ASN B 261 -1.71 16.26 29.86
N ASN B 262 -2.13 16.79 31.00
CA ASN B 262 -3.24 17.73 31.05
C ASN B 262 -2.90 19.09 30.44
N ARG B 263 -1.64 19.50 30.58
CA ARG B 263 -1.20 20.80 30.07
C ARG B 263 -1.17 20.83 28.55
N LEU B 264 -0.67 19.75 27.96
CA LEU B 264 -0.62 19.61 26.51
C LEU B 264 -2.03 19.62 25.92
N ARG B 265 -2.93 18.89 26.57
CA ARG B 265 -4.33 18.88 26.19
C ARG B 265 -4.88 20.31 26.23
N GLU B 266 -4.53 21.04 27.29
CA GLU B 266 -4.99 22.40 27.50
C GLU B 266 -4.57 23.35 26.36
N MET B 267 -3.31 23.26 25.95
CA MET B 267 -2.79 24.14 24.90
C MET B 267 -3.45 23.89 23.56
N LEU B 268 -3.65 22.61 23.24
CA LEU B 268 -4.17 22.24 21.93
C LEU B 268 -5.66 22.54 21.78
N LYS B 269 -6.44 22.26 22.82
CA LYS B 269 -7.86 22.57 22.79
C LYS B 269 -8.08 24.08 22.70
N ALA B 270 -7.18 24.84 23.33
CA ALA B 270 -7.21 26.29 23.26
C ALA B 270 -6.91 26.74 21.83
N MET B 271 -5.92 26.10 21.22
CA MET B 271 -5.56 26.39 19.83
C MET B 271 -6.69 26.05 18.88
N CYS B 272 -7.35 24.92 19.15
CA CYS B 272 -8.44 24.45 18.31
C CYS B 272 -9.67 25.34 18.42
N GLU B 273 -10.00 25.76 19.63
CA GLU B 273 -11.13 26.64 19.86
C GLU B 273 -10.89 28.00 19.20
N GLY B 274 -9.62 28.35 19.07
CA GLY B 274 -9.24 29.61 18.45
C GLY B 274 -9.31 29.56 16.93
N GLN B 275 -9.02 28.40 16.35
CA GLN B 275 -9.01 28.24 14.91
C GLN B 275 -10.27 27.53 14.41
N ASN B 276 -11.28 27.49 15.27
CA ASN B 276 -12.59 26.91 14.94
C ASN B 276 -12.53 25.47 14.44
N VAL B 277 -11.74 24.64 15.11
CA VAL B 277 -11.66 23.23 14.76
C VAL B 277 -11.84 22.37 16.01
N ASP B 278 -12.19 21.10 15.80
CA ASP B 278 -12.45 20.18 16.91
C ASP B 278 -11.16 19.58 17.45
N PHE B 279 -11.22 19.15 18.71
CA PHE B 279 -10.07 18.54 19.38
C PHE B 279 -10.48 17.26 20.09
N TYR B 280 -9.85 16.15 19.72
CA TYR B 280 -10.22 14.85 20.27
C TYR B 280 -9.03 14.13 20.92
N VAL B 281 -9.30 13.50 22.06
CA VAL B 281 -8.32 12.65 22.72
C VAL B 281 -8.99 11.33 23.12
N PRO B 282 -8.41 10.20 22.69
CA PRO B 282 -8.93 8.86 22.99
C PRO B 282 -8.98 8.59 24.49
N PRO B 283 -9.73 7.56 24.91
CA PRO B 283 -9.71 7.11 26.31
C PRO B 283 -8.29 6.79 26.76
N LYS B 284 -8.03 6.92 28.06
CA LYS B 284 -6.69 6.75 28.61
C LYS B 284 -6.05 5.42 28.22
N GLU B 285 -6.85 4.38 28.10
CA GLU B 285 -6.34 3.05 27.77
C GLU B 285 -5.86 2.95 26.31
N PHE B 286 -6.37 3.83 25.45
CA PHE B 286 -6.10 3.73 24.03
C PHE B 286 -5.10 4.76 23.52
N CYS B 287 -4.68 5.68 24.41
CA CYS B 287 -3.72 6.71 24.02
C CYS B 287 -2.32 6.12 23.88
N GLY B 288 -1.85 5.45 24.91
CA GLY B 288 -0.54 4.82 24.89
C GLY B 288 -0.55 3.53 24.10
N ASP B 289 0.60 2.86 24.05
CA ASP B 289 0.71 1.59 23.35
C ASP B 289 -0.23 0.54 23.94
N ASN B 290 -0.99 -0.12 23.08
CA ASN B 290 -1.91 -1.15 23.50
C ASN B 290 -2.17 -2.16 22.39
N GLY B 291 -2.60 -3.36 22.77
CA GLY B 291 -2.85 -4.43 21.81
C GLY B 291 -4.16 -4.26 21.07
N ALA B 292 -5.03 -3.40 21.60
CA ALA B 292 -6.35 -3.20 21.03
C ALA B 292 -6.30 -2.46 19.70
N MET B 293 -5.41 -1.46 19.61
CA MET B 293 -5.32 -0.64 18.40
C MET B 293 -4.72 -1.42 17.23
N ILE B 294 -3.86 -2.38 17.54
CA ILE B 294 -3.23 -3.21 16.51
C ILE B 294 -4.26 -4.19 15.96
N ALA B 295 -5.11 -4.71 16.84
CA ALA B 295 -6.17 -5.62 16.44
C ALA B 295 -7.16 -4.96 15.49
N TRP B 296 -7.50 -3.70 15.79
CA TRP B 296 -8.49 -2.98 15.01
C TRP B 296 -8.00 -2.63 13.60
N LEU B 297 -6.76 -2.16 13.49
CA LEU B 297 -6.22 -1.77 12.19
C LEU B 297 -5.96 -3.00 11.32
N GLY B 298 -5.50 -4.08 11.95
CA GLY B 298 -5.33 -5.34 11.27
C GLY B 298 -6.67 -5.83 10.76
N LEU B 299 -7.68 -5.65 11.59
CA LEU B 299 -9.05 -5.98 11.21
C LEU B 299 -9.53 -5.04 10.12
N LEU B 300 -9.15 -3.76 10.24
CA LEU B 300 -9.53 -2.73 9.28
C LEU B 300 -9.02 -3.06 7.87
N MET B 301 -7.76 -3.47 7.80
CA MET B 301 -7.13 -3.77 6.53
C MET B 301 -7.65 -5.07 5.91
N HIS B 302 -7.78 -6.09 6.75
CA HIS B 302 -8.17 -7.42 6.29
C HIS B 302 -9.65 -7.47 5.88
N LYS B 303 -10.49 -6.77 6.62
CA LYS B 303 -11.91 -6.72 6.32
C LYS B 303 -12.18 -6.06 4.97
N ASN B 304 -11.29 -5.14 4.59
CA ASN B 304 -11.42 -4.47 3.30
C ASN B 304 -10.66 -5.21 2.20
N GLY B 305 -10.15 -6.39 2.54
CA GLY B 305 -9.62 -7.30 1.54
C GLY B 305 -8.12 -7.33 1.37
N ARG B 306 -7.39 -7.33 2.47
CA ARG B 306 -5.94 -7.48 2.40
C ARG B 306 -5.48 -8.75 3.10
N TRP B 307 -4.88 -9.66 2.32
CA TRP B 307 -4.30 -10.87 2.87
C TRP B 307 -2.80 -10.81 2.65
N MET B 308 -2.01 -11.20 3.66
CA MET B 308 -0.57 -11.28 3.48
C MET B 308 -0.01 -12.62 3.98
N SER B 309 0.92 -13.17 3.22
CA SER B 309 1.60 -14.40 3.60
C SER B 309 2.71 -14.11 4.59
N LEU B 310 3.36 -15.17 5.06
CA LEU B 310 4.36 -15.06 6.12
C LEU B 310 5.58 -14.27 5.69
N ASP B 311 5.94 -14.36 4.40
CA ASP B 311 7.13 -13.66 3.91
C ASP B 311 6.92 -12.15 3.81
N GLU B 312 5.69 -11.70 4.06
CA GLU B 312 5.39 -10.28 4.10
C GLU B 312 5.30 -9.78 5.54
N THR B 313 5.65 -10.65 6.49
CA THR B 313 5.50 -10.33 7.91
C THR B 313 6.84 -10.12 8.61
N LYS B 314 7.89 -9.89 7.83
CA LYS B 314 9.19 -9.56 8.40
C LYS B 314 9.12 -8.19 9.08
N ILE B 315 9.95 -7.96 10.09
CA ILE B 315 9.89 -6.72 10.84
C ILE B 315 10.32 -5.52 10.00
N ILE B 316 9.73 -4.37 10.28
CA ILE B 316 10.10 -3.13 9.61
C ILE B 316 10.41 -2.06 10.64
N PRO B 317 11.65 -2.06 11.16
CA PRO B 317 12.09 -1.16 12.23
C PRO B 317 11.89 0.31 11.92
N ASN B 318 11.99 0.68 10.65
CA ASN B 318 11.79 2.06 10.23
C ASN B 318 10.63 2.17 9.24
N TYR B 319 9.46 1.73 9.68
CA TYR B 319 8.25 1.72 8.86
C TYR B 319 7.73 3.14 8.64
N ARG B 320 7.76 3.59 7.39
CA ARG B 320 7.27 4.93 7.07
C ARG B 320 5.75 4.89 6.93
N THR B 321 5.10 5.99 7.28
CA THR B 321 3.64 6.05 7.33
C THR B 321 3.02 5.90 5.95
N ASP B 322 3.72 6.41 4.92
CA ASP B 322 3.21 6.38 3.56
C ASP B 322 3.57 5.08 2.83
N MET B 323 4.18 4.14 3.55
CA MET B 323 4.56 2.86 2.96
C MET B 323 3.40 1.87 3.05
N VAL B 324 2.36 2.25 3.77
CA VAL B 324 1.15 1.43 3.85
C VAL B 324 0.25 1.74 2.67
N GLU B 325 -0.72 0.87 2.43
CA GLU B 325 -1.72 1.12 1.39
C GLU B 325 -3.11 1.10 1.99
N VAL B 326 -3.71 2.29 2.08
CA VAL B 326 -5.00 2.48 2.74
C VAL B 326 -6.18 1.97 1.91
N ASN B 327 -6.72 0.82 2.30
CA ASN B 327 -7.86 0.24 1.61
C ASN B 327 -9.13 0.35 2.43
N TRP B 328 -9.04 1.03 3.57
CA TRP B 328 -10.15 1.09 4.50
C TRP B 328 -10.80 2.47 4.62
N ILE B 329 -10.29 3.45 3.89
CA ILE B 329 -10.85 4.80 3.98
C ILE B 329 -11.21 5.42 2.63
N LYS B 330 -12.45 5.87 2.53
CA LYS B 330 -12.96 6.59 1.35
C LYS B 330 -14.35 7.16 1.66
N PRO C 5 -5.88 14.13 -9.75
CA PRO C 5 -5.11 13.79 -8.55
C PRO C 5 -3.62 14.03 -8.73
N MET C 6 -3.27 14.99 -9.58
CA MET C 6 -1.86 15.29 -9.87
C MET C 6 -1.21 16.17 -8.80
N ILE C 7 0.01 15.81 -8.44
CA ILE C 7 0.78 16.54 -7.43
C ILE C 7 1.95 17.26 -8.11
N CYS C 8 2.10 18.55 -7.83
CA CYS C 8 3.11 19.36 -8.51
C CYS C 8 4.24 19.84 -7.61
N LEU C 9 5.44 19.91 -8.19
CA LEU C 9 6.62 20.42 -7.50
C LEU C 9 6.97 21.82 -8.00
N GLY C 10 6.94 22.79 -7.10
CA GLY C 10 7.20 24.18 -7.45
C GLY C 10 8.60 24.65 -7.10
N LEU C 11 9.16 25.48 -7.98
CA LEU C 11 10.49 26.03 -7.76
C LEU C 11 10.44 27.56 -7.76
N GLU C 12 10.75 28.15 -6.61
CA GLU C 12 10.79 29.60 -6.47
C GLU C 12 12.22 30.09 -6.34
N GLY C 13 12.66 30.89 -7.31
CA GLY C 13 14.02 31.40 -7.27
C GLY C 13 14.18 32.79 -7.87
N THR C 14 13.20 33.64 -7.63
CA THR C 14 13.31 35.04 -8.01
C THR C 14 13.93 35.79 -6.84
N ALA C 15 14.70 36.83 -7.14
CA ALA C 15 15.40 37.60 -6.12
C ALA C 15 16.29 36.72 -5.25
N GLU C 16 16.32 37.02 -3.95
CA GLU C 16 17.25 36.34 -3.03
C GLU C 16 16.79 35.02 -2.42
N LYS C 17 15.47 34.81 -2.31
CA LYS C 17 15.00 33.63 -1.60
C LYS C 17 14.73 32.42 -2.50
N THR C 18 15.37 31.31 -2.16
CA THR C 18 15.15 30.03 -2.84
C THR C 18 14.11 29.22 -2.09
N GLY C 19 13.12 28.70 -2.81
CA GLY C 19 12.04 27.97 -2.19
C GLY C 19 11.58 26.78 -2.99
N VAL C 20 11.24 25.70 -2.29
CA VAL C 20 10.76 24.49 -2.92
C VAL C 20 9.45 24.04 -2.27
N GLY C 21 8.43 23.82 -3.09
CA GLY C 21 7.12 23.44 -2.58
C GLY C 21 6.48 22.28 -3.33
N ILE C 22 5.66 21.53 -2.62
CA ILE C 22 4.93 20.40 -3.21
C ILE C 22 3.47 20.44 -2.77
N VAL C 23 2.58 20.69 -3.72
CA VAL C 23 1.15 20.73 -3.43
C VAL C 23 0.37 19.79 -4.35
N THR C 24 -0.82 19.41 -3.93
CA THR C 24 -1.67 18.50 -4.71
C THR C 24 -2.66 19.28 -5.57
N SER C 25 -3.48 18.55 -6.32
CA SER C 25 -4.52 19.16 -7.14
C SER C 25 -5.47 19.97 -6.27
N ASP C 26 -5.70 19.48 -5.05
CA ASP C 26 -6.49 20.21 -4.06
C ASP C 26 -5.60 21.20 -3.33
N GLY C 27 -6.17 21.88 -2.33
CA GLY C 27 -5.45 22.93 -1.62
C GLY C 27 -4.38 22.42 -0.68
N GLU C 28 -4.20 21.11 -0.63
CA GLU C 28 -3.29 20.47 0.31
C GLU C 28 -1.82 20.70 -0.04
N VAL C 29 -1.04 21.13 0.96
CA VAL C 29 0.40 21.37 0.78
C VAL C 29 1.26 20.28 1.42
N LEU C 30 1.91 19.48 0.59
CA LEU C 30 2.71 18.35 1.07
C LEU C 30 4.08 18.78 1.59
N PHE C 31 4.68 19.78 0.97
CA PHE C 31 6.02 20.23 1.34
C PHE C 31 6.23 21.70 1.01
N ASN C 32 6.93 22.40 1.89
CA ASN C 32 7.26 23.81 1.68
C ASN C 32 8.40 24.26 2.58
N LYS C 33 9.52 24.64 1.95
CA LYS C 33 10.66 25.15 2.70
C LYS C 33 11.42 26.18 1.86
N THR C 34 11.80 27.28 2.51
CA THR C 34 12.51 28.37 1.83
C THR C 34 13.77 28.76 2.59
N ILE C 35 14.84 29.03 1.84
CA ILE C 35 16.11 29.41 2.44
C ILE C 35 16.47 30.83 2.00
N MET C 36 16.93 31.64 2.94
CA MET C 36 17.22 33.04 2.67
C MET C 36 18.67 33.26 2.26
N TYR C 37 18.99 34.51 1.91
CA TYR C 37 20.32 34.89 1.46
C TYR C 37 20.83 36.12 2.18
N ASN C 45 26.45 41.32 -6.82
CA ASN C 45 25.32 40.93 -5.98
C ASN C 45 24.27 40.11 -6.75
N PRO C 46 23.82 40.60 -7.92
CA PRO C 46 22.87 39.75 -8.66
C PRO C 46 23.52 38.43 -9.09
N ARG C 47 24.80 38.51 -9.43
CA ARG C 47 25.58 37.34 -9.83
C ARG C 47 25.80 36.41 -8.65
N GLU C 48 26.01 37.00 -7.48
CA GLU C 48 26.28 36.23 -6.27
C GLU C 48 25.01 35.56 -5.74
N ALA C 49 23.88 36.23 -5.92
CA ALA C 49 22.60 35.69 -5.50
C ALA C 49 22.29 34.43 -6.29
N ALA C 50 22.63 34.44 -7.58
CA ALA C 50 22.44 33.29 -8.45
C ALA C 50 23.26 32.10 -7.96
N ASP C 51 24.47 32.37 -7.48
CA ASP C 51 25.32 31.33 -6.93
C ASP C 51 24.70 30.70 -5.69
N HIS C 52 24.00 31.51 -4.90
CA HIS C 52 23.32 31.01 -3.71
C HIS C 52 22.19 30.07 -4.11
N HIS C 53 21.45 30.45 -5.15
CA HIS C 53 20.36 29.62 -5.67
C HIS C 53 20.91 28.29 -6.21
N ALA C 54 22.05 28.37 -6.89
CA ALA C 54 22.67 27.19 -7.49
C ALA C 54 23.14 26.19 -6.43
N GLU C 55 23.43 26.69 -5.24
CA GLU C 55 23.88 25.86 -4.14
C GLU C 55 22.71 25.35 -3.29
N THR C 56 21.70 26.21 -3.12
CA THR C 56 20.58 25.91 -2.23
C THR C 56 19.57 24.96 -2.86
N PHE C 57 19.27 25.16 -4.13
CA PHE C 57 18.29 24.34 -4.84
C PHE C 57 18.51 22.82 -4.74
N PRO C 58 19.76 22.34 -4.95
CA PRO C 58 19.93 20.89 -4.85
C PRO C 58 19.64 20.33 -3.45
N LYS C 59 19.99 21.09 -2.42
CA LYS C 59 19.77 20.65 -1.04
C LYS C 59 18.28 20.56 -0.71
N LEU C 60 17.52 21.56 -1.15
CA LEU C 60 16.10 21.61 -0.89
C LEU C 60 15.33 20.53 -1.65
N ILE C 61 15.75 20.26 -2.88
CA ILE C 61 15.10 19.23 -3.69
C ILE C 61 15.31 17.85 -3.08
N LYS C 62 16.52 17.61 -2.57
CA LYS C 62 16.81 16.37 -1.85
C LYS C 62 15.93 16.24 -0.62
N GLU C 63 15.82 17.33 0.14
CA GLU C 63 15.00 17.36 1.35
C GLU C 63 13.53 17.18 1.00
N ALA C 64 13.12 17.72 -0.14
CA ALA C 64 11.74 17.61 -0.59
C ALA C 64 11.41 16.19 -1.01
N PHE C 65 12.40 15.51 -1.59
CA PHE C 65 12.21 14.15 -2.07
C PHE C 65 12.23 13.11 -0.93
N GLU C 66 12.60 13.56 0.27
CA GLU C 66 12.58 12.69 1.43
C GLU C 66 11.20 12.71 2.09
N VAL C 67 10.49 13.83 1.96
CA VAL C 67 9.13 13.94 2.47
C VAL C 67 8.16 13.30 1.48
N VAL C 68 8.31 13.66 0.21
CA VAL C 68 7.49 13.08 -0.85
C VAL C 68 8.38 12.47 -1.92
N ASP C 69 8.15 11.19 -2.22
CA ASP C 69 8.94 10.49 -3.22
C ASP C 69 8.76 11.10 -4.61
N LYS C 70 9.86 11.14 -5.36
CA LYS C 70 9.90 11.79 -6.68
C LYS C 70 8.91 11.18 -7.67
N ASN C 71 8.49 9.95 -7.41
CA ASN C 71 7.57 9.24 -8.30
C ASN C 71 6.18 9.87 -8.36
N GLU C 72 5.81 10.60 -7.31
CA GLU C 72 4.48 11.20 -7.22
C GLU C 72 4.41 12.60 -7.84
N ILE C 73 5.49 13.01 -8.49
CA ILE C 73 5.50 14.31 -9.17
C ILE C 73 4.98 14.18 -10.60
N ASP C 74 3.89 14.88 -10.89
CA ASP C 74 3.28 14.82 -12.22
C ASP C 74 3.62 16.07 -13.01
N LEU C 75 3.89 17.16 -12.30
CA LEU C 75 4.16 18.44 -12.95
C LEU C 75 5.27 19.20 -12.22
N ILE C 76 6.07 19.94 -12.98
CA ILE C 76 7.14 20.76 -12.41
C ILE C 76 6.94 22.22 -12.80
N ALA C 77 6.62 23.05 -11.81
CA ALA C 77 6.40 24.46 -12.05
C ALA C 77 7.54 25.30 -11.50
N PHE C 78 7.82 26.41 -12.17
CA PHE C 78 8.89 27.30 -11.73
C PHE C 78 8.53 28.75 -11.99
N SER C 79 9.06 29.64 -11.16
CA SER C 79 8.88 31.07 -11.37
C SER C 79 9.66 31.53 -12.61
N GLN C 80 8.93 31.84 -13.68
CA GLN C 80 9.56 32.24 -14.93
C GLN C 80 9.90 33.72 -14.90
N GLY C 81 9.30 34.43 -13.94
CA GLY C 81 9.50 35.86 -13.81
C GLY C 81 8.24 36.53 -13.30
N PRO C 82 8.30 37.84 -13.04
CA PRO C 82 9.49 38.70 -13.20
C PRO C 82 10.49 38.55 -12.06
N GLY C 83 11.71 39.02 -12.26
CA GLY C 83 12.72 38.94 -11.23
C GLY C 83 14.12 39.28 -11.73
N LEU C 84 15.12 38.96 -10.91
CA LEU C 84 16.51 39.23 -11.26
C LEU C 84 16.98 38.27 -12.36
N GLY C 85 17.77 38.79 -13.29
CA GLY C 85 18.27 38.02 -14.41
C GLY C 85 18.94 36.71 -14.05
N PRO C 86 20.16 36.79 -13.47
CA PRO C 86 20.97 35.60 -13.16
C PRO C 86 20.27 34.63 -12.20
N SER C 87 19.41 35.14 -11.33
CA SER C 87 18.67 34.28 -10.40
C SER C 87 17.64 33.44 -11.15
N LEU C 88 16.92 34.08 -12.07
CA LEU C 88 15.89 33.40 -12.85
C LEU C 88 16.48 32.33 -13.76
N ARG C 89 17.72 32.52 -14.18
CA ARG C 89 18.38 31.59 -15.10
C ARG C 89 18.70 30.29 -14.38
N VAL C 90 19.16 30.40 -13.14
CA VAL C 90 19.45 29.23 -12.32
C VAL C 90 18.17 28.46 -12.04
N THR C 91 17.12 29.20 -11.66
CA THR C 91 15.81 28.62 -11.40
C THR C 91 15.29 27.89 -12.63
N ALA C 92 15.36 28.55 -13.77
CA ALA C 92 14.90 27.96 -15.03
C ALA C 92 15.70 26.72 -15.38
N THR C 93 17.03 26.81 -15.30
CA THR C 93 17.91 25.70 -15.62
C THR C 93 17.64 24.49 -14.72
N VAL C 94 17.50 24.74 -13.42
CA VAL C 94 17.18 23.70 -12.46
C VAL C 94 15.80 23.10 -12.76
N ALA C 95 14.86 23.95 -13.14
CA ALA C 95 13.50 23.54 -13.43
C ALA C 95 13.43 22.53 -14.57
N ARG C 96 14.11 22.83 -15.67
CA ARG C 96 14.06 21.95 -16.84
C ARG C 96 15.05 20.79 -16.71
N THR C 97 16.01 20.91 -15.81
CA THR C 97 16.88 19.78 -15.49
C THR C 97 16.03 18.67 -14.89
N LEU C 98 15.15 19.06 -13.97
CA LEU C 98 14.19 18.15 -13.37
C LEU C 98 13.19 17.63 -14.41
N SER C 99 12.75 18.53 -15.28
CA SER C 99 11.74 18.20 -16.30
C SER C 99 12.23 17.11 -17.24
N LEU C 100 13.50 17.16 -17.60
CA LEU C 100 14.09 16.15 -18.47
C LEU C 100 14.39 14.87 -17.70
N THR C 101 14.75 15.01 -16.42
CA THR C 101 15.08 13.87 -15.58
C THR C 101 13.85 13.09 -15.19
N LEU C 102 12.88 13.76 -14.57
CA LEU C 102 11.66 13.10 -14.13
C LEU C 102 10.75 12.78 -15.30
N LYS C 103 11.08 13.32 -16.47
CA LYS C 103 10.30 13.12 -17.69
C LYS C 103 8.84 13.50 -17.50
N LYS C 104 8.62 14.68 -16.93
CA LYS C 104 7.29 15.20 -16.68
C LYS C 104 7.18 16.60 -17.29
N PRO C 105 5.95 17.05 -17.61
CA PRO C 105 5.80 18.37 -18.22
C PRO C 105 6.26 19.50 -17.31
N ILE C 106 6.54 20.65 -17.93
CA ILE C 106 7.00 21.82 -17.18
C ILE C 106 6.12 23.02 -17.55
N ILE C 107 5.89 23.90 -16.58
CA ILE C 107 5.04 25.06 -16.80
C ILE C 107 5.68 26.34 -16.25
N GLY C 108 5.71 27.38 -17.06
CA GLY C 108 6.24 28.67 -16.66
C GLY C 108 5.20 29.48 -15.90
N VAL C 109 5.58 29.94 -14.72
CA VAL C 109 4.65 30.59 -13.81
C VAL C 109 5.04 32.02 -13.52
N ASN C 110 4.08 32.93 -13.59
CA ASN C 110 4.32 34.32 -13.23
C ASN C 110 4.40 34.49 -11.72
N HIS C 111 5.45 35.17 -11.26
CA HIS C 111 5.69 35.33 -9.84
C HIS C 111 4.57 36.09 -9.14
N CYS C 112 4.19 37.24 -9.70
CA CYS C 112 3.21 38.12 -9.09
C CYS C 112 1.82 37.48 -9.02
N ILE C 113 1.47 36.70 -10.04
CA ILE C 113 0.17 36.04 -10.07
C ILE C 113 0.14 34.89 -9.06
N ALA C 114 1.30 34.25 -8.87
CA ALA C 114 1.43 33.17 -7.91
C ALA C 114 1.13 33.63 -6.49
N HIS C 115 1.49 34.87 -6.18
CA HIS C 115 1.21 35.46 -4.87
C HIS C 115 -0.29 35.63 -4.63
N ILE C 116 -1.01 36.02 -5.67
CA ILE C 116 -2.44 36.27 -5.56
C ILE C 116 -3.25 34.97 -5.44
N GLU C 117 -2.94 34.00 -6.30
CA GLU C 117 -3.71 32.76 -6.33
C GLU C 117 -3.43 31.87 -5.11
N ILE C 118 -2.21 31.94 -4.58
CA ILE C 118 -1.91 31.24 -3.33
C ILE C 118 -2.61 31.97 -2.19
N GLY C 119 -2.99 33.21 -2.46
CA GLY C 119 -3.74 34.03 -1.52
C GLY C 119 -5.19 33.64 -1.51
N LYS C 120 -5.75 33.34 -2.69
CA LYS C 120 -7.13 32.89 -2.78
C LYS C 120 -7.27 31.54 -2.09
N LEU C 121 -6.20 30.76 -2.12
CA LEU C 121 -6.11 29.55 -1.33
C LEU C 121 -5.71 29.94 0.09
N THR C 122 -6.03 29.11 1.07
CA THR C 122 -5.76 29.36 2.49
C THR C 122 -6.46 30.60 3.04
N THR C 123 -7.25 31.26 2.20
CA THR C 123 -8.11 32.36 2.65
C THR C 123 -9.46 32.27 1.96
N GLU C 124 -10.43 33.04 2.46
CA GLU C 124 -11.78 33.02 1.90
C GLU C 124 -11.91 33.95 0.69
N ALA C 125 -10.80 34.53 0.26
CA ALA C 125 -10.79 35.45 -0.88
C ALA C 125 -11.25 34.79 -2.17
N GLU C 126 -12.22 35.41 -2.83
CA GLU C 126 -12.74 34.90 -4.10
C GLU C 126 -12.36 35.83 -5.25
N ASP C 127 -12.79 37.09 -5.15
CA ASP C 127 -12.39 38.11 -6.12
C ASP C 127 -12.00 39.39 -5.37
N PRO C 128 -10.82 39.39 -4.75
CA PRO C 128 -10.37 40.50 -3.92
C PRO C 128 -9.59 41.57 -4.68
N LEU C 129 -9.40 42.72 -4.07
CA LEU C 129 -8.42 43.68 -4.54
C LEU C 129 -7.12 43.43 -3.80
N THR C 130 -6.11 42.96 -4.52
CA THR C 130 -4.88 42.50 -3.89
C THR C 130 -3.84 43.60 -3.77
N LEU C 131 -3.28 43.74 -2.58
CA LEU C 131 -2.17 44.67 -2.36
C LEU C 131 -0.87 43.91 -2.26
N TYR C 132 -0.08 43.95 -3.34
CA TYR C 132 1.19 43.24 -3.39
C TYR C 132 2.30 44.11 -2.79
N VAL C 133 2.83 43.68 -1.66
CA VAL C 133 3.88 44.43 -0.99
C VAL C 133 5.10 43.53 -0.74
N SER C 134 6.05 43.56 -1.67
CA SER C 134 7.20 42.67 -1.61
C SER C 134 8.49 43.44 -1.39
N GLY C 135 9.60 42.70 -1.30
CA GLY C 135 10.91 43.31 -1.16
C GLY C 135 11.36 44.03 -2.42
N GLY C 136 10.79 43.62 -3.56
CA GLY C 136 11.13 44.24 -4.83
C GLY C 136 9.90 44.69 -5.60
N ASN C 137 8.73 44.49 -5.01
CA ASN C 137 7.47 44.83 -5.67
C ASN C 137 6.51 45.60 -4.77
N THR C 138 5.78 46.53 -5.36
CA THR C 138 4.71 47.23 -4.67
C THR C 138 3.64 47.61 -5.69
N GLN C 139 2.57 46.82 -5.73
CA GLN C 139 1.54 46.98 -6.75
C GLN C 139 0.15 46.77 -6.17
N VAL C 140 -0.84 47.33 -6.86
CA VAL C 140 -2.24 47.05 -6.55
C VAL C 140 -2.84 46.30 -7.73
N ILE C 141 -3.08 45.00 -7.54
CA ILE C 141 -3.52 44.15 -8.63
C ILE C 141 -4.94 43.64 -8.40
N ALA C 142 -5.79 43.78 -9.41
CA ALA C 142 -7.14 43.23 -9.36
C ALA C 142 -7.46 42.51 -10.66
N TYR C 143 -8.36 41.54 -10.58
CA TYR C 143 -8.79 40.81 -11.76
C TYR C 143 -9.96 41.53 -12.42
N VAL C 144 -9.68 42.24 -13.50
CA VAL C 144 -10.69 43.07 -14.16
C VAL C 144 -10.63 42.89 -15.67
N SER C 145 -11.80 42.68 -16.27
CA SER C 145 -11.94 42.46 -17.70
C SER C 145 -11.13 41.25 -18.15
N LYS C 146 -11.34 40.13 -17.45
CA LYS C 146 -10.79 38.83 -17.84
C LYS C 146 -9.26 38.79 -17.86
N LYS C 147 -8.62 39.76 -17.21
CA LYS C 147 -7.17 39.76 -17.11
C LYS C 147 -6.70 40.41 -15.81
N TYR C 148 -5.55 39.96 -15.30
CA TYR C 148 -4.95 40.55 -14.11
C TYR C 148 -4.19 41.82 -14.44
N ARG C 149 -4.67 42.94 -13.91
CA ARG C 149 -4.10 44.25 -14.26
C ARG C 149 -3.61 45.02 -13.03
N VAL C 150 -2.55 45.80 -13.23
CA VAL C 150 -2.00 46.64 -12.17
C VAL C 150 -2.63 48.03 -12.21
N PHE C 151 -3.48 48.31 -11.23
CA PHE C 151 -4.21 49.57 -11.18
C PHE C 151 -3.38 50.66 -10.52
N GLY C 152 -2.61 50.28 -9.51
CA GLY C 152 -1.73 51.20 -8.83
C GLY C 152 -0.43 50.53 -8.43
N GLU C 153 0.68 51.22 -8.59
CA GLU C 153 1.97 50.67 -8.25
C GLU C 153 2.92 51.76 -7.77
N THR C 154 4.10 51.34 -7.32
CA THR C 154 5.07 52.29 -6.79
C THR C 154 5.90 52.94 -7.89
N LEU C 155 6.14 54.24 -7.72
CA LEU C 155 7.24 54.87 -8.43
C LEU C 155 8.48 54.56 -7.61
N ASP C 156 9.66 54.83 -8.17
CA ASP C 156 10.94 54.50 -7.54
C ASP C 156 10.97 53.08 -6.94
N ILE C 157 11.27 52.95 -5.66
CA ILE C 157 11.47 51.63 -5.03
C ILE C 157 10.22 51.05 -4.35
N ALA C 158 10.34 49.80 -3.92
CA ALA C 158 9.29 49.07 -3.22
C ALA C 158 9.33 49.27 -1.70
N VAL C 159 8.22 49.02 -1.03
CA VAL C 159 8.15 49.18 0.43
C VAL C 159 9.08 48.22 1.15
N GLY C 160 9.16 46.99 0.65
CA GLY C 160 10.06 45.99 1.19
C GLY C 160 11.50 46.45 1.10
N ASN C 161 11.84 47.05 -0.03
CA ASN C 161 13.19 47.57 -0.25
C ASN C 161 13.50 48.78 0.62
N CYS C 162 12.48 49.61 0.87
CA CYS C 162 12.66 50.80 1.69
C CYS C 162 13.00 50.45 3.13
N LEU C 163 12.36 49.41 3.65
CA LEU C 163 12.60 48.96 5.02
C LEU C 163 13.94 48.25 5.15
N ASP C 164 14.31 47.49 4.12
CA ASP C 164 15.58 46.79 4.10
C ASP C 164 16.75 47.77 4.00
N GLN C 165 16.62 48.73 3.09
CA GLN C 165 17.68 49.71 2.85
C GLN C 165 17.90 50.59 4.08
N PHE C 166 16.82 50.83 4.84
CA PHE C 166 16.91 51.60 6.07
C PHE C 166 17.52 50.76 7.19
N ALA C 167 17.17 49.47 7.20
CA ALA C 167 17.65 48.56 8.24
C ALA C 167 19.17 48.41 8.16
N ARG C 168 19.66 48.14 6.95
CA ARG C 168 21.09 47.96 6.72
C ARG C 168 21.84 49.29 6.79
N TYR C 169 21.10 50.39 6.92
CA TYR C 169 21.71 51.69 7.10
C TYR C 169 21.99 51.93 8.58
N VAL C 170 21.05 51.51 9.41
CA VAL C 170 21.20 51.65 10.87
C VAL C 170 21.78 50.39 11.48
N ASN C 171 22.45 49.59 10.64
CA ASN C 171 23.14 48.37 11.07
C ASN C 171 22.20 47.34 11.70
N LEU C 172 21.15 46.97 10.96
CA LEU C 172 20.22 45.94 11.39
C LEU C 172 20.26 44.76 10.42
N PRO C 173 19.86 43.56 10.88
CA PRO C 173 19.82 42.37 10.02
C PRO C 173 19.01 42.60 8.75
N HIS C 174 19.30 41.83 7.70
CA HIS C 174 18.73 42.07 6.37
C HIS C 174 17.20 42.02 6.35
N PRO C 175 16.57 41.00 6.97
CA PRO C 175 15.12 41.11 7.03
C PRO C 175 14.70 42.16 8.05
N GLY C 176 14.90 43.43 7.71
CA GLY C 176 14.74 44.50 8.67
C GLY C 176 13.31 44.73 9.10
N GLY C 177 12.39 44.31 8.24
CA GLY C 177 10.96 44.48 8.48
C GLY C 177 10.49 44.15 9.89
N PRO C 178 10.65 42.89 10.31
CA PRO C 178 10.25 42.49 11.66
C PRO C 178 10.96 43.26 12.76
N TYR C 179 12.27 43.47 12.61
CA TYR C 179 13.06 44.15 13.62
C TYR C 179 12.66 45.62 13.74
N ILE C 180 12.31 46.22 12.62
CA ILE C 180 11.81 47.60 12.61
C ILE C 180 10.42 47.64 13.23
N GLU C 181 9.62 46.61 12.95
CA GLU C 181 8.27 46.52 13.49
C GLU C 181 8.29 46.43 15.01
N GLU C 182 9.26 45.67 15.54
CA GLU C 182 9.42 45.54 16.98
C GLU C 182 9.81 46.87 17.59
N LEU C 183 10.80 47.53 16.99
CA LEU C 183 11.27 48.83 17.45
C LEU C 183 10.18 49.90 17.32
N ALA C 184 9.30 49.73 16.35
CA ALA C 184 8.24 50.70 16.10
C ALA C 184 7.28 50.80 17.28
N ARG C 185 7.12 49.69 18.00
CA ARG C 185 6.23 49.64 19.14
C ARG C 185 6.77 50.51 20.28
N LYS C 186 8.09 50.51 20.41
CA LYS C 186 8.78 51.22 21.49
C LYS C 186 8.79 52.74 21.31
N GLY C 187 8.56 53.20 20.08
CA GLY C 187 8.72 54.61 19.76
C GLY C 187 7.83 55.65 20.42
N LYS C 188 6.58 55.74 19.96
CA LYS C 188 5.59 56.66 20.51
C LYS C 188 5.99 58.13 20.34
N LYS C 189 6.51 58.47 19.16
CA LYS C 189 6.69 59.87 18.77
C LYS C 189 6.85 59.97 17.26
N LEU C 190 5.98 60.74 16.62
CA LEU C 190 6.02 60.84 15.17
C LEU C 190 7.16 61.76 14.70
N VAL C 191 7.90 61.30 13.70
CA VAL C 191 8.97 62.08 13.12
C VAL C 191 8.50 62.73 11.82
N ASP C 192 8.97 63.93 11.52
CA ASP C 192 8.58 64.62 10.30
C ASP C 192 9.10 63.88 9.08
N LEU C 193 8.19 63.25 8.34
CA LEU C 193 8.55 62.50 7.14
C LEU C 193 7.64 62.88 5.99
N PRO C 194 8.12 62.74 4.75
CA PRO C 194 7.31 63.11 3.58
C PRO C 194 6.20 62.10 3.29
N TYR C 195 4.98 62.60 3.11
CA TYR C 195 3.83 61.76 2.78
C TYR C 195 3.58 61.82 1.28
N THR C 196 4.09 60.84 0.54
CA THR C 196 4.05 60.91 -0.91
C THR C 196 3.11 59.90 -1.57
N VAL C 197 1.92 60.36 -1.96
CA VAL C 197 0.98 59.55 -2.72
C VAL C 197 0.37 60.38 -3.84
N LYS C 198 0.41 59.85 -5.07
CA LYS C 198 -0.20 60.53 -6.20
C LYS C 198 -1.24 59.62 -6.84
N GLY C 199 -2.50 59.94 -6.60
CA GLY C 199 -3.59 59.14 -7.12
C GLY C 199 -3.61 57.77 -6.47
N MET C 200 -3.21 56.76 -7.22
CA MET C 200 -3.14 55.39 -6.71
C MET C 200 -1.71 54.88 -6.64
N ASP C 201 -0.74 55.77 -6.86
CA ASP C 201 0.67 55.40 -6.83
C ASP C 201 1.38 55.92 -5.58
N ILE C 202 2.42 55.21 -5.14
CA ILE C 202 3.21 55.66 -4.00
C ILE C 202 4.68 55.82 -4.38
N ALA C 203 5.42 56.58 -3.57
CA ALA C 203 6.85 56.75 -3.73
C ALA C 203 7.52 56.66 -2.36
N PHE C 204 8.53 55.81 -2.24
CA PHE C 204 9.19 55.60 -0.95
C PHE C 204 10.63 56.10 -0.90
N SER C 205 11.15 56.54 -2.03
CA SER C 205 12.52 57.05 -2.07
C SER C 205 12.67 58.32 -1.25
N GLY C 206 11.69 59.22 -1.37
CA GLY C 206 11.68 60.45 -0.61
C GLY C 206 11.51 60.15 0.86
N LEU C 207 10.68 59.16 1.16
CA LEU C 207 10.42 58.75 2.54
C LEU C 207 11.67 58.16 3.19
N LEU C 208 12.42 57.40 2.41
CA LEU C 208 13.60 56.70 2.91
C LEU C 208 14.73 57.66 3.31
N THR C 209 15.16 58.49 2.37
CA THR C 209 16.26 59.43 2.58
C THR C 209 16.01 60.33 3.79
N ALA C 210 14.77 60.74 3.98
CA ALA C 210 14.41 61.60 5.10
C ALA C 210 14.40 60.82 6.41
N ALA C 211 14.13 59.52 6.33
CA ALA C 211 14.09 58.67 7.51
C ALA C 211 15.47 58.47 8.11
N MET C 212 16.47 58.29 7.24
CA MET C 212 17.84 58.11 7.69
C MET C 212 18.50 59.44 8.04
N ARG C 213 18.00 60.53 7.46
CA ARG C 213 18.45 61.86 7.83
C ARG C 213 18.05 62.18 9.26
N ALA C 214 16.88 61.69 9.65
CA ALA C 214 16.40 61.88 11.02
C ALA C 214 17.24 61.06 11.98
N TYR C 215 17.85 60.00 11.46
CA TYR C 215 18.76 59.17 12.23
C TYR C 215 20.08 59.92 12.44
N ASP C 216 20.54 60.58 11.38
CA ASP C 216 21.74 61.39 11.45
C ASP C 216 21.49 62.63 12.30
N ALA C 217 20.25 63.10 12.33
CA ALA C 217 19.87 64.26 13.11
C ALA C 217 20.00 63.95 14.61
N GLY C 218 19.87 62.68 14.96
CA GLY C 218 20.05 62.24 16.32
C GLY C 218 18.76 61.79 16.97
N GLU C 219 17.67 61.80 16.21
CA GLU C 219 16.40 61.34 16.74
C GLU C 219 16.42 59.83 16.94
N ARG C 220 15.81 59.38 18.02
CA ARG C 220 15.87 57.98 18.42
C ARG C 220 15.26 57.01 17.39
N LEU C 221 15.94 55.89 17.20
CA LEU C 221 15.57 54.89 16.21
C LEU C 221 14.17 54.36 16.45
N GLU C 222 13.77 54.25 17.71
CA GLU C 222 12.45 53.79 18.07
C GLU C 222 11.36 54.70 17.48
N ASP C 223 11.59 56.01 17.55
CA ASP C 223 10.65 56.98 17.02
C ASP C 223 10.59 56.97 15.50
N ILE C 224 11.74 56.79 14.86
CA ILE C 224 11.80 56.75 13.40
C ILE C 224 11.13 55.49 12.86
N CYS C 225 11.40 54.35 13.48
CA CYS C 225 10.78 53.09 13.10
C CYS C 225 9.26 53.18 13.24
N TYR C 226 8.82 53.78 14.34
CA TYR C 226 7.40 54.04 14.55
C TYR C 226 6.85 54.94 13.45
N SER C 227 7.57 56.02 13.16
CA SER C 227 7.14 57.00 12.18
C SER C 227 7.21 56.47 10.76
N LEU C 228 8.27 55.72 10.46
CA LEU C 228 8.45 55.16 9.12
C LEU C 228 7.32 54.20 8.79
N GLN C 229 6.86 53.42 9.77
CA GLN C 229 5.75 52.52 9.57
C GLN C 229 4.44 53.28 9.37
N GLU C 230 4.17 54.21 10.29
CA GLU C 230 2.93 54.99 10.25
C GLU C 230 2.76 55.72 8.92
N TYR C 231 3.81 56.38 8.45
CA TYR C 231 3.73 57.11 7.19
C TYR C 231 3.56 56.17 6.00
N ALA C 232 4.44 55.17 5.91
CA ALA C 232 4.43 54.24 4.78
C ALA C 232 3.13 53.46 4.67
N PHE C 233 2.65 52.94 5.80
CA PHE C 233 1.46 52.11 5.81
C PHE C 233 0.20 52.94 5.59
N SER C 234 0.24 54.21 5.97
CA SER C 234 -0.86 55.13 5.70
C SER C 234 -0.96 55.37 4.20
N MET C 235 0.20 55.54 3.58
CA MET C 235 0.28 55.70 2.13
C MET C 235 -0.25 54.46 1.41
N LEU C 236 0.08 53.30 1.96
CA LEU C 236 -0.39 52.02 1.42
C LEU C 236 -1.90 51.86 1.60
N THR C 237 -2.40 52.22 2.77
CA THR C 237 -3.82 52.12 3.08
C THR C 237 -4.63 53.04 2.19
N GLU C 238 -4.06 54.20 1.86
CA GLU C 238 -4.76 55.20 1.06
C GLU C 238 -5.01 54.72 -0.36
N ILE C 239 -3.96 54.27 -1.05
CA ILE C 239 -4.09 53.83 -2.43
C ILE C 239 -4.91 52.54 -2.55
N THR C 240 -4.95 51.78 -1.46
CA THR C 240 -5.75 50.56 -1.42
C THR C 240 -7.23 50.93 -1.36
N GLU C 241 -7.55 51.94 -0.55
CA GLU C 241 -8.92 52.41 -0.41
C GLU C 241 -9.44 53.01 -1.71
N ARG C 242 -8.58 53.76 -2.39
CA ARG C 242 -8.94 54.38 -3.66
C ARG C 242 -9.15 53.34 -4.74
N ALA C 243 -8.25 52.37 -4.80
CA ALA C 243 -8.34 51.28 -5.77
C ALA C 243 -9.58 50.43 -5.53
N LEU C 244 -9.92 50.24 -4.26
CA LEU C 244 -11.10 49.47 -3.89
C LEU C 244 -12.37 50.07 -4.48
N ALA C 245 -12.43 51.40 -4.50
CA ALA C 245 -13.58 52.11 -5.06
C ALA C 245 -13.50 52.14 -6.58
N HIS C 246 -12.27 52.10 -7.10
CA HIS C 246 -12.03 52.18 -8.54
C HIS C 246 -12.38 50.87 -9.25
N THR C 247 -12.32 49.76 -8.51
CA THR C 247 -12.53 48.44 -9.09
C THR C 247 -13.85 47.81 -8.66
N ASN C 248 -14.47 48.41 -7.64
CA ASN C 248 -15.74 47.93 -7.09
C ASN C 248 -15.69 46.48 -6.63
N LYS C 249 -14.60 46.11 -5.95
CA LYS C 249 -14.47 44.79 -5.37
C LYS C 249 -15.08 44.77 -3.97
N GLY C 250 -15.31 43.58 -3.44
CA GLY C 250 -15.91 43.44 -2.12
C GLY C 250 -14.95 42.88 -1.11
N GLU C 251 -13.73 42.58 -1.57
CA GLU C 251 -12.70 42.03 -0.69
C GLU C 251 -11.34 42.69 -0.96
N VAL C 252 -10.48 42.67 0.04
CA VAL C 252 -9.12 43.19 -0.12
C VAL C 252 -8.13 42.17 0.44
N MET C 253 -7.15 41.80 -0.38
CA MET C 253 -6.15 40.82 0.03
C MET C 253 -4.78 41.45 0.14
N LEU C 254 -4.00 41.00 1.13
CA LEU C 254 -2.65 41.50 1.34
C LEU C 254 -1.62 40.40 1.19
N VAL C 255 -0.86 40.44 0.09
CA VAL C 255 0.18 39.44 -0.14
C VAL C 255 1.56 40.10 -0.20
N GLY C 256 2.60 39.28 -0.19
CA GLY C 256 3.97 39.76 -0.16
C GLY C 256 4.58 39.51 1.21
N GLY C 257 5.88 39.68 1.33
CA GLY C 257 6.56 39.43 2.59
C GLY C 257 6.19 40.42 3.67
N VAL C 258 5.86 41.63 3.27
CA VAL C 258 5.53 42.69 4.22
C VAL C 258 4.10 42.54 4.74
N ALA C 259 3.38 41.57 4.20
CA ALA C 259 2.04 41.26 4.67
C ALA C 259 2.06 40.68 6.09
N ALA C 260 3.25 40.26 6.52
CA ALA C 260 3.43 39.72 7.86
C ALA C 260 3.41 40.81 8.93
N ASN C 261 3.47 42.06 8.50
CA ASN C 261 3.46 43.19 9.44
C ASN C 261 2.11 43.40 10.09
N ASN C 262 2.08 43.35 11.41
CA ASN C 262 0.84 43.48 12.18
C ASN C 262 0.23 44.88 12.13
N ARG C 263 1.10 45.90 12.06
CA ARG C 263 0.62 47.28 12.04
C ARG C 263 -0.09 47.58 10.73
N LEU C 264 0.47 47.10 9.62
CA LEU C 264 -0.14 47.26 8.31
C LEU C 264 -1.48 46.54 8.22
N ARG C 265 -1.53 45.32 8.75
CA ARG C 265 -2.76 44.53 8.82
C ARG C 265 -3.86 45.27 9.57
N GLU C 266 -3.48 45.87 10.70
CA GLU C 266 -4.43 46.62 11.53
C GLU C 266 -5.08 47.76 10.76
N MET C 267 -4.25 48.51 10.04
CA MET C 267 -4.68 49.67 9.29
C MET C 267 -5.63 49.29 8.15
N LEU C 268 -5.31 48.19 7.48
CA LEU C 268 -6.08 47.75 6.32
C LEU C 268 -7.43 47.16 6.73
N LYS C 269 -7.44 46.38 7.81
CA LYS C 269 -8.68 45.80 8.31
C LYS C 269 -9.65 46.88 8.76
N ALA C 270 -9.10 47.96 9.32
CA ALA C 270 -9.90 49.11 9.72
C ALA C 270 -10.49 49.80 8.48
N MET C 271 -9.66 49.94 7.45
CA MET C 271 -10.09 50.53 6.19
C MET C 271 -11.17 49.69 5.54
N CYS C 272 -11.01 48.38 5.59
CA CYS C 272 -11.97 47.46 4.98
C CYS C 272 -13.28 47.46 5.76
N GLU C 273 -13.18 47.45 7.08
CA GLU C 273 -14.35 47.48 7.94
C GLU C 273 -15.05 48.83 7.82
N GLY C 274 -14.29 49.84 7.43
CA GLY C 274 -14.82 51.17 7.23
C GLY C 274 -15.58 51.25 5.92
N GLN C 275 -15.13 50.49 4.93
CA GLN C 275 -15.76 50.47 3.62
C GLN C 275 -16.66 49.25 3.48
N ASN C 276 -16.96 48.61 4.60
CA ASN C 276 -17.86 47.46 4.65
C ASN C 276 -17.46 46.35 3.69
N VAL C 277 -16.17 46.03 3.66
CA VAL C 277 -15.66 44.95 2.82
C VAL C 277 -14.79 44.00 3.63
N ASP C 278 -14.59 42.79 3.11
CA ASP C 278 -13.83 41.77 3.82
C ASP C 278 -12.32 41.96 3.60
N PHE C 279 -11.54 41.46 4.55
CA PHE C 279 -10.09 41.59 4.50
C PHE C 279 -9.40 40.26 4.78
N TYR C 280 -8.58 39.79 3.84
CA TYR C 280 -7.93 38.49 3.97
C TYR C 280 -6.41 38.57 3.87
N VAL C 281 -5.72 37.85 4.74
CA VAL C 281 -4.27 37.71 4.68
C VAL C 281 -3.86 36.26 4.84
N PRO C 282 -3.07 35.75 3.88
CA PRO C 282 -2.58 34.37 3.94
C PRO C 282 -1.73 34.14 5.19
N PRO C 283 -1.50 32.87 5.57
CA PRO C 283 -0.56 32.59 6.65
C PRO C 283 0.81 33.19 6.36
N LYS C 284 1.55 33.53 7.41
CA LYS C 284 2.84 34.21 7.27
C LYS C 284 3.81 33.46 6.35
N GLU C 285 3.69 32.14 6.35
CA GLU C 285 4.57 31.29 5.55
C GLU C 285 4.31 31.41 4.05
N PHE C 286 3.11 31.85 3.68
CA PHE C 286 2.73 31.94 2.27
C PHE C 286 2.72 33.38 1.80
N CYS C 287 3.00 34.30 2.70
CA CYS C 287 3.04 35.72 2.37
C CYS C 287 4.27 36.04 1.53
N GLY C 288 5.45 35.67 2.04
CA GLY C 288 6.70 35.91 1.34
C GLY C 288 6.93 34.93 0.20
N ASP C 289 8.07 35.06 -0.46
CA ASP C 289 8.44 34.16 -1.56
C ASP C 289 8.53 32.72 -1.06
N ASN C 290 7.87 31.82 -1.80
CA ASN C 290 7.88 30.40 -1.45
C ASN C 290 7.65 29.51 -2.67
N GLY C 291 8.09 28.26 -2.57
CA GLY C 291 7.94 27.33 -3.68
C GLY C 291 6.53 26.78 -3.81
N ALA C 292 5.74 26.93 -2.75
CA ALA C 292 4.38 26.40 -2.72
C ALA C 292 3.46 27.15 -3.67
N MET C 293 3.62 28.47 -3.73
CA MET C 293 2.74 29.31 -4.55
C MET C 293 2.97 29.10 -6.04
N ILE C 294 4.20 28.76 -6.40
CA ILE C 294 4.55 28.51 -7.80
C ILE C 294 3.95 27.17 -8.23
N ALA C 295 4.00 26.19 -7.33
CA ALA C 295 3.43 24.87 -7.57
C ALA C 295 1.93 24.95 -7.79
N TRP C 296 1.26 25.78 -6.99
CA TRP C 296 -0.19 25.89 -7.03
C TRP C 296 -0.68 26.53 -8.32
N LEU C 297 -0.03 27.62 -8.74
CA LEU C 297 -0.44 28.33 -9.93
C LEU C 297 -0.13 27.54 -11.19
N GLY C 298 1.02 26.86 -11.19
CA GLY C 298 1.39 25.98 -12.29
C GLY C 298 0.37 24.88 -12.43
N LEU C 299 -0.10 24.39 -11.28
CA LEU C 299 -1.14 23.36 -11.26
C LEU C 299 -2.47 23.95 -11.76
N LEU C 300 -2.75 25.19 -11.40
CA LEU C 300 -3.98 25.86 -11.81
C LEU C 300 -4.06 26.03 -13.33
N MET C 301 -2.96 26.45 -13.93
CA MET C 301 -2.92 26.68 -15.37
C MET C 301 -2.96 25.37 -16.14
N HIS C 302 -2.21 24.38 -15.68
CA HIS C 302 -2.08 23.11 -16.38
C HIS C 302 -3.37 22.30 -16.29
N LYS C 303 -4.02 22.36 -15.13
CA LYS C 303 -5.30 21.65 -14.94
C LYS C 303 -6.37 22.21 -15.87
N ASN C 304 -6.25 23.49 -16.20
CA ASN C 304 -7.18 24.13 -17.12
C ASN C 304 -6.69 24.07 -18.57
N GLY C 305 -5.60 23.35 -18.80
CA GLY C 305 -5.16 23.05 -20.16
C GLY C 305 -4.04 23.91 -20.70
N ARG C 306 -2.98 24.10 -19.91
CA ARG C 306 -1.82 24.84 -20.38
C ARG C 306 -0.55 23.99 -20.47
N TRP C 307 -0.06 23.82 -21.69
CA TRP C 307 1.21 23.13 -21.95
C TRP C 307 2.28 24.04 -22.54
N MET C 308 3.52 23.88 -22.08
CA MET C 308 4.64 24.59 -22.67
C MET C 308 5.79 23.62 -22.96
N SER C 309 6.41 23.79 -24.13
CA SER C 309 7.59 22.99 -24.46
C SER C 309 8.81 23.63 -23.81
N LEU C 310 9.96 22.97 -23.93
CA LEU C 310 11.17 23.44 -23.25
C LEU C 310 11.66 24.78 -23.80
N ASP C 311 11.45 25.01 -25.09
CA ASP C 311 11.89 26.25 -25.74
C ASP C 311 11.01 27.43 -25.36
N GLU C 312 9.93 27.16 -24.62
CA GLU C 312 9.04 28.20 -24.13
C GLU C 312 9.34 28.55 -22.68
N THR C 313 10.43 28.02 -22.16
CA THR C 313 10.76 28.16 -20.75
C THR C 313 11.93 29.10 -20.51
N LYS C 314 12.23 29.93 -21.50
CA LYS C 314 13.25 30.97 -21.33
C LYS C 314 12.75 32.00 -20.32
N ILE C 315 13.69 32.63 -19.62
CA ILE C 315 13.34 33.57 -18.56
C ILE C 315 12.65 34.84 -19.05
N ILE C 316 11.78 35.40 -18.21
CA ILE C 316 11.10 36.65 -18.50
C ILE C 316 11.32 37.60 -17.33
N PRO C 317 12.46 38.30 -17.32
CA PRO C 317 12.87 39.18 -16.22
C PRO C 317 11.85 40.26 -15.89
N ASN C 318 11.12 40.72 -16.89
CA ASN C 318 10.10 41.75 -16.70
C ASN C 318 8.71 41.25 -17.11
N TYR C 319 8.26 40.17 -16.48
CA TYR C 319 6.97 39.58 -16.80
C TYR C 319 5.85 40.49 -16.27
N ARG C 320 5.08 41.05 -17.19
CA ARG C 320 3.98 41.94 -16.82
C ARG C 320 2.73 41.17 -16.41
N THR C 321 1.95 41.77 -15.52
CA THR C 321 0.79 41.10 -14.94
C THR C 321 -0.30 40.82 -15.97
N ASP C 322 -0.47 41.72 -16.94
CA ASP C 322 -1.49 41.55 -17.95
C ASP C 322 -0.96 40.77 -19.17
N MET C 323 0.26 40.30 -19.07
CA MET C 323 0.86 39.54 -20.15
C MET C 323 0.55 38.04 -20.02
N VAL C 324 -0.03 37.68 -18.88
CA VAL C 324 -0.45 36.30 -18.66
C VAL C 324 -1.85 36.07 -19.25
N GLU C 325 -2.22 34.81 -19.42
CA GLU C 325 -3.56 34.49 -19.89
C GLU C 325 -4.28 33.58 -18.90
N VAL C 326 -5.24 34.15 -18.18
CA VAL C 326 -5.96 33.45 -17.13
C VAL C 326 -7.02 32.49 -17.70
N ASN C 327 -6.72 31.20 -17.64
CA ASN C 327 -7.64 30.19 -18.15
C ASN C 327 -8.35 29.42 -17.04
N TRP C 328 -8.12 29.85 -15.80
CA TRP C 328 -8.68 29.16 -14.64
C TRP C 328 -9.74 30.00 -13.96
N ILE C 329 -9.99 31.19 -14.53
CA ILE C 329 -10.97 32.18 -14.08
C ILE C 329 -11.91 31.76 -12.94
N ARG D 10 -33.79 1.00 -27.24
CA ARG D 10 -33.06 0.01 -26.47
C ARG D 10 -33.96 -0.68 -25.45
N VAL D 11 -33.40 -1.69 -24.77
CA VAL D 11 -34.12 -2.41 -23.73
C VAL D 11 -33.42 -2.27 -22.37
N GLN D 12 -34.15 -1.75 -21.39
CA GLN D 12 -33.57 -1.49 -20.08
C GLN D 12 -34.30 -2.27 -18.99
N ALA D 13 -33.58 -2.56 -17.92
CA ALA D 13 -34.15 -3.30 -16.79
C ALA D 13 -33.49 -2.89 -15.48
N LYS D 14 -34.26 -2.97 -14.40
CA LYS D 14 -33.74 -2.67 -13.07
C LYS D 14 -34.23 -3.72 -12.09
N ILE D 15 -33.32 -4.53 -11.59
CA ILE D 15 -33.66 -5.62 -10.68
C ILE D 15 -33.14 -5.36 -9.27
N GLU D 16 -34.00 -5.62 -8.29
CA GLU D 16 -33.63 -5.42 -6.89
C GLU D 16 -33.80 -6.72 -6.10
N ILE D 17 -32.77 -7.08 -5.33
CA ILE D 17 -32.84 -8.28 -4.51
C ILE D 17 -32.57 -7.93 -3.06
N GLU D 18 -33.63 -7.95 -2.25
CA GLU D 18 -33.54 -7.62 -0.83
C GLU D 18 -33.12 -8.83 -0.01
N PHE D 19 -32.39 -8.58 1.07
CA PHE D 19 -31.91 -9.65 1.93
C PHE D 19 -32.38 -9.47 3.38
N PRO D 20 -32.49 -10.58 4.14
CA PRO D 20 -32.89 -10.56 5.55
C PRO D 20 -32.04 -9.63 6.41
N SER D 21 -30.72 -9.76 6.30
CA SER D 21 -29.81 -8.91 7.08
C SER D 21 -28.88 -8.11 6.19
N GLU D 22 -28.34 -7.02 6.73
CA GLU D 22 -27.42 -6.17 5.99
C GLU D 22 -26.10 -6.89 5.76
N ASP D 23 -25.73 -7.75 6.70
CA ASP D 23 -24.49 -8.51 6.63
C ASP D 23 -24.54 -9.56 5.52
N VAL D 24 -25.69 -10.21 5.38
CA VAL D 24 -25.89 -11.21 4.35
C VAL D 24 -25.79 -10.59 2.97
N ALA D 25 -26.32 -9.38 2.85
CA ALA D 25 -26.27 -8.63 1.59
C ALA D 25 -24.84 -8.37 1.17
N LYS D 26 -23.99 -8.01 2.13
CA LYS D 26 -22.59 -7.73 1.88
C LYS D 26 -21.83 -8.95 1.39
N VAL D 27 -22.09 -10.10 2.01
CA VAL D 27 -21.42 -11.34 1.68
C VAL D 27 -21.69 -11.78 0.24
N VAL D 28 -22.96 -11.80 -0.15
CA VAL D 28 -23.34 -12.16 -1.51
C VAL D 28 -22.75 -11.18 -2.50
N TYR D 29 -22.90 -9.89 -2.20
CA TYR D 29 -22.41 -8.82 -3.07
C TYR D 29 -20.91 -8.93 -3.32
N GLU D 30 -20.14 -9.12 -2.25
CA GLU D 30 -18.69 -9.22 -2.36
C GLU D 30 -18.25 -10.45 -3.15
N ALA D 31 -18.96 -11.55 -2.98
CA ALA D 31 -18.65 -12.79 -3.68
C ALA D 31 -18.91 -12.67 -5.18
N VAL D 32 -20.04 -12.07 -5.54
CA VAL D 32 -20.45 -11.89 -6.93
C VAL D 32 -19.64 -10.78 -7.61
N LEU D 33 -19.25 -9.78 -6.84
CA LEU D 33 -18.57 -8.58 -7.36
C LEU D 33 -17.38 -8.90 -8.25
N TYR D 34 -16.62 -9.94 -7.90
CA TYR D 34 -15.40 -10.25 -8.62
C TYR D 34 -15.72 -10.89 -9.97
N GLU D 35 -16.94 -11.40 -10.10
CA GLU D 35 -17.37 -11.97 -11.38
C GLU D 35 -17.90 -10.83 -12.24
N HIS D 36 -18.28 -9.74 -11.59
CA HIS D 36 -18.79 -8.56 -12.28
C HIS D 36 -17.62 -7.82 -12.92
N LEU D 37 -16.42 -8.07 -12.39
CA LEU D 37 -15.22 -7.43 -12.89
C LEU D 37 -14.41 -8.42 -13.72
N SER D 38 -14.89 -9.67 -13.75
CA SER D 38 -14.23 -10.72 -14.51
C SER D 38 -14.76 -10.80 -15.93
N VAL D 39 -15.61 -9.85 -16.30
CA VAL D 39 -16.20 -9.85 -17.63
C VAL D 39 -15.46 -8.91 -18.56
N PRO D 40 -14.72 -9.47 -19.55
CA PRO D 40 -14.02 -8.65 -20.53
C PRO D 40 -14.97 -8.17 -21.63
N TYR D 41 -15.85 -9.04 -22.09
CA TYR D 41 -16.77 -8.72 -23.17
C TYR D 41 -18.21 -8.96 -22.72
N ARG D 42 -19.01 -7.90 -22.70
CA ARG D 42 -20.36 -8.00 -22.19
C ARG D 42 -21.39 -7.86 -23.31
N ARG D 43 -22.50 -8.57 -23.20
CA ARG D 43 -23.58 -8.49 -24.18
C ARG D 43 -24.52 -7.33 -23.88
N SER D 44 -24.35 -6.71 -22.71
CA SER D 44 -25.17 -5.56 -22.31
C SER D 44 -24.54 -4.81 -21.15
N GLU D 45 -24.81 -3.51 -21.05
CA GLU D 45 -24.21 -2.69 -20.00
C GLU D 45 -24.89 -2.89 -18.65
N ILE D 46 -24.07 -3.12 -17.62
CA ILE D 46 -24.59 -3.45 -16.29
C ILE D 46 -23.94 -2.63 -15.18
N ASP D 47 -24.76 -2.21 -14.22
CA ASP D 47 -24.30 -1.56 -13.01
C ASP D 47 -24.68 -2.40 -11.80
N PHE D 48 -23.67 -2.92 -11.12
CA PHE D 48 -23.88 -3.86 -10.02
C PHE D 48 -23.49 -3.24 -8.69
N LYS D 49 -24.49 -2.71 -7.99
CA LYS D 49 -24.26 -1.93 -6.77
C LYS D 49 -25.03 -2.47 -5.56
N LEU D 50 -24.59 -2.07 -4.37
CA LEU D 50 -25.22 -2.49 -3.12
C LEU D 50 -25.77 -1.32 -2.31
N GLU D 51 -27.08 -1.33 -2.07
CA GLU D 51 -27.72 -0.30 -1.25
C GLU D 51 -28.46 -0.91 -0.06
N GLY D 52 -27.84 -0.84 1.11
CA GLY D 52 -28.44 -1.37 2.33
C GLY D 52 -28.59 -2.88 2.34
N LYS D 53 -29.82 -3.35 2.52
CA LYS D 53 -30.07 -4.79 2.59
C LYS D 53 -30.40 -5.38 1.23
N LYS D 54 -30.34 -4.56 0.19
CA LYS D 54 -30.68 -5.04 -1.15
C LYS D 54 -29.57 -4.79 -2.16
N ILE D 55 -29.48 -5.69 -3.13
CA ILE D 55 -28.51 -5.56 -4.22
C ILE D 55 -29.23 -5.06 -5.46
N ILE D 56 -28.77 -3.93 -5.99
CA ILE D 56 -29.41 -3.33 -7.15
C ILE D 56 -28.70 -3.81 -8.41
N LEU D 57 -29.48 -4.09 -9.44
CA LEU D 57 -28.94 -4.56 -10.70
C LEU D 57 -29.56 -3.74 -11.84
N ASP D 58 -28.82 -2.75 -12.33
CA ASP D 58 -29.31 -1.86 -13.37
C ASP D 58 -28.72 -2.22 -14.74
N ILE D 59 -29.54 -2.83 -15.59
CA ILE D 59 -29.08 -3.29 -16.90
C ILE D 59 -29.74 -2.55 -18.06
N LYS D 60 -28.93 -2.16 -19.04
CA LYS D 60 -29.43 -1.53 -20.27
C LYS D 60 -28.83 -2.23 -21.48
N ALA D 61 -29.69 -2.80 -22.32
CA ALA D 61 -29.24 -3.62 -23.44
C ALA D 61 -29.73 -3.11 -24.79
N THR D 62 -29.25 -3.73 -25.86
CA THR D 62 -29.67 -3.40 -27.21
C THR D 62 -30.98 -4.08 -27.56
N ASP D 63 -31.02 -5.41 -27.40
CA ASP D 63 -32.20 -6.19 -27.72
C ASP D 63 -32.61 -7.09 -26.54
N SER D 64 -33.74 -7.77 -26.69
CA SER D 64 -34.27 -8.61 -25.62
C SER D 64 -33.37 -9.81 -25.32
N SER D 65 -32.78 -10.38 -26.37
CA SER D 65 -31.92 -11.55 -26.22
C SER D 65 -30.65 -11.21 -25.45
N ALA D 66 -30.15 -9.99 -25.63
CA ALA D 66 -28.95 -9.54 -24.95
C ALA D 66 -29.19 -9.34 -23.45
N LEU D 67 -30.39 -8.85 -23.12
CA LEU D 67 -30.76 -8.64 -21.73
C LEU D 67 -30.93 -9.96 -20.98
N ARG D 68 -31.47 -10.96 -21.67
CA ARG D 68 -31.73 -12.25 -21.07
C ARG D 68 -30.44 -12.96 -20.67
N GLY D 69 -29.40 -12.82 -21.50
CA GLY D 69 -28.13 -13.47 -21.24
C GLY D 69 -27.43 -12.99 -19.98
N THR D 70 -27.43 -11.68 -19.76
CA THR D 70 -26.76 -11.10 -18.60
C THR D 70 -27.57 -11.27 -17.32
N VAL D 71 -28.89 -11.25 -17.45
CA VAL D 71 -29.76 -11.45 -16.30
C VAL D 71 -29.64 -12.89 -15.82
N ASN D 72 -29.65 -13.83 -16.78
CA ASN D 72 -29.45 -15.23 -16.46
C ASN D 72 -28.11 -15.47 -15.77
N SER D 73 -27.06 -14.82 -16.26
CA SER D 73 -25.73 -14.97 -15.71
C SER D 73 -25.62 -14.43 -14.29
N TYR D 74 -26.06 -13.19 -14.10
CA TYR D 74 -25.96 -12.53 -12.80
C TYR D 74 -26.85 -13.16 -11.74
N LEU D 75 -28.08 -13.47 -12.11
CA LEU D 75 -29.01 -14.11 -11.19
C LEU D 75 -28.56 -15.52 -10.84
N ARG D 76 -27.78 -16.14 -11.72
CA ARG D 76 -27.21 -17.45 -11.47
C ARG D 76 -26.15 -17.36 -10.37
N TRP D 77 -25.31 -16.34 -10.48
CA TRP D 77 -24.23 -16.13 -9.53
C TRP D 77 -24.78 -15.80 -8.17
N ILE D 78 -25.78 -14.92 -8.15
CA ILE D 78 -26.44 -14.51 -6.91
C ILE D 78 -27.16 -15.69 -6.28
N LYS D 79 -27.82 -16.49 -7.12
CA LYS D 79 -28.50 -17.70 -6.64
C LYS D 79 -27.52 -18.65 -5.99
N ALA D 80 -26.39 -18.86 -6.64
CA ALA D 80 -25.35 -19.74 -6.13
C ALA D 80 -24.79 -19.22 -4.81
N ALA D 81 -24.64 -17.91 -4.71
CA ALA D 81 -24.11 -17.29 -3.50
C ALA D 81 -25.05 -17.44 -2.30
N ILE D 82 -26.34 -17.16 -2.53
CA ILE D 82 -27.33 -17.23 -1.45
C ILE D 82 -27.52 -18.66 -0.96
N ASP D 83 -27.61 -19.59 -1.92
CA ASP D 83 -27.85 -21.00 -1.60
C ASP D 83 -26.74 -21.59 -0.74
N VAL D 84 -25.56 -21.01 -0.81
CA VAL D 84 -24.40 -21.45 -0.03
C VAL D 84 -24.44 -20.94 1.42
N ILE D 85 -24.79 -19.67 1.60
CA ILE D 85 -24.85 -19.08 2.94
C ILE D 85 -25.85 -19.85 3.80
N GLU D 86 -27.02 -20.14 3.24
CA GLU D 86 -28.02 -20.90 3.98
C GLU D 86 -27.61 -22.38 3.90
N VAL D 87 -27.85 -23.11 4.98
CA VAL D 87 -27.58 -24.55 5.04
C VAL D 87 -26.11 -24.86 4.75
N ARG E 10 -39.70 -8.55 -1.28
CA ARG E 10 -39.22 -9.78 -1.91
C ARG E 10 -38.13 -9.47 -2.93
N VAL E 11 -38.26 -10.04 -4.13
CA VAL E 11 -37.34 -9.74 -5.22
C VAL E 11 -38.14 -9.16 -6.40
N GLN E 12 -37.78 -7.94 -6.80
CA GLN E 12 -38.54 -7.23 -7.82
C GLN E 12 -37.72 -6.86 -9.05
N ALA E 13 -38.41 -6.69 -10.18
CA ALA E 13 -37.75 -6.32 -11.43
C ALA E 13 -38.67 -5.46 -12.31
N LYS E 14 -38.07 -4.56 -13.07
CA LYS E 14 -38.81 -3.72 -14.00
C LYS E 14 -38.11 -3.60 -15.35
N ILE E 15 -38.69 -4.17 -16.40
CA ILE E 15 -38.09 -4.14 -17.72
C ILE E 15 -38.88 -3.26 -18.68
N GLU E 16 -38.17 -2.42 -19.44
CA GLU E 16 -38.80 -1.55 -20.42
C GLU E 16 -38.21 -1.79 -21.80
N ILE E 17 -39.07 -1.96 -22.79
CA ILE E 17 -38.64 -2.24 -24.17
C ILE E 17 -39.22 -1.23 -25.17
N GLU E 18 -38.35 -0.39 -25.73
CA GLU E 18 -38.79 0.60 -26.71
C GLU E 18 -38.92 -0.03 -28.10
N PHE E 19 -39.89 0.45 -28.85
CA PHE E 19 -40.14 -0.03 -30.20
C PHE E 19 -40.13 1.13 -31.19
N PRO E 20 -39.86 0.85 -32.48
CA PRO E 20 -39.84 1.91 -33.50
C PRO E 20 -41.12 2.75 -33.52
N SER E 21 -42.26 2.08 -33.57
CA SER E 21 -43.55 2.78 -33.55
C SER E 21 -44.41 2.31 -32.39
N GLU E 22 -45.37 3.14 -32.00
CA GLU E 22 -46.30 2.79 -30.92
C GLU E 22 -47.22 1.68 -31.40
N ASP E 23 -47.46 1.63 -32.71
CA ASP E 23 -48.32 0.62 -33.30
C ASP E 23 -47.64 -0.75 -33.21
N VAL E 24 -46.33 -0.77 -33.39
CA VAL E 24 -45.55 -2.00 -33.28
C VAL E 24 -45.60 -2.54 -31.86
N ALA E 25 -45.56 -1.63 -30.89
CA ALA E 25 -45.64 -1.99 -29.48
C ALA E 25 -46.94 -2.71 -29.18
N LYS E 26 -48.03 -2.19 -29.76
CA LYS E 26 -49.35 -2.77 -29.57
C LYS E 26 -49.42 -4.19 -30.12
N VAL E 27 -48.83 -4.39 -31.29
CA VAL E 27 -48.84 -5.69 -31.95
C VAL E 27 -48.13 -6.73 -31.10
N VAL E 28 -46.92 -6.39 -30.65
CA VAL E 28 -46.14 -7.28 -29.80
C VAL E 28 -46.85 -7.54 -28.46
N TYR E 29 -47.33 -6.46 -27.84
CA TYR E 29 -48.01 -6.53 -26.55
C TYR E 29 -49.21 -7.47 -26.61
N GLU E 30 -50.05 -7.28 -27.62
CA GLU E 30 -51.24 -8.08 -27.81
C GLU E 30 -50.88 -9.52 -28.15
N ALA E 31 -49.80 -9.68 -28.91
CA ALA E 31 -49.35 -11.01 -29.32
C ALA E 31 -48.93 -11.87 -28.14
N VAL E 32 -48.19 -11.27 -27.20
CA VAL E 32 -47.74 -12.02 -26.04
C VAL E 32 -48.87 -12.25 -25.04
N LEU E 33 -49.67 -11.21 -24.82
CA LEU E 33 -50.73 -11.28 -23.82
C LEU E 33 -51.78 -12.34 -24.18
N TYR E 34 -52.16 -12.38 -25.45
CA TYR E 34 -53.25 -13.25 -25.89
C TYR E 34 -52.86 -14.70 -26.14
N GLU E 35 -51.62 -14.93 -26.55
CA GLU E 35 -51.14 -16.28 -26.82
C GLU E 35 -50.44 -16.97 -25.66
N HIS E 36 -50.63 -16.48 -24.44
CA HIS E 36 -49.95 -17.08 -23.29
C HIS E 36 -50.75 -16.93 -22.01
N LEU E 37 -51.79 -17.76 -21.87
CA LEU E 37 -52.64 -17.74 -20.70
C LEU E 37 -52.36 -18.92 -19.77
N SER E 44 -45.12 -16.39 -9.62
CA SER E 44 -44.72 -15.04 -9.22
C SER E 44 -45.71 -14.00 -9.70
N GLU E 45 -45.79 -12.89 -8.99
CA GLU E 45 -46.73 -11.81 -9.33
C GLU E 45 -46.18 -11.00 -10.49
N ILE E 46 -47.01 -10.78 -11.51
CA ILE E 46 -46.57 -10.10 -12.73
C ILE E 46 -47.50 -8.96 -13.14
N ASP E 47 -46.92 -7.84 -13.54
CA ASP E 47 -47.69 -6.73 -14.09
C ASP E 47 -47.21 -6.42 -15.50
N PHE E 48 -48.04 -6.72 -16.50
CA PHE E 48 -47.65 -6.59 -17.90
C PHE E 48 -48.52 -5.58 -18.64
N LYS E 49 -48.03 -4.34 -18.76
CA LYS E 49 -48.83 -3.26 -19.34
C LYS E 49 -48.14 -2.61 -20.53
N LEU E 50 -48.92 -1.88 -21.32
CA LEU E 50 -48.42 -1.20 -22.51
C LEU E 50 -48.52 0.32 -22.38
N GLU E 51 -47.39 1.00 -22.44
CA GLU E 51 -47.36 2.45 -22.35
C GLU E 51 -46.74 3.09 -23.58
N GLY E 52 -47.59 3.57 -24.49
CA GLY E 52 -47.13 4.24 -25.70
C GLY E 52 -46.35 3.31 -26.62
N LYS E 53 -45.13 3.71 -26.92
CA LYS E 53 -44.26 2.94 -27.81
C LYS E 53 -43.38 1.99 -27.00
N LYS E 54 -43.63 1.92 -25.70
CA LYS E 54 -42.83 1.08 -24.81
C LYS E 54 -43.69 0.04 -24.09
N ILE E 55 -43.13 -1.14 -23.87
CA ILE E 55 -43.80 -2.17 -23.10
C ILE E 55 -43.19 -2.29 -21.72
N ILE E 56 -43.99 -2.07 -20.69
CA ILE E 56 -43.49 -2.12 -19.32
C ILE E 56 -43.74 -3.50 -18.72
N LEU E 57 -42.75 -4.02 -17.99
CA LEU E 57 -42.89 -5.32 -17.36
C LEU E 57 -42.45 -5.28 -15.89
N ASP E 58 -43.42 -5.23 -14.99
CA ASP E 58 -43.13 -5.17 -13.56
C ASP E 58 -43.32 -6.54 -12.92
N ILE E 59 -42.22 -7.20 -12.58
CA ILE E 59 -42.29 -8.54 -12.02
C ILE E 59 -41.84 -8.57 -10.56
N LYS E 60 -42.61 -9.27 -9.73
CA LYS E 60 -42.27 -9.46 -8.34
C LYS E 60 -42.37 -10.95 -7.97
N ALA E 61 -41.26 -11.51 -7.54
CA ALA E 61 -41.17 -12.95 -7.28
C ALA E 61 -40.78 -13.20 -5.84
N THR E 62 -40.76 -14.47 -5.44
CA THR E 62 -40.35 -14.83 -4.08
C THR E 62 -38.84 -14.83 -3.96
N ASP E 63 -38.18 -15.57 -4.84
CA ASP E 63 -36.72 -15.66 -4.82
C ASP E 63 -36.15 -15.33 -6.19
N SER E 64 -34.82 -15.25 -6.28
CA SER E 64 -34.16 -14.88 -7.52
C SER E 64 -34.34 -15.92 -8.62
N SER E 65 -34.36 -17.20 -8.24
CA SER E 65 -34.54 -18.27 -9.22
C SER E 65 -35.93 -18.22 -9.84
N ALA E 66 -36.92 -17.82 -9.03
CA ALA E 66 -38.29 -17.69 -9.50
C ALA E 66 -38.44 -16.51 -10.45
N LEU E 67 -37.72 -15.43 -10.17
CA LEU E 67 -37.73 -14.25 -11.01
C LEU E 67 -37.07 -14.53 -12.36
N ARG E 68 -35.99 -15.30 -12.32
CA ARG E 68 -35.25 -15.61 -13.53
C ARG E 68 -36.09 -16.47 -14.48
N GLY E 69 -36.85 -17.40 -13.91
CA GLY E 69 -37.71 -18.26 -14.70
C GLY E 69 -38.81 -17.52 -15.43
N THR E 70 -39.46 -16.57 -14.76
CA THR E 70 -40.56 -15.81 -15.35
C THR E 70 -40.04 -14.75 -16.33
N VAL E 71 -38.86 -14.20 -16.05
CA VAL E 71 -38.25 -13.22 -16.95
C VAL E 71 -37.85 -13.90 -18.26
N ASN E 72 -37.27 -15.09 -18.15
CA ASN E 72 -36.91 -15.89 -19.31
C ASN E 72 -38.12 -16.16 -20.20
N SER E 73 -39.26 -16.44 -19.58
CA SER E 73 -40.48 -16.75 -20.31
C SER E 73 -40.97 -15.56 -21.12
N TYR E 74 -41.08 -14.40 -20.50
CA TYR E 74 -41.60 -13.21 -21.16
C TYR E 74 -40.66 -12.70 -22.25
N LEU E 75 -39.36 -12.68 -21.96
CA LEU E 75 -38.38 -12.23 -22.93
C LEU E 75 -38.30 -13.19 -24.12
N ARG E 76 -38.65 -14.45 -23.89
CA ARG E 76 -38.71 -15.43 -24.97
C ARG E 76 -39.89 -15.13 -25.89
N TRP E 77 -41.04 -14.86 -25.30
CA TRP E 77 -42.26 -14.57 -26.05
C TRP E 77 -42.16 -13.26 -26.84
N ILE E 78 -41.62 -12.23 -26.21
CA ILE E 78 -41.45 -10.93 -26.86
C ILE E 78 -40.48 -11.07 -28.03
N LYS E 79 -39.43 -11.85 -27.83
CA LYS E 79 -38.45 -12.11 -28.88
C LYS E 79 -39.12 -12.77 -30.09
N ALA E 80 -39.97 -13.75 -29.81
CA ALA E 80 -40.68 -14.47 -30.87
C ALA E 80 -41.63 -13.55 -31.65
N ALA E 81 -42.26 -12.61 -30.93
CA ALA E 81 -43.20 -11.68 -31.54
C ALA E 81 -42.50 -10.74 -32.52
N ILE E 82 -41.36 -10.21 -32.11
CA ILE E 82 -40.59 -9.28 -32.92
C ILE E 82 -40.05 -9.96 -34.19
N ASP E 83 -39.59 -11.20 -34.03
CA ASP E 83 -39.00 -11.95 -35.13
C ASP E 83 -39.97 -12.15 -36.28
N VAL E 84 -41.27 -12.10 -35.98
CA VAL E 84 -42.29 -12.22 -37.02
C VAL E 84 -42.41 -10.90 -37.76
N ILE E 85 -42.44 -9.81 -37.00
CA ILE E 85 -42.54 -8.47 -37.56
C ILE E 85 -41.34 -8.10 -38.44
N GLU E 86 -40.14 -8.35 -37.92
CA GLU E 86 -38.91 -8.01 -38.64
C GLU E 86 -38.48 -9.04 -39.69
N VAL E 87 -37.89 -8.55 -40.77
CA VAL E 87 -37.34 -9.40 -41.82
C VAL E 87 -36.01 -8.83 -42.31
N ARG F 10 36.90 -20.33 13.78
CA ARG F 10 37.54 -19.99 15.04
C ARG F 10 36.71 -20.50 16.22
N VAL F 11 35.46 -20.03 16.29
CA VAL F 11 34.52 -20.50 17.30
C VAL F 11 33.30 -21.13 16.62
N GLN F 12 33.05 -22.40 16.90
CA GLN F 12 31.96 -23.12 16.26
C GLN F 12 30.96 -23.66 17.29
N ALA F 13 29.72 -23.82 16.87
CA ALA F 13 28.67 -24.32 17.75
C ALA F 13 27.59 -25.10 17.00
N LYS F 14 27.01 -26.08 17.67
CA LYS F 14 25.90 -26.85 17.12
C LYS F 14 24.81 -27.04 18.16
N ILE F 15 23.66 -26.42 17.94
CA ILE F 15 22.56 -26.52 18.88
C ILE F 15 21.43 -27.34 18.26
N GLU F 16 20.91 -28.30 19.02
CA GLU F 16 19.82 -29.13 18.56
C GLU F 16 18.64 -29.09 19.51
N ILE F 17 17.45 -28.89 18.98
CA ILE F 17 16.25 -28.83 19.81
C ILE F 17 15.21 -29.85 19.33
N GLU F 18 15.06 -30.94 20.06
CA GLU F 18 14.10 -31.97 19.71
C GLU F 18 12.70 -31.63 20.25
N PHE F 19 11.69 -32.06 19.51
CA PHE F 19 10.31 -31.80 19.88
C PHE F 19 9.53 -33.11 20.01
N PRO F 20 8.45 -33.10 20.82
CA PRO F 20 7.61 -34.29 21.00
C PRO F 20 7.11 -34.87 19.68
N SER F 21 6.54 -34.02 18.82
CA SER F 21 6.06 -34.47 17.52
C SER F 21 6.71 -33.69 16.39
N GLU F 22 6.68 -34.28 15.20
CA GLU F 22 7.24 -33.67 14.00
C GLU F 22 6.45 -32.43 13.58
N ASP F 23 5.16 -32.41 13.90
CA ASP F 23 4.30 -31.29 13.52
C ASP F 23 4.67 -30.01 14.27
N VAL F 24 5.00 -30.14 15.55
CA VAL F 24 5.40 -29.00 16.36
C VAL F 24 6.72 -28.39 15.89
N ALA F 25 7.63 -29.25 15.45
CA ALA F 25 8.94 -28.80 14.99
C ALA F 25 8.86 -27.85 13.80
N LYS F 26 8.01 -28.18 12.82
CA LYS F 26 7.85 -27.34 11.64
C LYS F 26 7.24 -25.99 12.00
N VAL F 27 6.26 -26.00 12.90
CA VAL F 27 5.55 -24.79 13.30
C VAL F 27 6.50 -23.78 13.94
N VAL F 28 7.30 -24.24 14.89
CA VAL F 28 8.29 -23.40 15.54
C VAL F 28 9.31 -22.91 14.51
N TYR F 29 9.78 -23.83 13.69
CA TYR F 29 10.79 -23.56 12.68
C TYR F 29 10.37 -22.46 11.69
N GLU F 30 9.15 -22.55 11.16
CA GLU F 30 8.68 -21.57 10.18
C GLU F 30 8.53 -20.18 10.78
N ALA F 31 8.11 -20.10 12.04
CA ALA F 31 7.94 -18.82 12.70
C ALA F 31 9.27 -18.10 12.86
N VAL F 32 10.29 -18.86 13.25
CA VAL F 32 11.64 -18.33 13.47
C VAL F 32 12.35 -18.05 12.14
N LEU F 33 12.07 -18.88 11.13
CA LEU F 33 12.76 -18.83 9.84
C LEU F 33 12.77 -17.43 9.21
N TYR F 34 11.67 -16.71 9.34
CA TYR F 34 11.56 -15.41 8.67
C TYR F 34 12.37 -14.37 9.42
N GLU F 35 12.71 -14.67 10.67
CA GLU F 35 13.56 -13.78 11.44
C GLU F 35 15.00 -14.14 11.13
N HIS F 36 15.21 -15.37 10.64
CA HIS F 36 16.52 -15.84 10.24
C HIS F 36 16.91 -15.19 8.92
N LEU F 37 15.89 -14.75 8.17
CA LEU F 37 16.11 -14.11 6.88
C LEU F 37 15.91 -12.61 7.00
N SER F 38 15.51 -12.15 8.18
CA SER F 38 15.29 -10.74 8.42
C SER F 38 16.55 -10.05 8.95
N VAL F 39 17.65 -10.81 8.99
CA VAL F 39 18.91 -10.29 9.50
C VAL F 39 19.84 -9.84 8.36
N PRO F 40 20.06 -8.52 8.26
CA PRO F 40 20.98 -7.96 7.25
C PRO F 40 22.44 -8.05 7.71
N TYR F 41 22.67 -7.80 9.00
CA TYR F 41 24.01 -7.77 9.56
C TYR F 41 24.14 -8.74 10.73
N ARG F 42 25.04 -9.70 10.61
CA ARG F 42 25.16 -10.77 11.60
C ARG F 42 26.44 -10.64 12.43
N ARG F 43 26.37 -11.05 13.68
CA ARG F 43 27.55 -11.07 14.54
C ARG F 43 28.30 -12.38 14.31
N SER F 44 27.66 -13.30 13.60
CA SER F 44 28.24 -14.60 13.30
C SER F 44 27.46 -15.32 12.20
N GLU F 45 28.15 -16.22 11.49
CA GLU F 45 27.52 -16.98 10.41
C GLU F 45 26.64 -18.08 11.00
N ILE F 46 25.42 -18.19 10.49
CA ILE F 46 24.44 -19.10 11.07
C ILE F 46 23.79 -20.01 10.03
N ASP F 47 23.59 -21.27 10.39
CA ASP F 47 22.84 -22.21 9.56
C ASP F 47 21.62 -22.71 10.33
N PHE F 48 20.44 -22.32 9.88
CA PHE F 48 19.20 -22.63 10.60
C PHE F 48 18.30 -23.54 9.78
N LYS F 49 18.41 -24.85 10.04
CA LYS F 49 17.68 -25.84 9.25
C LYS F 49 16.83 -26.76 10.13
N LEU F 50 15.89 -27.45 9.50
CA LEU F 50 14.98 -28.36 10.20
C LEU F 50 15.18 -29.80 9.75
N GLU F 51 15.53 -30.67 10.69
CA GLU F 51 15.73 -32.08 10.40
C GLU F 51 14.79 -32.94 11.25
N GLY F 52 13.69 -33.37 10.65
CA GLY F 52 12.73 -34.21 11.35
C GLY F 52 12.06 -33.48 12.51
N LYS F 53 12.19 -34.04 13.71
CA LYS F 53 11.57 -33.44 14.90
C LYS F 53 12.52 -32.51 15.63
N LYS F 54 13.70 -32.28 15.07
CA LYS F 54 14.68 -31.42 15.74
C LYS F 54 15.09 -30.23 14.87
N ILE F 55 15.39 -29.12 15.52
CA ILE F 55 15.87 -27.93 14.84
C ILE F 55 17.37 -27.77 15.03
N ILE F 56 18.11 -27.76 13.93
CA ILE F 56 19.56 -27.68 13.98
C ILE F 56 20.06 -26.24 13.84
N LEU F 57 21.08 -25.90 14.61
CA LEU F 57 21.68 -24.57 14.56
C LEU F 57 23.20 -24.66 14.45
N ASP F 58 23.71 -24.47 13.24
CA ASP F 58 25.15 -24.54 13.02
C ASP F 58 25.72 -23.14 12.96
N ILE F 59 26.41 -22.75 14.04
CA ILE F 59 26.91 -21.39 14.14
C ILE F 59 28.43 -21.37 14.12
N LYS F 60 28.99 -20.44 13.36
CA LYS F 60 30.43 -20.26 13.31
C LYS F 60 30.77 -18.79 13.52
N ALA F 61 31.51 -18.50 14.60
CA ALA F 61 31.79 -17.11 14.96
C ALA F 61 33.28 -16.83 15.04
N THR F 62 33.63 -15.56 15.22
CA THR F 62 35.01 -15.14 15.39
C THR F 62 35.46 -15.34 16.83
N ASP F 63 34.70 -14.77 17.76
CA ASP F 63 35.01 -14.85 19.18
C ASP F 63 33.82 -15.35 19.97
N SER F 64 34.01 -15.56 21.27
CA SER F 64 32.97 -16.06 22.15
C SER F 64 31.82 -15.06 22.29
N SER F 65 32.15 -13.78 22.31
CA SER F 65 31.15 -12.72 22.45
C SER F 65 30.21 -12.67 21.24
N ALA F 66 30.75 -12.96 20.06
CA ALA F 66 29.96 -12.96 18.84
C ALA F 66 28.98 -14.13 18.81
N LEU F 67 29.42 -15.27 19.32
CA LEU F 67 28.57 -16.46 19.40
C LEU F 67 27.45 -16.28 20.42
N ARG F 68 27.77 -15.60 21.51
CA ARG F 68 26.81 -15.39 22.61
C ARG F 68 25.63 -14.54 22.17
N GLY F 69 25.91 -13.51 21.37
CA GLY F 69 24.89 -12.62 20.87
C GLY F 69 23.91 -13.34 19.97
N THR F 70 24.44 -14.21 19.13
CA THR F 70 23.63 -14.93 18.15
C THR F 70 22.80 -16.05 18.78
N VAL F 71 23.35 -16.71 19.79
CA VAL F 71 22.62 -17.76 20.48
C VAL F 71 21.46 -17.19 21.28
N ASN F 72 21.71 -16.10 22.00
CA ASN F 72 20.66 -15.42 22.75
C ASN F 72 19.50 -14.97 21.86
N SER F 73 19.84 -14.46 20.69
CA SER F 73 18.83 -13.97 19.75
C SER F 73 17.94 -15.09 19.24
N TYR F 74 18.57 -16.15 18.73
CA TYR F 74 17.82 -17.27 18.16
C TYR F 74 17.05 -18.06 19.21
N LEU F 75 17.69 -18.33 20.34
CA LEU F 75 17.03 -19.06 21.41
C LEU F 75 15.89 -18.26 22.02
N ARG F 76 15.94 -16.95 21.91
CA ARG F 76 14.84 -16.11 22.36
C ARG F 76 13.63 -16.32 21.46
N TRP F 77 13.89 -16.34 20.15
CA TRP F 77 12.83 -16.51 19.17
C TRP F 77 12.20 -17.89 19.27
N ILE F 78 13.05 -18.91 19.38
CA ILE F 78 12.58 -20.29 19.48
C ILE F 78 11.80 -20.51 20.78
N LYS F 79 12.32 -19.96 21.88
CA LYS F 79 11.62 -20.04 23.16
C LYS F 79 10.26 -19.36 23.09
N ALA F 80 10.23 -18.19 22.47
CA ALA F 80 8.99 -17.43 22.34
C ALA F 80 7.97 -18.21 21.52
N ALA F 81 8.45 -18.92 20.50
CA ALA F 81 7.58 -19.72 19.64
C ALA F 81 6.98 -20.88 20.43
N ILE F 82 7.82 -21.57 21.19
CA ILE F 82 7.37 -22.72 21.97
C ILE F 82 6.42 -22.28 23.08
N ASP F 83 6.75 -21.18 23.74
CA ASP F 83 5.96 -20.67 24.86
C ASP F 83 4.53 -20.32 24.46
N VAL F 84 4.33 -20.04 23.18
CA VAL F 84 3.00 -19.71 22.66
C VAL F 84 2.14 -20.96 22.47
N ILE F 85 2.72 -22.00 21.88
CA ILE F 85 2.01 -23.24 21.63
C ILE F 85 1.54 -23.89 22.94
N ARG G 10 14.35 -32.51 24.14
CA ARG G 10 15.73 -32.34 24.58
C ARG G 10 16.42 -31.18 23.85
N VAL G 11 17.20 -30.41 24.60
CA VAL G 11 17.99 -29.34 24.01
C VAL G 11 19.48 -29.58 24.27
N GLN G 12 20.24 -29.72 23.19
CA GLN G 12 21.66 -30.04 23.29
C GLN G 12 22.50 -28.97 22.60
N ALA G 13 23.75 -28.84 23.04
CA ALA G 13 24.67 -27.88 22.44
C ALA G 13 26.10 -28.37 22.50
N LYS G 14 26.88 -28.02 21.49
CA LYS G 14 28.30 -28.35 21.46
C LYS G 14 29.11 -27.18 20.94
N ILE G 15 29.89 -26.56 21.82
CA ILE G 15 30.69 -25.39 21.43
C ILE G 15 32.18 -25.72 21.44
N GLU G 16 32.88 -25.31 20.39
CA GLU G 16 34.33 -25.52 20.30
C GLU G 16 35.06 -24.20 20.09
N ILE G 17 36.10 -23.98 20.90
CA ILE G 17 36.90 -22.76 20.81
C ILE G 17 38.37 -23.10 20.63
N GLU G 18 38.91 -22.83 19.44
CA GLU G 18 40.31 -23.11 19.16
C GLU G 18 41.20 -21.99 19.68
N PHE G 19 42.39 -22.36 20.14
CA PHE G 19 43.34 -21.40 20.69
C PHE G 19 44.69 -21.49 19.97
N PRO G 20 45.47 -20.40 19.99
CA PRO G 20 46.79 -20.35 19.36
C PRO G 20 47.73 -21.48 19.82
N SER G 21 47.86 -21.66 21.13
CA SER G 21 48.72 -22.71 21.66
C SER G 21 47.93 -23.66 22.56
N GLU G 22 48.47 -24.86 22.77
CA GLU G 22 47.83 -25.85 23.62
C GLU G 22 47.87 -25.40 25.08
N ASP G 23 48.89 -24.61 25.43
CA ASP G 23 49.03 -24.08 26.78
C ASP G 23 47.95 -23.04 27.07
N VAL G 24 47.62 -22.25 26.06
CA VAL G 24 46.59 -21.22 26.18
C VAL G 24 45.24 -21.88 26.46
N ALA G 25 45.00 -23.01 25.79
CA ALA G 25 43.78 -23.77 25.99
C ALA G 25 43.70 -24.25 27.44
N LYS G 26 44.83 -24.72 27.95
CA LYS G 26 44.91 -25.22 29.32
C LYS G 26 44.64 -24.11 30.34
N VAL G 27 45.21 -22.93 30.09
CA VAL G 27 45.06 -21.81 31.00
C VAL G 27 43.60 -21.38 31.10
N VAL G 28 42.97 -21.21 29.95
CA VAL G 28 41.55 -20.83 29.89
C VAL G 28 40.68 -21.92 30.51
N TYR G 29 40.94 -23.17 30.14
CA TYR G 29 40.17 -24.31 30.63
C TYR G 29 40.18 -24.38 32.15
N GLU G 30 41.38 -24.32 32.73
CA GLU G 30 41.55 -24.39 34.18
C GLU G 30 40.96 -23.16 34.87
N ALA G 31 41.08 -22.01 34.22
CA ALA G 31 40.58 -20.75 34.78
C ALA G 31 39.06 -20.76 34.90
N VAL G 32 38.37 -21.24 33.87
CA VAL G 32 36.92 -21.26 33.89
C VAL G 32 36.40 -22.36 34.81
N LEU G 33 37.03 -23.52 34.74
CA LEU G 33 36.59 -24.68 35.50
C LEU G 33 36.63 -24.42 37.01
N TYR G 34 37.74 -23.85 37.47
CA TYR G 34 37.99 -23.70 38.89
C TYR G 34 37.36 -22.48 39.56
N GLU G 35 37.15 -21.42 38.79
CA GLU G 35 36.57 -20.19 39.35
C GLU G 35 35.05 -20.10 39.26
N HIS G 36 34.39 -21.23 39.03
CA HIS G 36 32.94 -21.23 38.90
C HIS G 36 32.34 -22.58 39.28
N LEU G 37 32.25 -22.83 40.59
CA LEU G 37 31.73 -24.09 41.09
C LEU G 37 30.32 -23.93 41.65
N SER G 38 29.41 -24.78 41.19
CA SER G 38 28.02 -24.75 41.66
C SER G 38 27.82 -25.67 42.86
N SER G 44 21.10 -28.17 34.73
CA SER G 44 21.29 -28.90 33.48
C SER G 44 22.60 -29.66 33.46
N GLU G 45 22.65 -30.76 32.71
CA GLU G 45 23.83 -31.60 32.62
C GLU G 45 24.88 -31.00 31.70
N ILE G 46 26.13 -30.93 32.18
CA ILE G 46 27.21 -30.30 31.43
C ILE G 46 28.46 -31.19 31.35
N ASP G 47 29.06 -31.25 30.17
CA ASP G 47 30.34 -31.93 30.00
C ASP G 47 31.37 -30.93 29.46
N PHE G 48 32.33 -30.58 30.30
CA PHE G 48 33.31 -29.55 29.96
C PHE G 48 34.73 -30.10 29.91
N LYS G 49 35.20 -30.43 28.70
CA LYS G 49 36.50 -31.08 28.55
C LYS G 49 37.48 -30.30 27.66
N LEU G 50 38.76 -30.64 27.78
CA LEU G 50 39.81 -30.01 26.99
C LEU G 50 40.50 -31.04 26.11
N GLU G 51 40.42 -30.84 24.79
CA GLU G 51 41.05 -31.75 23.85
C GLU G 51 42.06 -31.02 22.95
N GLY G 52 43.33 -31.17 23.28
CA GLY G 52 44.40 -30.56 22.50
C GLY G 52 44.41 -29.05 22.55
N LYS G 53 44.32 -28.43 21.37
CA LYS G 53 44.38 -26.98 21.28
C LYS G 53 43.00 -26.33 21.32
N LYS G 54 41.96 -27.14 21.48
CA LYS G 54 40.58 -26.65 21.50
C LYS G 54 39.83 -27.07 22.76
N ILE G 55 38.92 -26.21 23.21
CA ILE G 55 38.08 -26.52 24.36
C ILE G 55 36.66 -26.90 23.94
N ILE G 56 36.24 -28.11 24.28
CA ILE G 56 34.90 -28.60 23.91
C ILE G 56 33.91 -28.42 25.07
N LEU G 57 32.69 -28.02 24.74
CA LEU G 57 31.65 -27.82 25.74
C LEU G 57 30.33 -28.50 25.35
N ASP G 58 30.06 -29.64 25.97
CA ASP G 58 28.85 -30.42 25.68
C ASP G 58 27.78 -30.18 26.74
N ILE G 59 26.73 -29.46 26.37
CA ILE G 59 25.67 -29.11 27.32
C ILE G 59 24.36 -29.80 26.96
N LYS G 60 23.70 -30.35 27.98
CA LYS G 60 22.39 -30.99 27.82
C LYS G 60 21.41 -30.46 28.85
N ALA G 61 20.35 -29.82 28.38
CA ALA G 61 19.38 -29.16 29.25
C ALA G 61 17.96 -29.67 29.02
N THR G 62 17.03 -29.23 29.85
CA THR G 62 15.63 -29.59 29.71
C THR G 62 14.92 -28.73 28.66
N ASP G 63 15.02 -27.42 28.81
CA ASP G 63 14.36 -26.49 27.90
C ASP G 63 15.33 -25.45 27.35
N SER G 64 14.84 -24.64 26.40
CA SER G 64 15.66 -23.64 25.73
C SER G 64 16.13 -22.51 26.66
N SER G 65 15.27 -22.10 27.58
CA SER G 65 15.60 -21.01 28.50
C SER G 65 16.71 -21.42 29.45
N ALA G 66 16.71 -22.70 29.84
CA ALA G 66 17.74 -23.23 30.72
C ALA G 66 19.06 -23.36 29.97
N LEU G 67 18.97 -23.74 28.70
CA LEU G 67 20.14 -23.86 27.85
C LEU G 67 20.74 -22.49 27.55
N ARG G 68 19.88 -21.50 27.35
CA ARG G 68 20.34 -20.14 27.04
C ARG G 68 21.07 -19.56 28.24
N GLY G 69 20.56 -19.84 29.43
CA GLY G 69 21.15 -19.36 30.67
C GLY G 69 22.55 -19.88 30.94
N THR G 70 22.75 -21.17 30.71
CA THR G 70 24.04 -21.80 30.98
C THR G 70 25.08 -21.46 29.91
N VAL G 71 24.62 -21.28 28.68
CA VAL G 71 25.51 -20.90 27.59
C VAL G 71 26.02 -19.48 27.80
N ASN G 72 25.11 -18.58 28.20
CA ASN G 72 25.47 -17.21 28.53
C ASN G 72 26.52 -17.15 29.63
N SER G 73 26.37 -18.02 30.62
CA SER G 73 27.29 -18.06 31.75
C SER G 73 28.68 -18.49 31.31
N TYR G 74 28.76 -19.61 30.59
CA TYR G 74 30.04 -20.17 30.17
C TYR G 74 30.76 -19.27 29.16
N LEU G 75 30.02 -18.76 28.18
CA LEU G 75 30.61 -17.90 27.17
C LEU G 75 31.10 -16.57 27.78
N ARG G 76 30.49 -16.17 28.88
CA ARG G 76 30.94 -14.99 29.61
C ARG G 76 32.29 -15.29 30.29
N TRP G 77 32.37 -16.45 30.91
CA TRP G 77 33.57 -16.86 31.64
C TRP G 77 34.76 -17.08 30.72
N ILE G 78 34.52 -17.75 29.59
CA ILE G 78 35.57 -18.00 28.62
C ILE G 78 36.09 -16.70 28.04
N LYS G 79 35.18 -15.78 27.74
CA LYS G 79 35.55 -14.46 27.26
C LYS G 79 36.41 -13.72 28.28
N ALA G 80 36.00 -13.79 29.54
CA ALA G 80 36.70 -13.13 30.64
C ALA G 80 38.11 -13.71 30.83
N ALA G 81 38.24 -15.02 30.63
CA ALA G 81 39.52 -15.70 30.79
C ALA G 81 40.53 -15.24 29.74
N ILE G 82 40.07 -15.16 28.49
CA ILE G 82 40.91 -14.74 27.38
C ILE G 82 41.33 -13.28 27.54
N ASP G 83 40.38 -12.45 27.98
CA ASP G 83 40.58 -11.01 28.13
C ASP G 83 41.69 -10.69 29.12
N VAL G 84 41.98 -11.62 30.02
CA VAL G 84 43.05 -11.44 30.99
C VAL G 84 44.41 -11.65 30.33
N ILE G 85 44.49 -12.71 29.52
CA ILE G 85 45.72 -13.04 28.80
C ILE G 85 46.13 -11.94 27.83
N GLU G 86 45.16 -11.45 27.07
CA GLU G 86 45.40 -10.41 26.07
C GLU G 86 45.49 -9.02 26.70
N ARG H 10 40.50 40.66 -27.76
CA ARG H 10 41.75 39.95 -28.00
C ARG H 10 41.96 38.81 -27.01
N VAL H 11 40.89 38.41 -26.33
CA VAL H 11 40.96 37.27 -25.42
C VAL H 11 40.00 36.15 -25.82
N GLN H 12 40.56 34.97 -26.07
CA GLN H 12 39.79 33.82 -26.50
C GLN H 12 39.99 32.65 -25.52
N ALA H 13 39.00 31.77 -25.42
CA ALA H 13 39.11 30.63 -24.52
C ALA H 13 38.34 29.42 -25.05
N LYS H 14 38.85 28.22 -24.75
CA LYS H 14 38.17 26.99 -25.14
C LYS H 14 38.21 25.97 -24.01
N ILE H 15 37.04 25.71 -23.41
CA ILE H 15 36.93 24.77 -22.30
C ILE H 15 36.11 23.54 -22.71
N GLU H 16 36.55 22.36 -22.27
CA GLU H 16 35.87 21.11 -22.58
C GLU H 16 35.44 20.38 -21.30
N ILE H 17 34.20 19.91 -21.28
CA ILE H 17 33.66 19.24 -20.10
C ILE H 17 33.19 17.82 -20.40
N GLU H 18 33.95 16.84 -19.92
CA GLU H 18 33.61 15.44 -20.09
C GLU H 18 32.65 14.96 -19.00
N PHE H 19 31.76 14.04 -19.35
CA PHE H 19 30.79 13.51 -18.38
C PHE H 19 30.86 11.98 -18.29
N PRO H 20 30.45 11.43 -17.13
CA PRO H 20 30.43 9.97 -16.92
C PRO H 20 29.64 9.23 -17.99
N SER H 21 28.41 9.65 -18.24
CA SER H 21 27.59 9.01 -19.27
C SER H 21 27.13 10.04 -20.30
N GLU H 22 26.77 9.56 -21.49
CA GLU H 22 26.30 10.44 -22.57
C GLU H 22 24.90 11.00 -22.29
N ASP H 23 24.09 10.24 -21.56
CA ASP H 23 22.73 10.68 -21.23
C ASP H 23 22.77 11.88 -20.29
N VAL H 24 23.72 11.86 -19.35
CA VAL H 24 23.90 12.98 -18.44
C VAL H 24 24.28 14.24 -19.21
N ALA H 25 25.11 14.05 -20.23
CA ALA H 25 25.54 15.16 -21.08
C ALA H 25 24.36 15.80 -21.81
N LYS H 26 23.46 14.98 -22.33
CA LYS H 26 22.30 15.47 -23.05
C LYS H 26 21.36 16.27 -22.17
N VAL H 27 21.13 15.78 -20.95
CA VAL H 27 20.24 16.44 -20.01
C VAL H 27 20.80 17.81 -19.60
N VAL H 28 22.07 17.83 -19.22
CA VAL H 28 22.74 19.06 -18.83
C VAL H 28 22.79 20.07 -19.97
N TYR H 29 23.18 19.59 -21.15
CA TYR H 29 23.29 20.46 -22.33
C TYR H 29 21.99 21.18 -22.64
N GLU H 30 20.88 20.45 -22.69
CA GLU H 30 19.59 21.02 -23.03
C GLU H 30 19.10 22.03 -21.99
N ALA H 31 19.37 21.78 -20.72
CA ALA H 31 18.96 22.68 -19.65
C ALA H 31 19.68 24.01 -19.75
N VAL H 32 20.98 23.96 -20.02
CA VAL H 32 21.81 25.14 -20.17
C VAL H 32 21.56 25.83 -21.51
N LEU H 33 21.25 25.01 -22.52
CA LEU H 33 21.12 25.46 -23.91
C LEU H 33 20.19 26.66 -24.11
N TYR H 34 19.10 26.72 -23.35
CA TYR H 34 18.10 27.75 -23.57
C TYR H 34 18.54 29.12 -23.05
N GLU H 35 19.54 29.14 -22.16
CA GLU H 35 20.06 30.39 -21.62
C GLU H 35 21.18 30.97 -22.49
N HIS H 36 20.89 32.09 -23.16
CA HIS H 36 21.89 32.77 -24.01
C HIS H 36 21.71 34.28 -24.13
N LEU H 37 21.16 34.92 -23.10
CA LEU H 37 20.96 36.37 -23.16
C LEU H 37 22.02 37.10 -22.34
N GLU H 45 30.61 36.86 -28.32
CA GLU H 45 30.04 35.70 -29.00
C GLU H 45 30.52 34.40 -28.37
N ILE H 46 29.58 33.50 -28.11
CA ILE H 46 29.85 32.25 -27.41
C ILE H 46 29.29 31.08 -28.20
N ASP H 47 30.04 29.97 -28.24
CA ASP H 47 29.54 28.75 -28.87
C ASP H 47 29.41 27.61 -27.87
N PHE H 48 28.17 27.24 -27.60
CA PHE H 48 27.84 26.23 -26.60
C PHE H 48 27.22 25.03 -27.29
N LYS H 49 28.04 24.02 -27.57
CA LYS H 49 27.59 22.87 -28.33
C LYS H 49 27.81 21.57 -27.58
N ILE H 55 30.93 18.58 -23.83
CA ILE H 55 30.37 19.90 -24.10
C ILE H 55 31.47 20.93 -24.36
N ILE H 56 31.44 21.53 -25.55
CA ILE H 56 32.46 22.51 -25.93
C ILE H 56 31.98 23.95 -25.68
N LEU H 57 32.89 24.79 -25.23
CA LEU H 57 32.58 26.20 -24.99
C LEU H 57 33.64 27.10 -25.61
N ASP H 58 33.31 27.68 -26.76
CA ASP H 58 34.23 28.55 -27.49
C ASP H 58 33.88 30.00 -27.23
N ILE H 59 34.70 30.68 -26.42
CA ILE H 59 34.43 32.05 -26.02
C ILE H 59 35.46 33.03 -26.58
N LYS H 60 34.97 34.15 -27.11
CA LYS H 60 35.84 35.23 -27.57
C LYS H 60 35.34 36.54 -26.97
N ALA H 61 36.18 37.17 -26.16
CA ALA H 61 35.77 38.38 -25.43
C ALA H 61 36.70 39.56 -25.71
N THR H 62 36.32 40.71 -25.17
CA THR H 62 37.13 41.91 -25.29
C THR H 62 38.24 41.95 -24.24
N ASP H 63 37.86 41.77 -22.97
CA ASP H 63 38.81 41.81 -21.86
C ASP H 63 38.70 40.56 -20.99
N SER H 64 39.61 40.43 -20.04
CA SER H 64 39.65 39.28 -19.14
C SER H 64 38.43 39.27 -18.24
N SER H 65 38.00 40.47 -17.84
CA SER H 65 36.83 40.62 -16.98
C SER H 65 35.58 40.15 -17.72
N ALA H 66 35.56 40.37 -19.03
CA ALA H 66 34.45 39.92 -19.86
C ALA H 66 34.48 38.40 -19.98
N LEU H 67 35.68 37.84 -20.07
CA LEU H 67 35.83 36.39 -20.13
C LEU H 67 35.47 35.72 -18.81
N ARG H 68 35.87 36.34 -17.70
CA ARG H 68 35.60 35.77 -16.39
C ARG H 68 34.10 35.76 -16.09
N GLY H 69 33.42 36.81 -16.51
CA GLY H 69 31.99 36.94 -16.29
C GLY H 69 31.18 35.88 -17.01
N THR H 70 31.52 35.61 -18.26
CA THR H 70 30.77 34.63 -19.05
C THR H 70 31.13 33.20 -18.64
N VAL H 71 32.37 32.99 -18.24
CA VAL H 71 32.80 31.66 -17.76
C VAL H 71 32.12 31.34 -16.43
N ASN H 72 32.11 32.32 -15.53
CA ASN H 72 31.43 32.18 -14.25
C ASN H 72 29.94 31.86 -14.42
N SER H 73 29.32 32.52 -15.39
CA SER H 73 27.89 32.36 -15.65
C SER H 73 27.56 30.96 -16.17
N TYR H 74 28.29 30.52 -17.20
CA TYR H 74 28.03 29.22 -17.81
C TYR H 74 28.34 28.07 -16.86
N LEU H 75 29.47 28.17 -16.17
CA LEU H 75 29.88 27.14 -15.21
C LEU H 75 28.91 27.06 -14.03
N ARG H 76 28.22 28.16 -13.76
CA ARG H 76 27.20 28.19 -12.73
C ARG H 76 26.00 27.34 -13.16
N TRP H 77 25.60 27.53 -14.42
CA TRP H 77 24.47 26.81 -14.99
C TRP H 77 24.76 25.32 -15.13
N ILE H 78 25.96 25.01 -15.62
CA ILE H 78 26.37 23.62 -15.82
C ILE H 78 26.49 22.87 -14.49
N LYS H 79 27.07 23.51 -13.49
CA LYS H 79 27.18 22.92 -12.16
C LYS H 79 25.80 22.68 -11.56
N ALA H 80 24.92 23.65 -11.73
CA ALA H 80 23.56 23.56 -11.20
C ALA H 80 22.82 22.37 -11.82
N ALA H 81 23.09 22.12 -13.09
CA ALA H 81 22.46 20.99 -13.78
C ALA H 81 22.95 19.68 -13.18
N ILE H 82 24.26 19.58 -12.97
CA ILE H 82 24.87 18.38 -12.42
C ILE H 82 24.45 18.14 -10.96
N ASP H 83 24.44 19.20 -10.17
CA ASP H 83 24.13 19.12 -8.75
C ASP H 83 22.72 18.58 -8.49
N VAL H 84 21.82 18.76 -9.46
CA VAL H 84 20.46 18.26 -9.34
C VAL H 84 20.43 16.76 -9.64
N ILE H 85 21.15 16.38 -10.69
CA ILE H 85 21.25 14.98 -11.09
C ILE H 85 21.85 14.13 -9.99
N GLU H 86 22.88 14.64 -9.32
CA GLU H 86 23.53 13.91 -8.25
C GLU H 86 22.72 13.96 -6.97
P AMP I . -13.47 -36.52 -17.19
O1P AMP I . -14.07 -37.36 -16.09
O2P AMP I . -12.03 -36.13 -16.94
O3P AMP I . -14.35 -35.41 -17.69
O5' AMP I . -13.37 -37.53 -18.43
C5' AMP I . -14.55 -38.02 -19.07
C4' AMP I . -14.27 -38.46 -20.48
O4' AMP I . -13.67 -39.79 -20.47
C3' AMP I . -15.49 -38.54 -21.40
O3' AMP I . -15.16 -37.99 -22.68
C2' AMP I . -15.74 -40.04 -21.53
O2' AMP I . -16.35 -40.43 -22.74
C1' AMP I . -14.32 -40.61 -21.42
N9 AMP I . -14.27 -41.99 -20.95
C8 AMP I . -14.71 -42.45 -19.77
N7 AMP I . -14.53 -43.79 -19.66
C5 AMP I . -13.96 -44.22 -20.79
C6 AMP I . -13.51 -45.52 -21.34
N6 AMP I . -13.62 -46.66 -20.61
N1 AMP I . -12.97 -45.54 -22.59
C2 AMP I . -12.86 -44.41 -23.31
N3 AMP I . -13.25 -43.20 -22.89
C4 AMP I . -13.80 -43.04 -21.65
MG MG J . -10.49 -33.49 -15.62
P AMP K . 4.28 5.32 24.91
O1P AMP K . 5.02 4.03 25.17
O2P AMP K . 2.82 5.17 24.59
O3P AMP K . 5.03 6.28 24.00
O5' AMP K . 4.28 6.06 26.32
C5' AMP K . 5.49 6.23 27.07
C4' AMP K . 6.01 7.64 26.97
O4' AMP K . 4.97 8.57 27.37
C3' AMP K . 7.23 7.95 27.85
O3' AMP K . 8.11 8.82 27.15
C2' AMP K . 6.62 8.68 29.04
O2' AMP K . 7.50 9.54 29.72
C1' AMP K . 5.47 9.43 28.38
N9 AMP K . 4.37 9.76 29.28
C8 AMP K . 3.51 8.89 29.84
N7 AMP K . 2.60 9.52 30.62
C5 AMP K . 2.89 10.84 30.59
C6 AMP K . 2.33 12.07 31.20
N6 AMP K . 1.25 12.01 32.03
N1 AMP K . 2.92 13.25 30.89
C2 AMP K . 3.98 13.32 30.07
N3 AMP K . 4.54 12.24 29.49
C4 AMP K . 4.04 10.99 29.70
MG MG L . 3.19 4.58 21.02
P AMP M . 9.37 39.00 -0.26
O1P AMP M . 8.17 39.89 -0.16
O2P AMP M . 10.05 39.03 -1.61
O3P AMP M . 9.17 37.61 0.30
O5' AMP M . 10.44 39.65 0.73
C5' AMP M . 10.11 39.88 2.10
C4' AMP M . 10.08 41.35 2.42
O4' AMP M . 9.11 41.58 3.48
C3' AMP M . 11.40 41.95 2.90
O3' AMP M . 11.55 43.26 2.37
C2' AMP M . 11.21 42.03 4.41
O2' AMP M . 11.98 43.03 5.04
C1' AMP M . 9.72 42.32 4.53
N9 AMP M . 9.13 41.89 5.79
C8 AMP M . 9.12 40.63 6.28
N7 AMP M . 8.49 40.57 7.48
C5 AMP M . 8.08 41.80 7.78
C6 AMP M . 7.36 42.45 8.91
N6 AMP M . 6.93 41.71 9.97
N1 AMP M . 7.13 43.78 8.84
C2 AMP M . 7.54 44.51 7.78
N3 AMP M . 8.21 44.00 6.73
C4 AMP M . 8.50 42.68 6.67
MG MG N . 7.49 38.05 -4.03
#